data_3RNM
#
_entry.id   3RNM
#
_cell.length_a   84.136
_cell.length_b   112.308
_cell.length_c   122.545
_cell.angle_alpha   90.00
_cell.angle_beta   91.40
_cell.angle_gamma   90.00
#
_symmetry.space_group_name_H-M   'P 1 21 1'
#
loop_
_entity.id
_entity.type
_entity.pdbx_description
1 polymer 'Dihydrolipoyl dehydrogenase, mitochondrial'
2 polymer 'Lipoamide acyltransferase component of branched-chain alpha-keto acid dehydrogenase complex, mitochondrial'
3 non-polymer BETA-MERCAPTOETHANOL
4 non-polymer 'FLAVIN-ADENINE DINUCLEOTIDE'
5 non-polymer '2-[N-CYCLOHEXYLAMINO]ETHANE SULFONIC ACID'
6 water water
#
loop_
_entity_poly.entity_id
_entity_poly.type
_entity_poly.pdbx_seq_one_letter_code
_entity_poly.pdbx_strand_id
1 'polypeptide(L)'
;MGGSHHHHHHGMASLENLYFQADQPIDADVTVIGSGPGGYVAAIKAAQLGFKTVCIEKNETLGGTCLNVGCIPSKALLNN
SHYYHMAHGKDFASRGIEMSEVRLNLDKMMEQKSTAVKALTGGIAHLFKQNKVVHVNGYGKITGKNQVTATKADGGTQVI
DTKNILIATGSEVTPFPGITIDEDTIVSSTGALSLKKVPEKMVVIGAGVIGVELGSVWQRLGADVTAVEFLGHVGGVGID
MEISKNFQRILQKQGFKFKLNTKVTGATKKSDGKIDVSIEAASGGKAEVITCDVLLVCIGRRPFTKNLGLEELGIELDPR
GRIPVNTRFQTKIPNIYAIGDVVAGPMLAHKAEDEGIICVEGMAGGAVHIDYNCVPSVIYTHPEVAWVGKSEEQLKEEGI
EYKVGKFPFAANSRAKTNADTDGMVKILGQKSTDRVLGAHILGPGAGEMVNEAALALEYGASCEDIARVCHAHPTLSEAF
REANLAASFGKSINF
;
A,B,C,D
2 'polypeptide(L)' GEIKGRKTLATPAVRNLAMENNIKLSEVVGSGKDGRILKEDILNYLEKQTLEHHHHHH E,F
#
loop_
_chem_comp.id
_chem_comp.type
_chem_comp.name
_chem_comp.formula
BME non-polymer BETA-MERCAPTOETHANOL 'C2 H6 O S'
FAD non-polymer 'FLAVIN-ADENINE DINUCLEOTIDE' 'C27 H33 N9 O15 P2'
NHE non-polymer '2-[N-CYCLOHEXYLAMINO]ETHANE SULFONIC ACID' 'C8 H17 N O3 S'
#
# COMPACT_ATOMS: atom_id res chain seq x y z
N GLN A 24 8.63 40.23 -3.85
CA GLN A 24 9.71 39.41 -4.39
C GLN A 24 9.57 39.09 -5.89
N PRO A 25 8.92 39.98 -6.67
CA PRO A 25 8.62 39.66 -8.07
C PRO A 25 9.85 39.26 -8.86
N ILE A 26 9.65 38.57 -9.97
CA ILE A 26 10.74 38.07 -10.79
C ILE A 26 10.54 38.45 -12.25
N ASP A 27 11.61 38.88 -12.90
CA ASP A 27 11.60 39.13 -14.34
C ASP A 27 12.13 37.89 -15.05
N ALA A 28 11.68 37.66 -16.28
CA ALA A 28 12.08 36.47 -17.01
C ALA A 28 11.79 36.61 -18.50
N ASP A 29 12.56 35.88 -19.30
CA ASP A 29 12.37 35.87 -20.75
C ASP A 29 11.35 34.81 -21.16
N VAL A 30 11.38 33.67 -20.48
CA VAL A 30 10.47 32.56 -20.75
C VAL A 30 9.98 31.93 -19.45
N THR A 31 8.66 31.95 -19.27
CA THR A 31 8.03 31.30 -18.14
C THR A 31 7.24 30.05 -18.58
N VAL A 32 7.67 28.90 -18.09
CA VAL A 32 7.05 27.62 -18.46
C VAL A 32 6.09 27.14 -17.38
N ILE A 33 4.80 27.00 -17.71
CA ILE A 33 3.81 26.50 -16.75
C ILE A 33 3.62 25.01 -16.90
N GLY A 34 4.10 24.25 -15.91
CA GLY A 34 4.05 22.79 -15.94
C GLY A 34 5.43 22.17 -16.08
N SER A 35 5.70 21.11 -15.33
CA SER A 35 7.00 20.44 -15.42
C SER A 35 6.92 18.99 -15.91
N GLY A 36 5.90 18.69 -16.72
CA GLY A 36 5.80 17.38 -17.35
C GLY A 36 6.86 17.26 -18.44
N PRO A 37 6.85 16.14 -19.18
CA PRO A 37 7.84 15.98 -20.24
C PRO A 37 7.97 17.21 -21.15
N GLY A 38 6.86 17.89 -21.42
CA GLY A 38 6.91 19.04 -22.31
C GLY A 38 7.52 20.26 -21.62
N GLY A 39 7.00 20.59 -20.44
CA GLY A 39 7.50 21.72 -19.69
C GLY A 39 8.96 21.65 -19.26
N TYR A 40 9.37 20.53 -18.69
CA TYR A 40 10.69 20.48 -18.10
C TYR A 40 11.77 20.42 -19.17
N VAL A 41 11.45 19.86 -20.32
CA VAL A 41 12.42 19.81 -21.40
C VAL A 41 12.53 21.17 -22.06
N ALA A 42 11.39 21.82 -22.24
CA ALA A 42 11.38 23.16 -22.82
C ALA A 42 12.10 24.14 -21.89
N ALA A 43 11.93 23.93 -20.59
CA ALA A 43 12.57 24.80 -19.61
C ALA A 43 14.07 24.63 -19.67
N ILE A 44 14.54 23.40 -19.46
CA ILE A 44 15.96 23.12 -19.59
C ILE A 44 16.55 23.72 -20.88
N LYS A 45 15.90 23.47 -22.00
CA LYS A 45 16.38 23.97 -23.30
C LYS A 45 16.41 25.49 -23.40
N ALA A 46 15.38 26.14 -22.86
CA ALA A 46 15.30 27.60 -22.92
C ALA A 46 16.48 28.21 -22.18
N ALA A 47 16.86 27.58 -21.08
CA ALA A 47 17.97 28.04 -20.27
C ALA A 47 19.27 27.84 -21.04
N GLN A 48 19.39 26.72 -21.73
CA GLN A 48 20.61 26.37 -22.42
C GLN A 48 20.86 27.32 -23.58
N LEU A 49 19.80 27.98 -24.03
CA LEU A 49 19.91 28.89 -25.16
C LEU A 49 20.14 30.32 -24.68
N GLY A 50 20.21 30.50 -23.37
CA GLY A 50 20.45 31.81 -22.81
C GLY A 50 19.25 32.55 -22.24
N PHE A 51 18.05 32.03 -22.46
CA PHE A 51 16.85 32.64 -21.88
C PHE A 51 16.86 32.57 -20.34
N LYS A 52 16.42 33.64 -19.71
CA LYS A 52 16.19 33.64 -18.28
C LYS A 52 14.91 32.85 -18.09
N THR A 53 14.98 31.72 -17.39
CA THR A 53 13.87 30.77 -17.44
C THR A 53 13.29 30.36 -16.09
N VAL A 54 11.97 30.52 -15.97
CA VAL A 54 11.22 30.09 -14.79
C VAL A 54 10.30 28.96 -15.18
N CYS A 55 10.23 27.93 -14.34
CA CYS A 55 9.29 26.83 -14.51
C CYS A 55 8.35 26.71 -13.31
N ILE A 56 7.05 26.70 -13.56
CA ILE A 56 6.07 26.70 -12.48
C ILE A 56 5.34 25.38 -12.45
N GLU A 57 5.29 24.76 -11.27
CA GLU A 57 4.67 23.45 -11.12
C GLU A 57 3.85 23.39 -9.83
N LYS A 58 2.62 22.95 -9.95
CA LYS A 58 1.70 22.92 -8.80
C LYS A 58 1.89 21.73 -7.89
N ASN A 59 2.36 20.61 -8.44
CA ASN A 59 2.46 19.41 -7.63
C ASN A 59 3.72 19.36 -6.78
N GLU A 60 3.75 18.43 -5.82
CA GLU A 60 4.88 18.27 -4.91
C GLU A 60 6.18 17.96 -5.61
N THR A 61 6.12 17.30 -6.76
CA THR A 61 7.34 16.96 -7.49
C THR A 61 7.22 17.42 -8.92
N LEU A 62 8.36 17.56 -9.59
CA LEU A 62 8.40 17.88 -11.02
C LEU A 62 8.21 16.59 -11.83
N GLY A 63 8.03 16.74 -13.14
CA GLY A 63 8.04 15.59 -14.03
C GLY A 63 6.69 15.24 -14.59
N GLY A 64 5.63 15.79 -14.00
CA GLY A 64 4.31 15.70 -14.58
C GLY A 64 3.69 14.34 -14.53
N THR A 65 2.84 14.07 -15.53
CA THR A 65 2.11 12.81 -15.62
C THR A 65 3.02 11.60 -15.95
N CYS A 66 3.89 11.77 -16.93
CA CYS A 66 4.79 10.70 -17.34
C CYS A 66 5.55 10.09 -16.17
N LEU A 67 6.31 10.94 -15.47
CA LEU A 67 7.21 10.45 -14.41
C LEU A 67 6.50 10.02 -13.14
N ASN A 68 5.46 10.74 -12.75
CA ASN A 68 4.81 10.45 -11.48
C ASN A 68 3.72 9.36 -11.50
N VAL A 69 2.87 9.37 -12.53
CA VAL A 69 1.72 8.47 -12.55
C VAL A 69 1.47 7.91 -13.95
N GLY A 70 2.50 7.91 -14.80
CA GLY A 70 2.32 7.51 -16.19
C GLY A 70 3.35 6.50 -16.70
N CYS A 71 4.08 6.88 -17.75
CA CYS A 71 5.19 6.07 -18.32
C CYS A 71 6.02 5.31 -17.30
N ILE A 72 6.57 6.02 -16.32
CA ILE A 72 7.59 5.40 -15.48
C ILE A 72 7.04 4.30 -14.59
N PRO A 73 6.02 4.60 -13.80
CA PRO A 73 5.56 3.52 -12.90
C PRO A 73 4.95 2.34 -13.66
N SER A 74 4.29 2.60 -14.80
CA SER A 74 3.70 1.48 -15.54
C SER A 74 4.77 0.60 -16.19
N LYS A 75 5.76 1.22 -16.81
CA LYS A 75 6.87 0.48 -17.36
C LYS A 75 7.57 -0.33 -16.25
N ALA A 76 7.78 0.26 -15.07
CA ALA A 76 8.39 -0.53 -13.99
C ALA A 76 7.57 -1.76 -13.64
N LEU A 77 6.25 -1.60 -13.47
CA LEU A 77 5.41 -2.73 -13.12
C LEU A 77 5.33 -3.74 -14.27
N LEU A 78 5.43 -3.25 -15.49
CA LEU A 78 5.40 -4.12 -16.65
C LEU A 78 6.65 -5.02 -16.64
N ASN A 79 7.80 -4.44 -16.30
CA ASN A 79 9.06 -5.17 -16.19
C ASN A 79 8.98 -6.21 -15.09
N ASN A 80 8.67 -5.75 -13.88
CA ASN A 80 8.65 -6.63 -12.72
C ASN A 80 7.65 -7.78 -12.86
N SER A 81 6.48 -7.48 -13.40
CA SER A 81 5.44 -8.48 -13.48
C SER A 81 5.80 -9.49 -14.58
N HIS A 82 6.50 -9.03 -15.60
CA HIS A 82 6.99 -9.92 -16.63
C HIS A 82 7.98 -10.94 -16.06
N TYR A 83 8.90 -10.47 -15.22
CA TYR A 83 9.86 -11.38 -14.62
C TYR A 83 9.15 -12.34 -13.68
N TYR A 84 8.16 -11.83 -12.96
CA TYR A 84 7.38 -12.71 -12.11
C TYR A 84 6.70 -13.82 -12.93
N HIS A 85 6.18 -13.47 -14.09
CA HIS A 85 5.57 -14.46 -14.95
C HIS A 85 6.58 -15.51 -15.44
N MET A 86 7.76 -15.07 -15.83
CA MET A 86 8.79 -16.00 -16.29
C MET A 86 9.18 -16.98 -15.17
N ALA A 87 9.35 -16.46 -13.96
CA ALA A 87 9.72 -17.26 -12.81
C ALA A 87 8.63 -18.24 -12.41
N HIS A 88 7.42 -17.72 -12.32
CA HIS A 88 6.30 -18.47 -11.80
C HIS A 88 5.88 -19.56 -12.78
N GLY A 89 6.35 -19.44 -14.01
CA GLY A 89 5.81 -20.24 -15.10
C GLY A 89 6.73 -21.34 -15.57
N LYS A 90 6.69 -21.61 -16.87
CA LYS A 90 7.45 -22.71 -17.45
C LYS A 90 8.73 -22.21 -18.08
N ASP A 91 8.75 -20.92 -18.39
CA ASP A 91 9.86 -20.31 -19.11
C ASP A 91 11.20 -20.68 -18.50
N PHE A 92 11.40 -20.27 -17.27
CA PHE A 92 12.65 -20.50 -16.57
C PHE A 92 12.98 -21.99 -16.41
N ALA A 93 11.95 -22.80 -16.17
CA ALA A 93 12.13 -24.24 -15.98
C ALA A 93 12.60 -24.97 -17.25
N SER A 94 12.17 -24.48 -18.40
CA SER A 94 12.61 -25.04 -19.67
C SER A 94 14.07 -24.69 -19.87
N ARG A 95 14.54 -23.72 -19.10
CA ARG A 95 15.90 -23.23 -19.22
C ARG A 95 16.79 -23.88 -18.17
N GLY A 96 16.18 -24.67 -17.31
CA GLY A 96 16.91 -25.34 -16.26
C GLY A 96 17.20 -24.39 -15.12
N ILE A 97 16.27 -23.48 -14.86
CA ILE A 97 16.35 -22.68 -13.65
C ILE A 97 15.21 -23.14 -12.76
N GLU A 98 15.49 -24.13 -11.92
CA GLU A 98 14.45 -24.71 -11.08
C GLU A 98 14.36 -24.01 -9.73
N MET A 99 13.22 -23.35 -9.51
CA MET A 99 13.01 -22.64 -8.25
C MET A 99 11.94 -23.33 -7.43
N SER A 100 12.21 -23.51 -6.15
CA SER A 100 11.33 -24.24 -5.27
C SER A 100 9.91 -23.68 -5.30
N GLU A 101 9.67 -22.57 -4.58
CA GLU A 101 8.33 -22.01 -4.50
C GLU A 101 8.32 -20.51 -4.72
N VAL A 102 7.83 -20.11 -5.89
CA VAL A 102 7.82 -18.70 -6.27
C VAL A 102 6.62 -17.96 -5.69
N ARG A 103 6.89 -16.92 -4.91
CA ARG A 103 5.84 -16.12 -4.29
C ARG A 103 5.96 -14.64 -4.68
N LEU A 104 4.84 -13.94 -4.70
CA LEU A 104 4.85 -12.52 -4.99
C LEU A 104 4.90 -11.67 -3.72
N ASN A 105 5.74 -10.65 -3.70
CA ASN A 105 5.74 -9.70 -2.60
C ASN A 105 5.34 -8.36 -3.19
N LEU A 106 4.04 -8.11 -3.29
CA LEU A 106 3.54 -6.92 -3.99
C LEU A 106 4.11 -5.62 -3.44
N ASP A 107 4.21 -5.51 -2.13
CA ASP A 107 4.75 -4.28 -1.55
C ASP A 107 6.15 -4.04 -2.09
N LYS A 108 6.95 -5.08 -2.09
CA LYS A 108 8.33 -4.93 -2.48
C LYS A 108 8.36 -4.51 -3.95
N MET A 109 7.49 -5.14 -4.73
CA MET A 109 7.41 -4.85 -6.16
C MET A 109 7.06 -3.38 -6.37
N MET A 110 6.13 -2.87 -5.54
CA MET A 110 5.73 -1.46 -5.62
C MET A 110 6.88 -0.55 -5.16
N GLU A 111 7.69 -1.05 -4.24
CA GLU A 111 8.83 -0.29 -3.78
C GLU A 111 9.82 -0.05 -4.90
N GLN A 112 10.15 -1.11 -5.64
CA GLN A 112 11.02 -0.96 -6.80
C GLN A 112 10.47 0.08 -7.80
N LYS A 113 9.16 0.10 -7.99
CA LYS A 113 8.54 1.11 -8.84
C LYS A 113 8.70 2.53 -8.31
N SER A 114 8.45 2.72 -7.01
CA SER A 114 8.57 4.07 -6.41
C SER A 114 9.99 4.63 -6.45
N THR A 115 10.96 3.77 -6.15
CA THR A 115 12.38 4.08 -6.25
C THR A 115 12.76 4.70 -7.59
N ALA A 116 12.31 4.09 -8.68
CA ALA A 116 12.54 4.62 -10.02
C ALA A 116 11.90 6.01 -10.19
N VAL A 117 10.67 6.16 -9.69
CA VAL A 117 9.99 7.46 -9.78
C VAL A 117 10.73 8.55 -8.99
N LYS A 118 11.11 8.22 -7.76
CA LYS A 118 11.83 9.14 -6.88
C LYS A 118 13.11 9.65 -7.55
N ALA A 119 13.89 8.72 -8.08
CA ALA A 119 15.19 9.01 -8.64
C ALA A 119 15.07 9.90 -9.87
N LEU A 120 14.05 9.65 -10.67
CA LEU A 120 13.89 10.40 -11.91
C LEU A 120 13.27 11.78 -11.65
N THR A 121 12.32 11.85 -10.70
CA THR A 121 11.72 13.14 -10.38
C THR A 121 12.75 14.04 -9.71
N GLY A 122 13.47 13.48 -8.75
CA GLY A 122 14.57 14.19 -8.12
C GLY A 122 15.64 14.65 -9.11
N GLY A 123 15.86 13.83 -10.13
CA GLY A 123 16.86 14.12 -11.14
C GLY A 123 16.51 15.37 -11.92
N ILE A 124 15.21 15.64 -12.06
CA ILE A 124 14.77 16.82 -12.77
C ILE A 124 15.08 18.09 -11.98
N ALA A 125 14.96 18.01 -10.67
CA ALA A 125 15.25 19.17 -9.84
C ALA A 125 16.72 19.48 -10.05
N HIS A 126 17.51 18.41 -10.08
CA HIS A 126 18.94 18.55 -10.26
C HIS A 126 19.31 19.23 -11.58
N LEU A 127 18.63 18.83 -12.66
CA LEU A 127 18.91 19.38 -13.98
C LEU A 127 18.48 20.84 -14.03
N PHE A 128 17.34 21.15 -13.41
CA PHE A 128 16.88 22.53 -13.28
C PHE A 128 17.97 23.37 -12.61
N LYS A 129 18.44 22.92 -11.45
CA LYS A 129 19.51 23.61 -10.75
C LYS A 129 20.78 23.76 -11.60
N GLN A 130 21.16 22.69 -12.30
CA GLN A 130 22.35 22.73 -13.13
C GLN A 130 22.22 23.73 -14.28
N ASN A 131 21.02 23.88 -14.83
CA ASN A 131 20.81 24.79 -15.96
C ASN A 131 20.31 26.17 -15.54
N LYS A 132 20.21 26.37 -14.23
CA LYS A 132 19.78 27.64 -13.66
C LYS A 132 18.35 27.97 -14.07
N VAL A 133 17.51 26.93 -14.13
CA VAL A 133 16.08 27.10 -14.32
C VAL A 133 15.49 27.44 -12.98
N VAL A 134 14.74 28.54 -12.91
CA VAL A 134 14.10 28.95 -11.67
C VAL A 134 12.78 28.22 -11.44
N HIS A 135 12.74 27.46 -10.37
CA HIS A 135 11.61 26.59 -10.07
C HIS A 135 10.67 27.21 -9.04
N VAL A 136 9.44 27.51 -9.48
CA VAL A 136 8.44 28.09 -8.62
C VAL A 136 7.40 27.05 -8.31
N ASN A 137 7.22 26.75 -7.03
CA ASN A 137 6.22 25.79 -6.61
C ASN A 137 4.90 26.45 -6.24
N GLY A 138 3.92 26.37 -7.14
CA GLY A 138 2.55 26.73 -6.85
C GLY A 138 1.67 26.68 -8.08
N TYR A 139 0.38 26.97 -7.91
CA TYR A 139 -0.56 26.90 -9.01
C TYR A 139 -0.42 28.16 -9.85
N GLY A 140 -0.05 27.98 -11.11
CA GLY A 140 0.18 29.10 -12.00
C GLY A 140 -1.10 29.57 -12.68
N LYS A 141 -1.30 30.90 -12.68
CA LYS A 141 -2.38 31.49 -13.43
C LYS A 141 -1.83 32.68 -14.22
N ILE A 142 -2.14 32.73 -15.50
CA ILE A 142 -1.68 33.84 -16.33
C ILE A 142 -2.51 35.08 -16.03
N THR A 143 -1.90 36.02 -15.31
CA THR A 143 -2.59 37.19 -14.81
C THR A 143 -2.37 38.40 -15.71
N GLY A 144 -1.78 38.16 -16.86
CA GLY A 144 -1.53 39.22 -17.83
C GLY A 144 -0.68 38.81 -19.01
N LYS A 145 -0.95 39.43 -20.16
CA LYS A 145 -0.26 39.15 -21.41
C LYS A 145 1.26 38.93 -21.26
N ASN A 146 1.85 39.56 -20.25
CA ASN A 146 3.27 39.37 -19.96
C ASN A 146 3.53 39.08 -18.48
N GLN A 147 2.58 38.40 -17.82
CA GLN A 147 2.72 38.10 -16.40
C GLN A 147 2.04 36.79 -16.00
N VAL A 148 2.73 36.02 -15.16
CA VAL A 148 2.17 34.82 -14.55
C VAL A 148 2.24 34.94 -13.04
N THR A 149 1.22 34.46 -12.35
CA THR A 149 1.19 34.50 -10.90
C THR A 149 1.06 33.08 -10.35
N ALA A 150 1.95 32.71 -9.46
CA ALA A 150 1.85 31.41 -8.83
C ALA A 150 1.32 31.55 -7.41
N THR A 151 0.28 30.79 -7.10
CA THR A 151 -0.28 30.80 -5.77
C THR A 151 -0.01 29.49 -5.07
N LYS A 152 0.83 29.52 -4.03
CA LYS A 152 1.10 28.33 -3.24
C LYS A 152 -0.13 27.92 -2.43
N ALA A 153 -0.02 26.78 -1.74
CA ALA A 153 -1.13 26.25 -0.95
C ALA A 153 -1.56 27.26 0.13
N ASP A 154 -0.60 27.68 0.94
CA ASP A 154 -0.84 28.59 2.05
C ASP A 154 -1.28 29.98 1.60
N GLY A 155 -1.59 30.13 0.32
CA GLY A 155 -2.03 31.41 -0.21
C GLY A 155 -0.85 32.31 -0.56
N GLY A 156 0.35 31.88 -0.19
CA GLY A 156 1.56 32.58 -0.54
C GLY A 156 1.65 32.80 -2.04
N THR A 157 1.70 34.06 -2.44
CA THR A 157 1.71 34.42 -3.86
C THR A 157 3.13 34.68 -4.38
N GLN A 158 3.27 34.70 -5.71
CA GLN A 158 4.57 34.96 -6.36
C GLN A 158 4.33 35.41 -7.78
N VAL A 159 4.78 36.62 -8.11
CA VAL A 159 4.52 37.17 -9.43
C VAL A 159 5.71 37.04 -10.38
N ILE A 160 5.42 36.78 -11.64
CA ILE A 160 6.46 36.65 -12.63
C ILE A 160 6.10 37.43 -13.88
N ASP A 161 6.90 38.45 -14.15
CA ASP A 161 6.78 39.24 -15.36
C ASP A 161 7.73 38.63 -16.39
N THR A 162 7.19 38.39 -17.58
CA THR A 162 7.89 37.61 -18.58
C THR A 162 7.56 38.04 -20.01
N LYS A 163 8.50 37.85 -20.92
CA LYS A 163 8.28 38.14 -22.33
C LYS A 163 7.41 37.07 -22.96
N ASN A 164 7.83 35.83 -22.77
CA ASN A 164 7.12 34.69 -23.33
C ASN A 164 6.51 33.81 -22.24
N ILE A 165 5.32 33.29 -22.53
CA ILE A 165 4.74 32.29 -21.66
C ILE A 165 4.59 30.98 -22.45
N LEU A 166 5.07 29.89 -21.87
CA LEU A 166 4.90 28.57 -22.48
C LEU A 166 3.96 27.75 -21.60
N ILE A 167 2.80 27.43 -22.17
CA ILE A 167 1.79 26.61 -21.50
C ILE A 167 2.01 25.13 -21.78
N ALA A 168 2.28 24.37 -20.73
CA ALA A 168 2.51 22.92 -20.82
C ALA A 168 1.78 22.24 -19.66
N THR A 169 0.51 22.56 -19.51
CA THR A 169 -0.22 22.17 -18.32
C THR A 169 -0.79 20.75 -18.42
N GLY A 170 -0.58 20.11 -19.57
CA GLY A 170 -0.77 18.68 -19.68
C GLY A 170 -2.18 18.20 -19.83
N SER A 171 -2.48 17.10 -19.14
CA SER A 171 -3.73 16.41 -19.33
C SER A 171 -4.19 15.82 -18.01
N GLU A 172 -5.41 15.29 -17.97
CA GLU A 172 -5.95 14.63 -16.79
C GLU A 172 -6.82 13.45 -17.18
N VAL A 173 -7.19 12.61 -16.22
CA VAL A 173 -8.05 11.49 -16.54
C VAL A 173 -9.40 11.98 -17.05
N THR A 174 -9.85 11.42 -18.17
CA THR A 174 -11.20 11.67 -18.68
C THR A 174 -12.20 10.83 -17.89
N PRO A 175 -13.13 11.50 -17.21
CA PRO A 175 -14.08 10.76 -16.35
C PRO A 175 -15.06 9.94 -17.18
N PHE A 176 -15.60 8.88 -16.58
CA PHE A 176 -16.64 8.12 -17.25
C PHE A 176 -18.01 8.44 -16.62
N PRO A 177 -18.94 8.98 -17.44
CA PRO A 177 -20.26 9.44 -16.96
C PRO A 177 -21.03 8.34 -16.21
N GLY A 178 -21.36 8.62 -14.96
CA GLY A 178 -22.10 7.65 -14.16
C GLY A 178 -21.22 7.01 -13.09
N ILE A 179 -20.06 6.54 -13.53
CA ILE A 179 -19.10 5.88 -12.65
C ILE A 179 -18.16 6.91 -12.06
N THR A 180 -18.03 6.91 -10.73
CA THR A 180 -17.17 7.88 -10.07
C THR A 180 -15.92 7.24 -9.49
N ILE A 181 -14.77 7.73 -9.93
CA ILE A 181 -13.49 7.23 -9.53
C ILE A 181 -13.20 7.61 -8.08
N ASP A 182 -12.84 6.63 -7.25
CA ASP A 182 -12.43 6.91 -5.87
C ASP A 182 -10.98 6.48 -5.54
N GLU A 183 -10.27 5.99 -6.56
CA GLU A 183 -8.93 5.45 -6.40
C GLU A 183 -8.86 4.44 -5.25
N ASP A 184 -9.96 3.72 -5.04
CA ASP A 184 -9.98 2.64 -4.07
C ASP A 184 -10.31 1.32 -4.75
N THR A 185 -11.60 1.11 -5.07
CA THR A 185 -11.98 -0.05 -5.89
C THR A 185 -12.42 0.39 -7.27
N ILE A 186 -12.75 1.67 -7.38
CA ILE A 186 -12.97 2.26 -8.71
C ILE A 186 -11.84 3.23 -9.03
N VAL A 187 -10.96 2.81 -9.93
CA VAL A 187 -9.68 3.50 -10.07
C VAL A 187 -9.45 4.04 -11.47
N SER A 188 -8.68 5.12 -11.54
CA SER A 188 -8.06 5.53 -12.80
C SER A 188 -6.69 4.84 -12.92
N SER A 189 -5.97 5.14 -14.00
CA SER A 189 -4.60 4.66 -14.14
C SER A 189 -3.79 4.93 -12.88
N THR A 190 -4.08 6.02 -12.19
CA THR A 190 -3.30 6.34 -11.00
C THR A 190 -3.49 5.33 -9.87
N GLY A 191 -4.74 4.99 -9.58
CA GLY A 191 -5.00 3.99 -8.54
C GLY A 191 -4.54 2.60 -8.97
N ALA A 192 -4.69 2.28 -10.25
CA ALA A 192 -4.32 0.97 -10.76
C ALA A 192 -2.82 0.69 -10.54
N LEU A 193 -2.02 1.74 -10.55
CA LEU A 193 -0.58 1.63 -10.39
C LEU A 193 -0.16 1.44 -8.93
N SER A 194 -1.11 1.52 -7.99
CA SER A 194 -0.77 1.40 -6.58
C SER A 194 -1.68 0.51 -5.75
N LEU A 195 -2.43 -0.37 -6.41
CA LEU A 195 -3.27 -1.33 -5.70
C LEU A 195 -2.46 -2.03 -4.60
N LYS A 196 -3.10 -2.25 -3.46
CA LYS A 196 -2.43 -2.80 -2.29
C LYS A 196 -2.41 -4.32 -2.36
N LYS A 197 -3.22 -4.90 -3.26
CA LYS A 197 -3.25 -6.35 -3.43
C LYS A 197 -3.76 -6.74 -4.83
N VAL A 198 -3.40 -7.92 -5.29
CA VAL A 198 -3.83 -8.35 -6.61
C VAL A 198 -5.32 -8.59 -6.57
N PRO A 199 -6.08 -7.90 -7.43
CA PRO A 199 -7.52 -8.11 -7.39
C PRO A 199 -7.81 -9.54 -7.83
N GLU A 200 -8.82 -10.16 -7.25
CA GLU A 200 -9.22 -11.48 -7.73
C GLU A 200 -9.68 -11.31 -9.18
N LYS A 201 -10.59 -10.37 -9.37
CA LYS A 201 -11.20 -10.12 -10.67
C LYS A 201 -11.13 -8.61 -10.96
N MET A 202 -10.78 -8.23 -12.19
CA MET A 202 -10.65 -6.82 -12.55
C MET A 202 -11.22 -6.56 -13.93
N VAL A 203 -12.04 -5.52 -14.05
CA VAL A 203 -12.52 -5.09 -15.36
C VAL A 203 -11.85 -3.78 -15.79
N VAL A 204 -11.44 -3.73 -17.05
CA VAL A 204 -10.89 -2.51 -17.59
C VAL A 204 -11.85 -1.91 -18.60
N ILE A 205 -12.20 -0.66 -18.38
CA ILE A 205 -13.02 0.06 -19.34
C ILE A 205 -12.07 0.76 -20.29
N GLY A 206 -12.01 0.24 -21.52
CA GLY A 206 -11.13 0.78 -22.55
C GLY A 206 -9.94 -0.11 -22.85
N ALA A 207 -9.79 -0.52 -24.11
CA ALA A 207 -8.67 -1.39 -24.47
C ALA A 207 -7.65 -0.67 -25.32
N GLY A 208 -7.35 0.57 -24.96
CA GLY A 208 -6.29 1.32 -25.61
C GLY A 208 -4.90 0.91 -25.10
N VAL A 209 -3.87 1.61 -25.58
CA VAL A 209 -2.49 1.36 -25.15
C VAL A 209 -2.38 1.23 -23.64
N ILE A 210 -2.85 2.26 -22.93
CA ILE A 210 -2.72 2.24 -21.47
C ILE A 210 -3.55 1.19 -20.74
N GLY A 211 -4.74 0.89 -21.24
CA GLY A 211 -5.59 -0.10 -20.60
C GLY A 211 -5.03 -1.51 -20.72
N VAL A 212 -4.62 -1.85 -21.94
CA VAL A 212 -3.89 -3.10 -22.19
C VAL A 212 -2.65 -3.32 -21.33
N GLU A 213 -1.80 -2.31 -21.20
CA GLU A 213 -0.59 -2.42 -20.38
C GLU A 213 -0.95 -2.72 -18.93
N LEU A 214 -1.84 -1.92 -18.36
CA LEU A 214 -2.16 -2.04 -16.95
C LEU A 214 -2.95 -3.32 -16.73
N GLY A 215 -3.78 -3.66 -17.70
CA GLY A 215 -4.51 -4.90 -17.65
C GLY A 215 -3.55 -6.08 -17.64
N SER A 216 -2.60 -6.06 -18.56
CA SER A 216 -1.64 -7.16 -18.64
C SER A 216 -0.81 -7.31 -17.36
N VAL A 217 -0.42 -6.19 -16.76
CA VAL A 217 0.33 -6.20 -15.49
C VAL A 217 -0.36 -7.04 -14.43
N TRP A 218 -1.63 -6.77 -14.20
CA TRP A 218 -2.36 -7.41 -13.11
C TRP A 218 -2.74 -8.85 -13.42
N GLN A 219 -3.13 -9.08 -14.67
CA GLN A 219 -3.30 -10.43 -15.20
C GLN A 219 -2.06 -11.29 -14.88
N ARG A 220 -0.87 -10.79 -15.21
CA ARG A 220 0.37 -11.49 -14.84
C ARG A 220 0.45 -11.81 -13.35
N LEU A 221 0.00 -10.87 -12.52
CA LEU A 221 0.17 -11.05 -11.09
C LEU A 221 -0.92 -11.95 -10.50
N GLY A 222 -1.87 -12.39 -11.33
CA GLY A 222 -2.86 -13.35 -10.88
C GLY A 222 -4.30 -12.87 -10.99
N ALA A 223 -4.48 -11.61 -11.36
CA ALA A 223 -5.82 -11.08 -11.58
C ALA A 223 -6.49 -11.78 -12.77
N ASP A 224 -7.79 -12.00 -12.65
CA ASP A 224 -8.64 -12.41 -13.77
C ASP A 224 -9.15 -11.11 -14.41
N VAL A 225 -8.74 -10.87 -15.65
CA VAL A 225 -8.89 -9.56 -16.25
C VAL A 225 -9.71 -9.54 -17.53
N THR A 226 -10.64 -8.59 -17.63
CA THR A 226 -11.41 -8.37 -18.84
C THR A 226 -11.39 -6.90 -19.21
N ALA A 227 -11.01 -6.60 -20.45
CA ALA A 227 -11.16 -5.23 -20.95
C ALA A 227 -12.41 -5.13 -21.81
N VAL A 228 -13.19 -4.08 -21.61
CA VAL A 228 -14.38 -3.80 -22.40
C VAL A 228 -14.14 -2.58 -23.29
N GLU A 229 -14.28 -2.73 -24.60
CA GLU A 229 -13.99 -1.64 -25.52
C GLU A 229 -15.15 -1.38 -26.49
N PHE A 230 -15.48 -0.12 -26.70
CA PHE A 230 -16.59 0.27 -27.56
C PHE A 230 -16.28 0.08 -29.05
N LEU A 231 -15.00 0.19 -29.42
CA LEU A 231 -14.61 0.01 -30.80
C LEU A 231 -14.29 -1.45 -31.05
N GLY A 232 -13.92 -1.81 -32.28
CA GLY A 232 -13.68 -3.21 -32.61
C GLY A 232 -12.28 -3.77 -32.55
N HIS A 233 -11.33 -3.02 -31.97
CA HIS A 233 -9.93 -3.47 -31.94
C HIS A 233 -9.20 -2.94 -30.71
N VAL A 234 -8.16 -3.65 -30.27
CA VAL A 234 -7.36 -3.16 -29.15
C VAL A 234 -6.19 -2.34 -29.66
N GLY A 235 -5.78 -1.35 -28.89
CA GLY A 235 -4.55 -0.61 -29.17
C GLY A 235 -4.72 0.84 -29.58
N GLY A 236 -5.95 1.34 -29.59
CA GLY A 236 -6.17 2.75 -29.86
C GLY A 236 -6.04 3.14 -31.31
N VAL A 237 -6.00 4.44 -31.57
CA VAL A 237 -6.08 4.94 -32.93
C VAL A 237 -4.77 4.82 -33.68
N GLY A 238 -4.85 4.39 -34.93
CA GLY A 238 -3.66 4.38 -35.77
C GLY A 238 -2.97 3.05 -35.81
N ILE A 239 -3.26 2.19 -34.83
CA ILE A 239 -2.64 0.86 -34.85
C ILE A 239 -3.09 0.11 -36.09
N ASP A 240 -2.22 -0.73 -36.63
CA ASP A 240 -2.50 -1.44 -37.87
C ASP A 240 -3.42 -2.63 -37.58
N MET A 241 -4.53 -2.72 -38.32
CA MET A 241 -5.53 -3.75 -38.08
C MET A 241 -4.96 -5.14 -37.90
N GLU A 242 -4.16 -5.60 -38.86
CA GLU A 242 -3.54 -6.91 -38.75
C GLU A 242 -2.62 -7.05 -37.51
N ILE A 243 -1.84 -6.00 -37.24
CA ILE A 243 -1.02 -5.99 -36.06
C ILE A 243 -1.89 -6.09 -34.81
N SER A 244 -2.96 -5.30 -34.77
CA SER A 244 -3.83 -5.28 -33.60
C SER A 244 -4.48 -6.62 -33.35
N LYS A 245 -5.00 -7.22 -34.41
CA LYS A 245 -5.64 -8.52 -34.31
C LYS A 245 -4.68 -9.61 -33.83
N ASN A 246 -3.50 -9.68 -34.41
CA ASN A 246 -2.50 -10.66 -33.93
C ASN A 246 -2.13 -10.42 -32.47
N PHE A 247 -2.00 -9.15 -32.11
CA PHE A 247 -1.71 -8.76 -30.74
C PHE A 247 -2.80 -9.26 -29.81
N GLN A 248 -4.04 -8.91 -30.13
CA GLN A 248 -5.20 -9.32 -29.33
C GLN A 248 -5.19 -10.83 -29.16
N ARG A 249 -4.96 -11.53 -30.26
CA ARG A 249 -5.02 -13.00 -30.21
C ARG A 249 -4.03 -13.53 -29.19
N ILE A 250 -2.79 -13.00 -29.23
CA ILE A 250 -1.71 -13.46 -28.36
C ILE A 250 -2.06 -13.16 -26.90
N LEU A 251 -2.62 -11.99 -26.66
CA LEU A 251 -3.00 -11.61 -25.30
C LEU A 251 -4.05 -12.56 -24.72
N GLN A 252 -4.94 -13.04 -25.57
CA GLN A 252 -6.01 -13.92 -25.10
C GLN A 252 -5.43 -15.28 -24.73
N LYS A 253 -4.48 -15.73 -25.53
CA LYS A 253 -3.75 -16.95 -25.22
C LYS A 253 -3.13 -16.84 -23.82
N GLN A 254 -2.67 -15.64 -23.45
CA GLN A 254 -2.07 -15.43 -22.13
C GLN A 254 -3.11 -15.36 -21.01
N GLY A 255 -4.40 -15.30 -21.36
CA GLY A 255 -5.45 -15.24 -20.37
C GLY A 255 -6.12 -13.87 -20.26
N PHE A 256 -5.60 -12.89 -21.00
CA PHE A 256 -6.23 -11.56 -21.04
C PHE A 256 -7.55 -11.61 -21.83
N LYS A 257 -8.64 -11.22 -21.19
CA LYS A 257 -9.95 -11.30 -21.84
C LYS A 257 -10.44 -9.97 -22.43
N PHE A 258 -11.08 -10.03 -23.60
CA PHE A 258 -11.66 -8.84 -24.24
C PHE A 258 -13.13 -8.96 -24.68
N LYS A 259 -13.87 -7.89 -24.45
CA LYS A 259 -15.20 -7.73 -25.01
C LYS A 259 -15.22 -6.44 -25.84
N LEU A 260 -15.09 -6.60 -27.15
CA LEU A 260 -15.02 -5.43 -28.04
C LEU A 260 -16.41 -5.05 -28.55
N ASN A 261 -16.51 -3.96 -29.30
CA ASN A 261 -17.81 -3.51 -29.76
C ASN A 261 -18.83 -3.64 -28.64
N THR A 262 -18.40 -3.27 -27.43
CA THR A 262 -19.25 -3.36 -26.26
C THR A 262 -19.31 -2.02 -25.53
N LYS A 263 -20.48 -1.67 -25.03
CA LYS A 263 -20.68 -0.42 -24.33
C LYS A 263 -20.90 -0.70 -22.86
N VAL A 264 -20.42 0.20 -22.01
CA VAL A 264 -20.67 0.13 -20.58
C VAL A 264 -21.75 1.15 -20.25
N THR A 265 -22.80 0.72 -19.56
CA THR A 265 -23.92 1.63 -19.28
C THR A 265 -23.84 2.15 -17.85
N GLY A 266 -23.23 1.37 -16.97
CA GLY A 266 -22.98 1.84 -15.62
C GLY A 266 -22.33 0.80 -14.73
N ALA A 267 -22.17 1.18 -13.47
CA ALA A 267 -21.54 0.31 -12.50
C ALA A 267 -22.09 0.69 -11.15
N THR A 268 -22.33 -0.30 -10.30
CA THR A 268 -22.84 -0.04 -8.96
C THR A 268 -22.07 -0.87 -7.93
N LYS A 269 -21.80 -0.26 -6.78
CA LYS A 269 -21.09 -0.96 -5.71
C LYS A 269 -22.07 -1.82 -4.93
N LYS A 270 -21.85 -3.14 -4.99
CA LYS A 270 -22.65 -4.10 -4.25
C LYS A 270 -22.30 -4.02 -2.77
N SER A 271 -23.01 -4.78 -1.96
CA SER A 271 -22.88 -4.72 -0.51
C SER A 271 -21.67 -5.52 0.00
N ASP A 272 -21.21 -6.48 -0.80
CA ASP A 272 -20.02 -7.24 -0.49
C ASP A 272 -18.75 -6.47 -0.84
N GLY A 273 -18.91 -5.33 -1.49
CA GLY A 273 -17.79 -4.54 -1.95
C GLY A 273 -17.50 -4.71 -3.43
N LYS A 274 -17.82 -5.89 -3.96
CA LYS A 274 -17.62 -6.17 -5.38
C LYS A 274 -18.45 -5.23 -6.25
N ILE A 275 -18.23 -5.26 -7.55
CA ILE A 275 -18.79 -4.23 -8.42
C ILE A 275 -19.47 -4.81 -9.63
N ASP A 276 -20.74 -4.44 -9.83
CA ASP A 276 -21.50 -4.89 -10.99
C ASP A 276 -21.36 -3.90 -12.12
N VAL A 277 -20.76 -4.34 -13.22
CA VAL A 277 -20.63 -3.50 -14.40
C VAL A 277 -21.67 -3.98 -15.40
N SER A 278 -22.45 -3.06 -15.94
CA SER A 278 -23.45 -3.47 -16.89
C SER A 278 -23.05 -3.05 -18.31
N ILE A 279 -23.11 -4.01 -19.23
CA ILE A 279 -22.70 -3.76 -20.60
C ILE A 279 -23.76 -4.20 -21.61
N GLU A 280 -23.46 -3.99 -22.88
CA GLU A 280 -24.33 -4.38 -23.98
C GLU A 280 -23.63 -4.08 -25.29
N ALA A 281 -24.03 -4.74 -26.36
CA ALA A 281 -23.43 -4.48 -27.66
C ALA A 281 -23.46 -3.00 -27.98
N ALA A 282 -22.45 -2.52 -28.69
CA ALA A 282 -22.39 -1.11 -29.07
C ALA A 282 -23.51 -0.77 -30.04
N SER A 283 -23.93 -1.77 -30.81
CA SER A 283 -25.06 -1.65 -31.73
C SER A 283 -26.40 -1.66 -31.00
N GLY A 284 -26.56 -2.57 -30.04
CA GLY A 284 -27.76 -2.64 -29.22
C GLY A 284 -27.99 -4.02 -28.63
N GLY A 285 -28.58 -4.03 -27.44
CA GLY A 285 -29.02 -5.28 -26.84
C GLY A 285 -27.91 -6.10 -26.25
N LYS A 286 -28.08 -7.42 -26.24
CA LYS A 286 -27.12 -8.33 -25.61
C LYS A 286 -26.70 -7.80 -24.23
N ALA A 287 -27.61 -7.14 -23.53
CA ALA A 287 -27.31 -6.57 -22.23
C ALA A 287 -26.93 -7.65 -21.21
N GLU A 288 -25.76 -7.48 -20.59
CA GLU A 288 -25.35 -8.39 -19.51
C GLU A 288 -24.69 -7.67 -18.34
N VAL A 289 -24.16 -8.45 -17.40
CA VAL A 289 -23.56 -7.90 -16.20
C VAL A 289 -22.35 -8.70 -15.82
N ILE A 290 -21.20 -8.03 -15.74
CA ILE A 290 -19.98 -8.65 -15.27
C ILE A 290 -19.61 -8.06 -13.91
N THR A 291 -18.99 -8.87 -13.06
CA THR A 291 -18.72 -8.45 -11.68
C THR A 291 -17.21 -8.50 -11.38
N CYS A 292 -16.72 -7.47 -10.69
CA CYS A 292 -15.29 -7.39 -10.43
C CYS A 292 -14.97 -6.87 -9.05
N ASP A 293 -13.72 -7.05 -8.62
CA ASP A 293 -13.28 -6.52 -7.35
C ASP A 293 -12.73 -5.12 -7.54
N VAL A 294 -12.17 -4.89 -8.71
CA VAL A 294 -11.61 -3.58 -9.04
C VAL A 294 -12.02 -3.19 -10.45
N LEU A 295 -12.38 -1.92 -10.61
CA LEU A 295 -12.83 -1.41 -11.88
C LEU A 295 -11.89 -0.29 -12.30
N LEU A 296 -11.22 -0.48 -13.42
CA LEU A 296 -10.30 0.52 -13.93
C LEU A 296 -10.91 1.27 -15.09
N VAL A 297 -11.13 2.58 -14.90
CA VAL A 297 -11.66 3.42 -15.98
C VAL A 297 -10.52 4.01 -16.79
N CYS A 298 -10.40 3.59 -18.03
CA CYS A 298 -9.24 3.97 -18.83
C CYS A 298 -9.67 4.36 -20.22
N ILE A 299 -10.62 5.28 -20.35
CA ILE A 299 -11.15 5.58 -21.67
C ILE A 299 -10.38 6.66 -22.38
N GLY A 300 -9.45 7.29 -21.67
CA GLY A 300 -8.66 8.35 -22.28
C GLY A 300 -8.23 9.44 -21.33
N ARG A 301 -7.59 10.45 -21.91
CA ARG A 301 -7.14 11.61 -21.16
C ARG A 301 -7.51 12.83 -21.97
N ARG A 302 -7.57 13.97 -21.30
CA ARG A 302 -8.01 15.20 -21.93
C ARG A 302 -7.20 16.38 -21.43
N PRO A 303 -7.13 17.44 -22.23
CA PRO A 303 -6.30 18.61 -21.94
C PRO A 303 -6.70 19.29 -20.64
N PHE A 304 -5.70 19.75 -19.89
CA PHE A 304 -5.93 20.40 -18.60
C PHE A 304 -5.55 21.88 -18.65
N THR A 305 -6.55 22.74 -18.47
CA THR A 305 -6.40 24.18 -18.59
C THR A 305 -7.11 24.90 -17.45
N LYS A 306 -7.56 24.15 -16.45
CA LYS A 306 -8.36 24.73 -15.37
C LYS A 306 -7.70 25.93 -14.67
N ASN A 307 -8.48 27.00 -14.51
CA ASN A 307 -8.06 28.18 -13.76
C ASN A 307 -6.72 28.75 -14.20
N LEU A 308 -6.39 28.53 -15.47
CA LEU A 308 -5.13 28.99 -16.03
C LEU A 308 -5.25 30.45 -16.49
N GLY A 309 -6.49 30.87 -16.72
CA GLY A 309 -6.78 32.25 -17.09
C GLY A 309 -6.92 32.49 -18.57
N LEU A 310 -7.30 31.47 -19.31
CA LEU A 310 -7.46 31.62 -20.75
C LEU A 310 -8.67 32.48 -21.06
N GLU A 311 -9.74 32.25 -20.30
CA GLU A 311 -10.98 32.99 -20.46
C GLU A 311 -10.69 34.49 -20.47
N GLU A 312 -10.20 35.01 -19.35
CA GLU A 312 -9.85 36.42 -19.23
C GLU A 312 -8.95 36.91 -20.35
N LEU A 313 -8.25 35.99 -21.00
CA LEU A 313 -7.31 36.37 -22.05
C LEU A 313 -7.95 36.35 -23.43
N GLY A 314 -9.15 35.79 -23.51
CA GLY A 314 -9.81 35.63 -24.79
C GLY A 314 -9.21 34.53 -25.66
N ILE A 315 -8.41 33.65 -25.07
CA ILE A 315 -7.95 32.45 -25.77
C ILE A 315 -8.98 31.34 -25.63
N GLU A 316 -9.69 31.02 -26.71
CA GLU A 316 -10.72 30.00 -26.66
C GLU A 316 -10.19 28.61 -27.00
N LEU A 317 -10.83 27.59 -26.46
CA LEU A 317 -10.42 26.21 -26.70
C LEU A 317 -11.14 25.66 -27.92
N ASP A 318 -10.63 24.55 -28.44
CA ASP A 318 -11.35 23.82 -29.48
C ASP A 318 -12.36 22.94 -28.79
N PRO A 319 -13.22 22.26 -29.57
CA PRO A 319 -14.31 21.55 -28.91
C PRO A 319 -13.86 20.35 -28.08
N ARG A 320 -12.55 20.07 -28.05
CA ARG A 320 -12.02 18.93 -27.28
C ARG A 320 -11.18 19.38 -26.07
N GLY A 321 -11.13 20.69 -25.83
CA GLY A 321 -10.44 21.23 -24.68
C GLY A 321 -9.00 21.63 -24.95
N ARG A 322 -8.55 21.42 -26.18
CA ARG A 322 -7.17 21.75 -26.57
C ARG A 322 -6.98 23.22 -26.93
N ILE A 323 -5.86 23.78 -26.47
CA ILE A 323 -5.49 25.14 -26.83
C ILE A 323 -4.99 25.22 -28.27
N PRO A 324 -5.68 26.00 -29.12
CA PRO A 324 -5.31 26.10 -30.55
C PRO A 324 -3.99 26.82 -30.74
N VAL A 325 -3.10 26.29 -31.59
CA VAL A 325 -1.82 26.93 -31.83
C VAL A 325 -1.37 26.82 -33.29
N ASN A 326 -0.52 27.75 -33.73
CA ASN A 326 0.01 27.73 -35.09
C ASN A 326 1.25 26.85 -35.20
N THR A 327 1.90 26.86 -36.36
CA THR A 327 3.02 25.94 -36.60
C THR A 327 4.27 26.26 -35.77
N ARG A 328 4.23 27.36 -35.04
CA ARG A 328 5.31 27.76 -34.15
C ARG A 328 4.87 27.49 -32.70
N PHE A 329 3.66 26.95 -32.57
CA PHE A 329 3.05 26.65 -31.26
C PHE A 329 2.58 27.89 -30.51
N GLN A 330 2.40 28.98 -31.25
CA GLN A 330 1.90 30.23 -30.68
C GLN A 330 0.40 30.16 -30.61
N THR A 331 -0.16 30.69 -29.53
CA THR A 331 -1.60 30.78 -29.42
C THR A 331 -2.09 32.06 -30.10
N LYS A 332 -3.38 32.32 -29.99
CA LYS A 332 -4.01 33.53 -30.52
C LYS A 332 -3.24 34.77 -30.09
N ILE A 333 -2.49 34.65 -29.00
CA ILE A 333 -1.68 35.75 -28.48
C ILE A 333 -0.18 35.47 -28.65
N PRO A 334 0.44 36.13 -29.64
CA PRO A 334 1.76 35.92 -30.23
C PRO A 334 2.94 35.62 -29.30
N ASN A 335 2.86 35.98 -28.03
CA ASN A 335 3.96 35.73 -27.11
C ASN A 335 3.62 34.61 -26.14
N ILE A 336 2.41 34.08 -26.32
CA ILE A 336 1.94 33.00 -25.46
C ILE A 336 1.89 31.73 -26.28
N TYR A 337 2.66 30.73 -25.84
CA TYR A 337 2.81 29.47 -26.57
C TYR A 337 2.17 28.29 -25.82
N ALA A 338 1.81 27.23 -26.54
CA ALA A 338 1.37 25.99 -25.89
C ALA A 338 1.92 24.73 -26.59
N ILE A 339 2.26 23.70 -25.79
CA ILE A 339 2.82 22.45 -26.31
C ILE A 339 2.37 21.24 -25.50
N GLY A 340 2.58 20.04 -26.05
CA GLY A 340 2.27 18.81 -25.33
C GLY A 340 0.83 18.32 -25.36
N ASP A 341 0.45 17.59 -24.31
CA ASP A 341 -0.87 16.99 -24.20
C ASP A 341 -1.98 18.04 -24.30
N VAL A 342 -1.66 19.27 -23.96
CA VAL A 342 -2.68 20.32 -23.87
C VAL A 342 -3.03 20.85 -25.26
N VAL A 343 -2.26 20.48 -26.27
CA VAL A 343 -2.60 20.84 -27.66
C VAL A 343 -2.86 19.60 -28.49
N ALA A 344 -3.10 19.81 -29.78
CA ALA A 344 -3.44 18.74 -30.71
C ALA A 344 -2.27 17.78 -30.92
N GLY A 345 -2.57 16.60 -31.48
CA GLY A 345 -1.55 15.61 -31.77
C GLY A 345 -1.51 14.43 -30.81
N PRO A 346 -0.62 13.46 -31.09
CA PRO A 346 -0.51 12.25 -30.24
C PRO A 346 -0.17 12.65 -28.80
N MET A 347 -0.96 12.21 -27.84
CA MET A 347 -0.73 12.52 -26.44
C MET A 347 0.38 11.62 -25.86
N LEU A 348 1.61 11.85 -26.32
CA LEU A 348 2.74 11.02 -25.95
C LEU A 348 3.90 11.85 -25.38
N ALA A 349 4.75 11.23 -24.57
CA ALA A 349 5.75 12.03 -23.87
C ALA A 349 6.82 12.54 -24.82
N HIS A 350 7.24 11.71 -25.78
CA HIS A 350 8.29 12.14 -26.69
C HIS A 350 7.73 13.19 -27.65
N LYS A 351 6.42 13.17 -27.86
CA LYS A 351 5.83 14.22 -28.67
C LYS A 351 5.86 15.55 -27.90
N ALA A 352 5.50 15.52 -26.63
CA ALA A 352 5.55 16.73 -25.81
C ALA A 352 6.98 17.30 -25.70
N GLU A 353 7.97 16.43 -25.51
CA GLU A 353 9.34 16.91 -25.41
C GLU A 353 9.80 17.58 -26.70
N ASP A 354 9.65 16.90 -27.83
CA ASP A 354 9.96 17.50 -29.14
C ASP A 354 9.34 18.87 -29.30
N GLU A 355 8.04 18.98 -29.01
CA GLU A 355 7.33 20.24 -29.14
C GLU A 355 7.93 21.34 -28.27
N GLY A 356 8.28 21.00 -27.03
CA GLY A 356 8.90 21.95 -26.13
C GLY A 356 10.23 22.44 -26.65
N ILE A 357 11.02 21.55 -27.23
CA ILE A 357 12.29 21.92 -27.83
C ILE A 357 12.11 22.87 -29.01
N ILE A 358 11.39 22.46 -30.04
CA ILE A 358 11.27 23.29 -31.24
C ILE A 358 10.52 24.59 -30.98
N CYS A 359 9.57 24.59 -30.07
CA CYS A 359 8.89 25.82 -29.70
C CYS A 359 9.88 26.86 -29.14
N VAL A 360 10.65 26.42 -28.15
CA VAL A 360 11.67 27.25 -27.55
C VAL A 360 12.78 27.64 -28.56
N GLU A 361 13.12 26.74 -29.47
CA GLU A 361 14.03 27.14 -30.55
C GLU A 361 13.42 28.27 -31.38
N GLY A 362 12.12 28.17 -31.64
CA GLY A 362 11.39 29.19 -32.38
C GLY A 362 11.48 30.55 -31.72
N MET A 363 11.32 30.59 -30.40
CA MET A 363 11.48 31.83 -29.62
C MET A 363 12.88 32.44 -29.76
N ALA A 364 13.86 31.62 -30.14
CA ALA A 364 15.21 32.11 -30.38
C ALA A 364 15.41 32.41 -31.85
N GLY A 365 14.30 32.55 -32.58
CA GLY A 365 14.34 32.83 -34.00
C GLY A 365 14.60 31.62 -34.88
N GLY A 366 14.55 30.44 -34.29
CA GLY A 366 14.76 29.23 -35.08
C GLY A 366 13.58 28.91 -35.97
N ALA A 367 13.74 27.85 -36.78
CA ALA A 367 12.64 27.31 -37.55
C ALA A 367 11.87 26.30 -36.69
N VAL A 368 10.57 26.19 -36.93
CA VAL A 368 9.74 25.27 -36.16
C VAL A 368 8.97 24.32 -37.07
N HIS A 369 9.42 23.07 -37.14
CA HIS A 369 8.77 22.08 -38.00
C HIS A 369 8.68 20.73 -37.29
N ILE A 370 7.45 20.23 -37.16
CA ILE A 370 7.19 18.85 -36.74
C ILE A 370 6.11 18.20 -37.61
N ASP A 371 6.29 16.93 -37.94
CA ASP A 371 5.29 16.16 -38.67
C ASP A 371 4.86 15.00 -37.77
N TYR A 372 3.58 14.95 -37.42
CA TYR A 372 3.13 13.93 -36.47
C TYR A 372 3.14 12.53 -37.07
N ASN A 373 3.14 12.44 -38.38
CA ASN A 373 3.27 11.15 -39.05
C ASN A 373 4.63 10.48 -38.76
N CYS A 374 5.57 11.25 -38.23
CA CYS A 374 6.88 10.68 -37.90
C CYS A 374 7.05 10.32 -36.42
N VAL A 375 5.97 10.45 -35.65
CA VAL A 375 5.98 10.12 -34.22
C VAL A 375 5.56 8.68 -34.01
N PRO A 376 6.45 7.86 -33.41
CA PRO A 376 6.29 6.42 -33.10
C PRO A 376 5.36 6.15 -31.92
N SER A 377 4.77 4.96 -31.88
CA SER A 377 4.01 4.55 -30.73
C SER A 377 4.51 3.21 -30.27
N VAL A 378 4.43 2.98 -28.96
CA VAL A 378 4.85 1.73 -28.38
C VAL A 378 3.87 1.27 -27.31
N ILE A 379 3.64 -0.05 -27.29
CA ILE A 379 2.95 -0.70 -26.18
C ILE A 379 3.94 -1.66 -25.54
N TYR A 380 4.19 -1.45 -24.25
CA TYR A 380 5.29 -2.12 -23.55
C TYR A 380 4.85 -3.44 -22.91
N THR A 381 3.84 -4.06 -23.51
CA THR A 381 3.43 -5.39 -23.08
C THR A 381 4.46 -6.38 -23.53
N HIS A 382 4.13 -7.66 -23.39
CA HIS A 382 4.94 -8.72 -23.97
C HIS A 382 4.03 -9.75 -24.61
N PRO A 383 4.13 -9.88 -25.95
CA PRO A 383 5.08 -9.14 -26.79
C PRO A 383 4.86 -7.63 -26.80
N GLU A 384 5.86 -6.89 -27.28
CA GLU A 384 5.72 -5.45 -27.40
C GLU A 384 5.08 -5.15 -28.74
N VAL A 385 4.55 -3.95 -28.88
CA VAL A 385 3.99 -3.53 -30.15
C VAL A 385 4.53 -2.14 -30.36
N ALA A 386 5.02 -1.87 -31.57
CA ALA A 386 5.49 -0.54 -31.88
C ALA A 386 5.31 -0.29 -33.36
N TRP A 387 5.10 0.97 -33.72
CA TRP A 387 4.89 1.34 -35.10
C TRP A 387 5.12 2.82 -35.27
N VAL A 388 5.40 3.21 -36.50
CA VAL A 388 5.60 4.60 -36.84
C VAL A 388 5.17 4.79 -38.28
N GLY A 389 4.58 5.94 -38.59
CA GLY A 389 4.16 6.19 -39.96
C GLY A 389 2.72 5.80 -40.21
N LYS A 390 2.47 5.18 -41.36
CA LYS A 390 1.08 4.90 -41.75
C LYS A 390 0.72 3.43 -41.73
N SER A 391 -0.49 3.14 -41.25
CA SER A 391 -1.06 1.78 -41.28
C SER A 391 -1.67 1.43 -42.63
N GLU A 392 -1.93 0.15 -42.84
CA GLU A 392 -2.60 -0.27 -44.07
C GLU A 392 -3.92 0.49 -44.25
N GLU A 393 -4.71 0.60 -43.18
CA GLU A 393 -5.99 1.28 -43.28
C GLU A 393 -5.81 2.75 -43.66
N GLN A 394 -4.81 3.40 -43.08
CA GLN A 394 -4.60 4.81 -43.39
C GLN A 394 -4.13 5.01 -44.83
N LEU A 395 -3.50 3.97 -45.38
CA LEU A 395 -3.04 4.02 -46.76
C LEU A 395 -4.20 3.81 -47.71
N LYS A 396 -5.11 2.90 -47.38
CA LYS A 396 -6.23 2.61 -48.25
C LYS A 396 -7.14 3.83 -48.36
N GLU A 397 -7.33 4.55 -47.26
CA GLU A 397 -8.27 5.65 -47.25
C GLU A 397 -7.66 6.94 -47.76
N GLU A 398 -6.36 6.92 -48.04
CA GLU A 398 -5.74 8.07 -48.69
C GLU A 398 -5.52 7.78 -50.17
N GLY A 399 -5.86 6.57 -50.59
CA GLY A 399 -5.71 6.16 -51.98
C GLY A 399 -4.26 6.08 -52.43
N ILE A 400 -3.38 5.71 -51.51
CA ILE A 400 -1.97 5.48 -51.78
C ILE A 400 -1.78 4.03 -52.22
N GLU A 401 -0.98 3.82 -53.27
CA GLU A 401 -0.71 2.47 -53.75
C GLU A 401 0.54 1.89 -53.09
N TYR A 402 0.43 0.69 -52.52
CA TYR A 402 1.51 0.15 -51.72
C TYR A 402 1.72 -1.35 -51.82
N LYS A 403 2.93 -1.77 -51.46
CA LYS A 403 3.27 -3.17 -51.34
C LYS A 403 3.57 -3.49 -49.88
N VAL A 404 3.73 -4.78 -49.58
CA VAL A 404 3.83 -5.24 -48.21
C VAL A 404 4.90 -6.30 -48.10
N GLY A 405 5.78 -6.11 -47.12
CA GLY A 405 6.76 -7.11 -46.76
C GLY A 405 6.56 -7.47 -45.30
N LYS A 406 6.68 -8.76 -44.98
CA LYS A 406 6.48 -9.25 -43.64
C LYS A 406 7.57 -10.24 -43.33
N PHE A 407 8.00 -10.25 -42.08
CA PHE A 407 8.93 -11.28 -41.64
C PHE A 407 8.54 -11.66 -40.23
N PRO A 408 8.45 -12.97 -39.96
CA PRO A 408 7.97 -13.41 -38.66
C PRO A 408 9.13 -13.65 -37.71
N PHE A 409 8.99 -13.26 -36.45
CA PHE A 409 10.08 -13.47 -35.50
C PHE A 409 10.37 -14.94 -35.29
N ALA A 410 9.47 -15.79 -35.77
CA ALA A 410 9.68 -17.24 -35.66
C ALA A 410 10.91 -17.65 -36.45
N ALA A 411 11.19 -16.94 -37.54
CA ALA A 411 12.37 -17.23 -38.35
C ALA A 411 13.54 -16.27 -38.11
N ASN A 412 13.52 -15.59 -36.97
CA ASN A 412 14.64 -14.73 -36.59
C ASN A 412 15.52 -15.43 -35.55
N SER A 413 16.81 -15.42 -35.79
CA SER A 413 17.75 -16.23 -35.00
C SER A 413 17.78 -15.87 -33.52
N ARG A 414 17.96 -14.60 -33.20
CA ARG A 414 18.00 -14.21 -31.78
C ARG A 414 16.66 -14.45 -31.08
N ALA A 415 15.56 -14.24 -31.78
CA ALA A 415 14.24 -14.57 -31.21
C ALA A 415 14.08 -16.06 -30.92
N LYS A 416 14.45 -16.88 -31.90
CA LYS A 416 14.38 -18.33 -31.74
C LYS A 416 15.28 -18.77 -30.63
N THR A 417 16.54 -18.36 -30.67
CA THR A 417 17.51 -18.75 -29.66
C THR A 417 16.97 -18.45 -28.25
N ASN A 418 16.11 -17.45 -28.14
CA ASN A 418 15.55 -17.11 -26.84
C ASN A 418 14.18 -17.70 -26.61
N ALA A 419 13.69 -18.42 -27.61
CA ALA A 419 12.38 -19.06 -27.52
C ALA A 419 11.31 -18.01 -27.30
N ASP A 420 11.51 -16.85 -27.92
CA ASP A 420 10.61 -15.72 -27.81
C ASP A 420 10.20 -15.38 -29.22
N THR A 421 9.24 -16.11 -29.77
CA THR A 421 8.99 -16.10 -31.22
C THR A 421 7.64 -15.58 -31.69
N ASP A 422 6.86 -14.98 -30.80
CA ASP A 422 5.57 -14.44 -31.22
C ASP A 422 5.78 -13.28 -32.18
N GLY A 423 4.88 -13.12 -33.15
CA GLY A 423 4.82 -11.87 -33.89
C GLY A 423 5.71 -11.71 -35.11
N MET A 424 5.79 -10.47 -35.60
CA MET A 424 6.36 -10.19 -36.92
C MET A 424 6.74 -8.73 -37.10
N VAL A 425 7.45 -8.46 -38.20
CA VAL A 425 7.59 -7.10 -38.65
C VAL A 425 6.87 -6.98 -39.97
N LYS A 426 6.17 -5.87 -40.16
CA LYS A 426 5.44 -5.62 -41.38
C LYS A 426 5.88 -4.26 -41.90
N ILE A 427 6.37 -4.23 -43.14
CA ILE A 427 6.79 -3.00 -43.77
C ILE A 427 5.85 -2.63 -44.90
N LEU A 428 5.42 -1.37 -44.93
CA LEU A 428 4.57 -0.84 -45.99
C LEU A 428 5.36 0.09 -46.90
N GLY A 429 5.52 -0.30 -48.17
CA GLY A 429 6.18 0.57 -49.13
C GLY A 429 5.28 1.08 -50.24
N GLN A 430 5.61 2.27 -50.75
CA GLN A 430 4.90 2.81 -51.92
C GLN A 430 5.18 1.84 -53.05
N LYS A 431 4.17 1.56 -53.86
CA LYS A 431 4.23 0.47 -54.85
C LYS A 431 5.34 0.62 -55.86
N SER A 432 5.62 1.86 -56.27
CA SER A 432 6.56 2.09 -57.36
C SER A 432 7.80 2.90 -56.98
N THR A 433 7.73 3.71 -55.94
CA THR A 433 8.89 4.49 -55.49
C THR A 433 9.71 3.76 -54.41
N ASP A 434 9.24 2.60 -53.98
CA ASP A 434 9.90 1.81 -52.94
C ASP A 434 10.10 2.57 -51.61
N ARG A 435 9.44 3.72 -51.50
CA ARG A 435 9.55 4.59 -50.33
C ARG A 435 8.86 3.94 -49.13
N VAL A 436 9.56 3.80 -47.99
CA VAL A 436 8.92 3.27 -46.78
C VAL A 436 7.85 4.23 -46.30
N LEU A 437 6.69 3.69 -45.95
CA LEU A 437 5.55 4.54 -45.59
C LEU A 437 5.13 4.29 -44.16
N GLY A 438 5.45 3.09 -43.69
CA GLY A 438 5.10 2.68 -42.35
C GLY A 438 5.76 1.37 -42.00
N ALA A 439 6.01 1.18 -40.72
CA ALA A 439 6.70 0.00 -40.25
C ALA A 439 5.96 -0.36 -39.00
N HIS A 440 5.62 -1.62 -38.85
CA HIS A 440 4.81 -2.08 -37.73
C HIS A 440 5.41 -3.33 -37.16
N ILE A 441 5.65 -3.31 -35.86
CA ILE A 441 6.32 -4.41 -35.20
C ILE A 441 5.49 -4.95 -34.06
N LEU A 442 5.33 -6.27 -34.07
CA LEU A 442 4.69 -6.96 -32.99
C LEU A 442 5.63 -8.07 -32.58
N GLY A 443 6.01 -8.10 -31.30
CA GLY A 443 7.05 -9.03 -30.87
C GLY A 443 8.15 -8.47 -29.95
N PRO A 444 9.22 -9.25 -29.76
CA PRO A 444 10.31 -8.87 -28.85
C PRO A 444 11.06 -7.64 -29.35
N GLY A 445 11.37 -6.71 -28.44
CA GLY A 445 12.22 -5.57 -28.76
C GLY A 445 11.64 -4.55 -29.72
N ALA A 446 10.31 -4.57 -29.87
CA ALA A 446 9.61 -3.65 -30.77
C ALA A 446 9.84 -2.19 -30.40
N GLY A 447 9.71 -1.88 -29.12
CA GLY A 447 9.91 -0.52 -28.66
C GLY A 447 11.23 0.10 -29.13
N GLU A 448 12.34 -0.62 -28.94
CA GLU A 448 13.64 -0.09 -29.34
C GLU A 448 13.73 -0.10 -30.85
N MET A 449 13.16 -1.13 -31.47
CA MET A 449 13.36 -1.33 -32.91
C MET A 449 12.69 -0.23 -33.74
N VAL A 450 11.60 0.32 -33.23
CA VAL A 450 10.84 1.29 -34.00
C VAL A 450 11.64 2.60 -34.18
N ASN A 451 12.65 2.78 -33.36
CA ASN A 451 13.47 3.97 -33.46
C ASN A 451 14.39 3.87 -34.66
N GLU A 452 14.81 2.66 -34.98
CA GLU A 452 15.54 2.53 -36.24
C GLU A 452 14.64 2.90 -37.39
N ALA A 453 13.37 2.52 -37.32
CA ALA A 453 12.43 2.84 -38.40
C ALA A 453 12.19 4.34 -38.48
N ALA A 454 12.00 4.97 -37.32
CA ALA A 454 11.87 6.43 -37.27
C ALA A 454 13.00 7.11 -38.05
N LEU A 455 14.23 6.70 -37.77
CA LEU A 455 15.39 7.31 -38.41
C LEU A 455 15.30 7.13 -39.93
N ALA A 456 14.90 5.94 -40.36
CA ALA A 456 14.70 5.66 -41.78
C ALA A 456 13.70 6.63 -42.39
N LEU A 457 12.58 6.87 -41.71
CA LEU A 457 11.62 7.83 -42.23
C LEU A 457 12.22 9.22 -42.39
N GLU A 458 12.99 9.67 -41.40
CA GLU A 458 13.54 11.02 -41.45
C GLU A 458 14.33 11.21 -42.74
N TYR A 459 15.03 10.16 -43.16
CA TYR A 459 15.89 10.23 -44.34
C TYR A 459 15.17 9.86 -45.64
N GLY A 460 13.90 9.48 -45.52
CA GLY A 460 13.11 9.13 -46.69
C GLY A 460 13.58 7.82 -47.27
N ALA A 461 14.04 6.94 -46.38
CA ALA A 461 14.56 5.65 -46.78
C ALA A 461 13.58 4.89 -47.68
N SER A 462 14.17 4.05 -48.54
CA SER A 462 13.41 3.14 -49.36
C SER A 462 13.68 1.77 -48.80
N CYS A 463 12.76 0.84 -49.01
CA CYS A 463 12.87 -0.51 -48.51
C CYS A 463 14.21 -1.15 -48.88
N GLU A 464 14.57 -1.05 -50.15
CA GLU A 464 15.86 -1.54 -50.57
C GLU A 464 17.01 -0.94 -49.75
N ASP A 465 16.93 0.34 -49.41
CA ASP A 465 18.02 1.00 -48.69
C ASP A 465 18.31 0.28 -47.38
N ILE A 466 17.25 -0.03 -46.66
CA ILE A 466 17.36 -0.66 -45.35
C ILE A 466 17.84 -2.09 -45.56
N ALA A 467 17.48 -2.67 -46.69
CA ALA A 467 17.85 -4.04 -46.96
C ALA A 467 19.35 -4.18 -47.19
N ARG A 468 19.97 -3.15 -47.76
CA ARG A 468 21.39 -3.18 -48.05
C ARG A 468 22.29 -2.80 -46.86
N VAL A 469 21.72 -2.16 -45.84
CA VAL A 469 22.50 -1.81 -44.64
C VAL A 469 22.89 -3.04 -43.83
N CYS A 470 24.17 -3.19 -43.53
CA CYS A 470 24.61 -4.34 -42.73
C CYS A 470 24.06 -4.28 -41.32
N HIS A 471 23.37 -5.33 -40.91
CA HIS A 471 22.80 -5.40 -39.57
C HIS A 471 23.55 -6.48 -38.80
N ALA A 472 23.75 -6.26 -37.51
CA ALA A 472 24.51 -7.22 -36.72
C ALA A 472 23.74 -8.53 -36.61
N HIS A 473 24.45 -9.65 -36.60
CA HIS A 473 23.84 -10.96 -36.40
C HIS A 473 24.48 -11.66 -35.22
N PRO A 474 23.68 -12.33 -34.40
CA PRO A 474 22.21 -12.44 -34.46
C PRO A 474 21.52 -11.30 -33.71
N THR A 475 20.65 -10.54 -34.37
CA THR A 475 19.84 -9.54 -33.68
C THR A 475 18.39 -9.49 -34.15
N LEU A 476 17.50 -9.12 -33.24
CA LEU A 476 16.10 -8.89 -33.54
C LEU A 476 15.95 -7.98 -34.76
N SER A 477 16.87 -7.04 -34.93
CA SER A 477 16.79 -6.02 -35.97
C SER A 477 16.88 -6.64 -37.36
N GLU A 478 17.34 -7.87 -37.45
CA GLU A 478 17.44 -8.49 -38.76
C GLU A 478 16.04 -8.73 -39.32
N ALA A 479 15.10 -9.04 -38.43
CA ALA A 479 13.71 -9.15 -38.82
C ALA A 479 13.26 -7.83 -39.46
N PHE A 480 13.77 -6.71 -38.97
CA PHE A 480 13.44 -5.43 -39.58
C PHE A 480 14.06 -5.38 -40.96
N ARG A 481 15.31 -5.81 -41.05
CA ARG A 481 16.01 -5.84 -42.33
C ARG A 481 15.30 -6.74 -43.34
N GLU A 482 15.04 -7.98 -42.94
CA GLU A 482 14.36 -8.95 -43.81
C GLU A 482 13.02 -8.41 -44.32
N ALA A 483 12.22 -7.84 -43.43
CA ALA A 483 10.92 -7.35 -43.82
C ALA A 483 11.05 -6.32 -44.94
N ASN A 484 12.03 -5.43 -44.82
CA ASN A 484 12.28 -4.45 -45.86
C ASN A 484 12.76 -5.10 -47.15
N LEU A 485 13.56 -6.16 -47.01
CA LEU A 485 14.03 -6.90 -48.17
C LEU A 485 12.86 -7.53 -48.90
N ALA A 486 11.88 -8.03 -48.16
CA ALA A 486 10.72 -8.68 -48.77
C ALA A 486 9.85 -7.65 -49.49
N ALA A 487 9.67 -6.48 -48.88
CA ALA A 487 8.94 -5.39 -49.51
C ALA A 487 9.61 -4.94 -50.81
N SER A 488 10.93 -4.93 -50.83
CA SER A 488 11.65 -4.40 -51.97
C SER A 488 11.79 -5.39 -53.12
N PHE A 489 12.26 -6.59 -52.79
CA PHE A 489 12.66 -7.60 -53.77
C PHE A 489 11.54 -8.63 -53.97
N GLY A 490 10.57 -8.65 -53.05
CA GLY A 490 9.47 -9.59 -53.10
C GLY A 490 9.77 -10.85 -52.30
N LYS A 491 11.04 -11.05 -51.99
CA LYS A 491 11.47 -12.21 -51.23
C LYS A 491 12.50 -11.82 -50.17
N SER A 492 12.47 -12.46 -49.02
CA SER A 492 13.54 -12.31 -48.05
C SER A 492 14.51 -13.51 -48.16
N ILE A 493 15.34 -13.73 -47.15
CA ILE A 493 16.33 -14.80 -47.21
C ILE A 493 15.92 -15.96 -46.30
N ASN A 494 15.60 -15.64 -45.05
CA ASN A 494 15.37 -16.68 -44.04
C ASN A 494 13.92 -17.05 -43.84
N PHE A 495 13.03 -16.47 -44.63
CA PHE A 495 11.64 -16.92 -44.64
C PHE A 495 11.04 -16.93 -46.05
N PRO B 25 27.44 -37.06 -61.58
CA PRO B 25 26.80 -36.68 -62.83
C PRO B 25 25.75 -35.57 -62.64
N ILE B 26 26.19 -34.37 -62.31
CA ILE B 26 25.29 -33.22 -62.08
C ILE B 26 26.02 -31.89 -62.25
N ASP B 27 25.34 -30.88 -62.78
CA ASP B 27 26.00 -29.59 -63.05
C ASP B 27 25.11 -28.36 -62.81
N ALA B 28 25.73 -27.19 -62.67
CA ALA B 28 25.01 -25.96 -62.28
C ALA B 28 25.65 -24.64 -62.74
N ASP B 29 24.95 -23.54 -62.47
CA ASP B 29 25.44 -22.20 -62.77
C ASP B 29 26.37 -21.68 -61.66
N VAL B 30 26.01 -21.97 -60.41
CA VAL B 30 26.83 -21.56 -59.28
C VAL B 30 26.91 -22.67 -58.24
N THR B 31 28.13 -22.96 -57.82
CA THR B 31 28.39 -23.96 -56.79
C THR B 31 29.05 -23.29 -55.59
N VAL B 32 28.34 -23.22 -54.47
CA VAL B 32 28.89 -22.70 -53.22
C VAL B 32 29.41 -23.84 -52.35
N ILE B 33 30.66 -23.75 -51.92
CA ILE B 33 31.23 -24.77 -51.02
C ILE B 33 31.23 -24.29 -49.59
N GLY B 34 30.54 -25.01 -48.72
CA GLY B 34 30.34 -24.58 -47.34
C GLY B 34 28.94 -24.02 -47.13
N SER B 35 28.29 -24.45 -46.05
CA SER B 35 26.96 -23.96 -45.73
C SER B 35 26.96 -23.00 -44.52
N GLY B 36 28.00 -22.18 -44.42
CA GLY B 36 28.03 -21.23 -43.32
C GLY B 36 27.11 -20.06 -43.62
N PRO B 37 26.92 -19.18 -42.64
CA PRO B 37 26.26 -17.91 -42.87
C PRO B 37 26.63 -17.34 -44.24
N GLY B 38 27.85 -17.63 -44.67
CA GLY B 38 28.32 -17.08 -45.93
C GLY B 38 27.75 -17.86 -47.09
N GLY B 39 27.96 -19.18 -47.07
CA GLY B 39 27.55 -20.04 -48.15
C GLY B 39 26.05 -20.24 -48.29
N TYR B 40 25.35 -20.51 -47.19
CA TYR B 40 23.93 -20.77 -47.28
C TYR B 40 23.18 -19.55 -47.79
N VAL B 41 23.51 -18.37 -47.28
CA VAL B 41 22.85 -17.15 -47.75
C VAL B 41 23.18 -16.88 -49.21
N ALA B 42 24.44 -17.06 -49.58
CA ALA B 42 24.85 -16.92 -50.98
C ALA B 42 24.10 -17.93 -51.86
N ALA B 43 23.90 -19.15 -51.33
CA ALA B 43 23.18 -20.17 -52.05
C ALA B 43 21.75 -19.73 -52.33
N ILE B 44 21.02 -19.38 -51.26
CA ILE B 44 19.63 -18.97 -51.38
C ILE B 44 19.48 -17.79 -52.34
N LYS B 45 20.35 -16.80 -52.21
CA LYS B 45 20.30 -15.63 -53.10
C LYS B 45 20.58 -16.01 -54.55
N ALA B 46 21.62 -16.82 -54.75
CA ALA B 46 21.95 -17.35 -56.07
C ALA B 46 20.70 -17.95 -56.75
N ALA B 47 20.04 -18.87 -56.05
CA ALA B 47 18.80 -19.46 -56.53
C ALA B 47 17.73 -18.41 -56.87
N GLN B 48 17.42 -17.54 -55.92
CA GLN B 48 16.36 -16.54 -56.11
C GLN B 48 16.55 -15.68 -57.36
N LEU B 49 17.81 -15.45 -57.76
CA LEU B 49 18.11 -14.63 -58.94
C LEU B 49 18.09 -15.40 -60.27
N GLY B 50 17.72 -16.68 -60.21
CA GLY B 50 17.55 -17.49 -61.40
C GLY B 50 18.69 -18.43 -61.73
N PHE B 51 19.54 -18.69 -60.76
CA PHE B 51 20.70 -19.56 -60.96
C PHE B 51 20.47 -20.98 -60.48
N LYS B 52 20.76 -21.94 -61.36
CA LYS B 52 20.79 -23.35 -60.96
C LYS B 52 21.87 -23.45 -59.89
N THR B 53 21.46 -23.71 -58.65
CA THR B 53 22.40 -23.59 -57.54
C THR B 53 22.65 -24.86 -56.74
N VAL B 54 23.93 -25.12 -56.45
CA VAL B 54 24.31 -26.25 -55.61
C VAL B 54 25.15 -25.81 -54.41
N CYS B 55 24.90 -26.41 -53.25
CA CYS B 55 25.66 -26.09 -52.05
C CYS B 55 26.22 -27.35 -51.38
N ILE B 56 27.53 -27.35 -51.11
CA ILE B 56 28.22 -28.54 -50.63
C ILE B 56 28.63 -28.44 -49.17
N GLU B 57 28.26 -29.42 -48.36
CA GLU B 57 28.61 -29.37 -46.94
C GLU B 57 29.19 -30.66 -46.36
N LYS B 58 30.47 -30.61 -46.00
CA LYS B 58 31.17 -31.72 -45.36
C LYS B 58 30.51 -32.21 -44.06
N ASN B 59 29.92 -31.30 -43.29
CA ASN B 59 29.36 -31.65 -42.00
C ASN B 59 27.93 -32.22 -42.06
N GLU B 60 27.53 -32.90 -40.98
CA GLU B 60 26.25 -33.60 -40.92
C GLU B 60 25.06 -32.65 -40.98
N THR B 61 25.21 -31.48 -40.36
CA THR B 61 24.15 -30.50 -40.34
C THR B 61 24.60 -29.26 -41.11
N LEU B 62 23.63 -28.51 -41.64
CA LEU B 62 23.94 -27.25 -42.28
C LEU B 62 24.18 -26.17 -41.21
N GLY B 63 24.67 -25.01 -41.62
CA GLY B 63 24.78 -23.88 -40.71
C GLY B 63 26.17 -23.29 -40.61
N GLY B 64 27.18 -24.15 -40.64
CA GLY B 64 28.54 -23.66 -40.52
C GLY B 64 28.91 -23.48 -39.07
N THR B 65 29.87 -22.61 -38.81
CA THR B 65 30.33 -22.41 -37.44
C THR B 65 29.27 -21.70 -36.59
N CYS B 66 28.61 -20.70 -37.16
CA CYS B 66 27.64 -19.87 -36.45
C CYS B 66 26.55 -20.68 -35.74
N LEU B 67 25.78 -21.44 -36.53
CA LEU B 67 24.60 -22.11 -36.00
C LEU B 67 24.90 -23.29 -35.07
N ASN B 68 25.98 -24.01 -35.35
CA ASN B 68 26.25 -25.28 -34.63
C ASN B 68 27.16 -25.16 -33.41
N VAL B 69 28.18 -24.33 -33.51
CA VAL B 69 29.14 -24.21 -32.42
C VAL B 69 29.54 -22.76 -32.17
N GLY B 70 28.76 -21.82 -32.69
CA GLY B 70 29.11 -20.42 -32.62
C GLY B 70 28.07 -19.50 -31.98
N CYS B 71 27.60 -18.54 -32.77
CA CYS B 71 26.67 -17.51 -32.30
C CYS B 71 25.48 -18.09 -31.54
N ILE B 72 24.80 -19.05 -32.15
CA ILE B 72 23.54 -19.54 -31.64
C ILE B 72 23.64 -20.24 -30.28
N PRO B 73 24.56 -21.20 -30.14
CA PRO B 73 24.63 -21.83 -28.82
C PRO B 73 25.22 -20.90 -27.74
N SER B 74 26.08 -19.95 -28.11
CA SER B 74 26.64 -19.06 -27.09
C SER B 74 25.60 -18.03 -26.61
N LYS B 75 24.92 -17.39 -27.56
CA LYS B 75 23.77 -16.55 -27.21
C LYS B 75 22.74 -17.31 -26.38
N ALA B 76 22.52 -18.58 -26.69
CA ALA B 76 21.56 -19.37 -25.93
C ALA B 76 21.98 -19.41 -24.47
N LEU B 77 23.23 -19.78 -24.23
CA LEU B 77 23.75 -19.93 -22.87
C LEU B 77 23.91 -18.59 -22.15
N LEU B 78 24.28 -17.55 -22.88
CA LEU B 78 24.31 -16.20 -22.32
C LEU B 78 22.90 -15.79 -21.79
N ASN B 79 21.85 -16.10 -22.55
CA ASN B 79 20.46 -15.84 -22.13
C ASN B 79 20.08 -16.63 -20.89
N ASN B 80 20.29 -17.94 -20.94
CA ASN B 80 19.90 -18.80 -19.84
C ASN B 80 20.71 -18.50 -18.59
N SER B 81 21.99 -18.19 -18.76
CA SER B 81 22.86 -17.89 -17.61
C SER B 81 22.55 -16.49 -17.04
N HIS B 82 22.25 -15.54 -17.91
CA HIS B 82 21.79 -14.23 -17.45
C HIS B 82 20.54 -14.36 -16.58
N TYR B 83 19.55 -15.11 -17.06
CA TYR B 83 18.33 -15.34 -16.30
C TYR B 83 18.62 -16.05 -14.98
N TYR B 84 19.44 -17.10 -15.04
CA TYR B 84 19.81 -17.82 -13.84
C TYR B 84 20.37 -16.84 -12.80
N HIS B 85 21.27 -15.98 -13.25
CA HIS B 85 21.91 -15.00 -12.37
C HIS B 85 20.90 -14.05 -11.69
N MET B 86 19.86 -13.67 -12.43
CA MET B 86 18.83 -12.79 -11.93
C MET B 86 17.96 -13.47 -10.89
N ALA B 87 17.69 -14.75 -11.09
CA ALA B 87 16.80 -15.51 -10.23
C ALA B 87 17.53 -15.87 -8.95
N HIS B 88 18.80 -16.22 -9.12
CA HIS B 88 19.62 -16.70 -8.02
C HIS B 88 20.10 -15.57 -7.12
N GLY B 89 20.24 -14.38 -7.71
CA GLY B 89 20.82 -13.24 -7.02
C GLY B 89 19.83 -12.23 -6.49
N LYS B 90 20.31 -11.00 -6.31
CA LYS B 90 19.55 -9.95 -5.64
C LYS B 90 18.44 -9.39 -6.50
N ASP B 91 18.53 -9.60 -7.81
CA ASP B 91 17.68 -8.88 -8.75
C ASP B 91 16.21 -9.18 -8.52
N PHE B 92 15.82 -10.44 -8.72
CA PHE B 92 14.44 -10.80 -8.55
C PHE B 92 13.89 -10.46 -7.17
N ALA B 93 14.74 -10.51 -6.16
CA ALA B 93 14.32 -10.19 -4.80
C ALA B 93 13.91 -8.72 -4.63
N SER B 94 14.64 -7.84 -5.29
CA SER B 94 14.35 -6.42 -5.23
C SER B 94 13.02 -6.09 -5.93
N ARG B 95 12.55 -6.96 -6.82
CA ARG B 95 11.35 -6.70 -7.58
C ARG B 95 10.14 -7.28 -6.90
N GLY B 96 10.34 -7.95 -5.76
CA GLY B 96 9.25 -8.59 -5.06
C GLY B 96 8.94 -9.95 -5.65
N ILE B 97 9.93 -10.55 -6.28
CA ILE B 97 9.79 -11.92 -6.74
C ILE B 97 10.63 -12.76 -5.79
N GLU B 98 9.96 -13.52 -4.93
CA GLU B 98 10.65 -14.27 -3.90
C GLU B 98 10.57 -15.76 -4.13
N MET B 99 11.67 -16.44 -3.82
CA MET B 99 11.79 -17.87 -4.08
C MET B 99 12.42 -18.62 -2.91
N SER B 100 12.02 -19.88 -2.72
CA SER B 100 12.62 -20.70 -1.69
C SER B 100 14.08 -21.00 -2.04
N GLU B 101 14.28 -21.79 -3.07
CA GLU B 101 15.63 -22.16 -3.49
C GLU B 101 15.77 -21.97 -4.98
N VAL B 102 16.95 -21.56 -5.42
CA VAL B 102 17.26 -21.53 -6.83
C VAL B 102 18.32 -22.56 -7.14
N ARG B 103 17.93 -23.58 -7.90
CA ARG B 103 18.86 -24.64 -8.26
C ARG B 103 19.07 -24.69 -9.76
N LEU B 104 20.30 -24.90 -10.19
CA LEU B 104 20.60 -25.11 -11.60
C LEU B 104 20.50 -26.58 -11.99
N ASN B 105 19.79 -26.84 -13.09
CA ASN B 105 19.75 -28.14 -13.74
C ASN B 105 20.43 -27.94 -15.08
N LEU B 106 21.74 -28.21 -15.12
CA LEU B 106 22.57 -27.84 -16.25
C LEU B 106 22.27 -28.68 -17.50
N ASP B 107 21.70 -29.85 -17.29
CA ASP B 107 21.28 -30.70 -18.42
C ASP B 107 20.13 -30.04 -19.15
N LYS B 108 19.14 -29.57 -18.41
CA LYS B 108 18.02 -28.88 -19.04
C LYS B 108 18.48 -27.62 -19.75
N MET B 109 19.33 -26.84 -19.11
CA MET B 109 19.82 -25.63 -19.75
C MET B 109 20.50 -25.99 -21.06
N MET B 110 21.39 -26.97 -21.01
CA MET B 110 22.05 -27.44 -22.23
C MET B 110 21.04 -27.94 -23.27
N GLU B 111 19.99 -28.60 -22.80
CA GLU B 111 18.92 -29.07 -23.68
C GLU B 111 18.25 -27.93 -24.46
N GLN B 112 17.91 -26.87 -23.74
CA GLN B 112 17.30 -25.69 -24.34
C GLN B 112 18.24 -25.16 -25.43
N LYS B 113 19.52 -25.02 -25.09
CA LYS B 113 20.52 -24.62 -26.08
C LYS B 113 20.40 -25.48 -27.34
N SER B 114 20.34 -26.79 -27.15
CA SER B 114 20.30 -27.73 -28.28
C SER B 114 19.03 -27.59 -29.11
N THR B 115 17.88 -27.53 -28.45
CA THR B 115 16.63 -27.33 -29.16
C THR B 115 16.72 -26.14 -30.12
N ALA B 116 17.35 -25.06 -29.67
CA ALA B 116 17.52 -23.86 -30.47
C ALA B 116 18.32 -24.14 -31.73
N VAL B 117 19.42 -24.86 -31.54
CA VAL B 117 20.31 -25.23 -32.66
C VAL B 117 19.68 -26.22 -33.66
N LYS B 118 19.01 -27.27 -33.18
CA LYS B 118 18.33 -28.19 -34.09
C LYS B 118 17.31 -27.44 -34.92
N ALA B 119 16.50 -26.64 -34.26
CA ALA B 119 15.46 -25.89 -34.96
C ALA B 119 16.06 -25.00 -36.05
N LEU B 120 17.12 -24.28 -35.73
CA LEU B 120 17.67 -23.35 -36.70
C LEU B 120 18.32 -24.03 -37.88
N THR B 121 19.01 -25.14 -37.65
CA THR B 121 19.65 -25.86 -38.76
C THR B 121 18.61 -26.46 -39.68
N GLY B 122 17.57 -27.05 -39.09
CA GLY B 122 16.49 -27.61 -39.87
C GLY B 122 15.85 -26.55 -40.75
N GLY B 123 15.76 -25.33 -40.24
CA GLY B 123 15.19 -24.23 -40.99
C GLY B 123 15.95 -23.90 -42.27
N ILE B 124 17.25 -24.14 -42.27
CA ILE B 124 18.05 -23.85 -43.44
C ILE B 124 17.78 -24.88 -44.52
N ALA B 125 17.63 -26.13 -44.09
CA ALA B 125 17.30 -27.21 -45.01
C ALA B 125 15.97 -26.90 -45.70
N HIS B 126 14.95 -26.61 -44.91
CA HIS B 126 13.67 -26.22 -45.45
C HIS B 126 13.78 -25.02 -46.39
N LEU B 127 14.76 -24.15 -46.13
CA LEU B 127 14.97 -22.99 -46.98
C LEU B 127 15.60 -23.34 -48.33
N PHE B 128 16.55 -24.27 -48.32
CA PHE B 128 17.17 -24.75 -49.57
C PHE B 128 16.09 -25.41 -50.44
N LYS B 129 15.28 -26.23 -49.79
CA LYS B 129 14.18 -26.90 -50.46
C LYS B 129 13.30 -25.84 -51.12
N GLN B 130 12.82 -24.91 -50.30
CA GLN B 130 11.93 -23.86 -50.77
C GLN B 130 12.51 -23.05 -51.93
N ASN B 131 13.83 -22.95 -51.98
CA ASN B 131 14.48 -22.15 -53.02
C ASN B 131 15.07 -23.00 -54.13
N LYS B 132 14.90 -24.31 -54.03
CA LYS B 132 15.40 -25.25 -55.03
C LYS B 132 16.92 -25.27 -55.06
N VAL B 133 17.52 -25.13 -53.88
CA VAL B 133 18.96 -25.27 -53.75
C VAL B 133 19.31 -26.75 -53.59
N VAL B 134 20.25 -27.23 -54.38
CA VAL B 134 20.62 -28.63 -54.32
C VAL B 134 21.70 -28.84 -53.26
N HIS B 135 21.34 -29.62 -52.24
CA HIS B 135 22.26 -29.91 -51.14
C HIS B 135 23.06 -31.19 -51.41
N VAL B 136 24.38 -31.10 -51.31
CA VAL B 136 25.25 -32.26 -51.47
C VAL B 136 26.13 -32.44 -50.23
N ASN B 137 25.97 -33.58 -49.56
CA ASN B 137 26.72 -33.85 -48.33
C ASN B 137 28.07 -34.55 -48.55
N GLY B 138 29.14 -33.78 -48.61
CA GLY B 138 30.47 -34.35 -48.76
C GLY B 138 31.61 -33.36 -48.78
N TYR B 139 32.81 -33.83 -48.44
CA TYR B 139 33.99 -32.98 -48.48
C TYR B 139 34.31 -32.64 -49.93
N GLY B 140 34.20 -31.37 -50.28
CA GLY B 140 34.36 -30.95 -51.66
C GLY B 140 35.74 -30.45 -52.01
N LYS B 141 36.22 -30.81 -53.20
CA LYS B 141 37.49 -30.29 -53.72
C LYS B 141 37.32 -29.73 -55.12
N ILE B 142 38.03 -28.65 -55.41
CA ILE B 142 37.99 -28.02 -56.72
C ILE B 142 38.95 -28.73 -57.65
N THR B 143 38.41 -29.55 -58.55
CA THR B 143 39.22 -30.38 -59.42
C THR B 143 39.50 -29.72 -60.77
N GLY B 144 38.58 -28.87 -61.21
CA GLY B 144 38.75 -28.11 -62.43
C GLY B 144 38.10 -26.74 -62.33
N LYS B 145 38.66 -25.77 -63.06
CA LYS B 145 38.14 -24.40 -63.06
C LYS B 145 36.63 -24.33 -63.19
N ASN B 146 36.02 -25.40 -63.68
CA ASN B 146 34.57 -25.46 -63.82
C ASN B 146 34.01 -26.76 -63.29
N GLN B 147 34.72 -27.37 -62.36
CA GLN B 147 34.30 -28.65 -61.79
C GLN B 147 34.67 -28.73 -60.31
N VAL B 148 33.69 -29.17 -59.51
CA VAL B 148 33.90 -29.40 -58.07
C VAL B 148 33.53 -30.84 -57.74
N THR B 149 34.35 -31.51 -56.93
CA THR B 149 34.11 -32.91 -56.59
C THR B 149 33.90 -33.12 -55.10
N ALA B 150 32.76 -33.70 -54.74
CA ALA B 150 32.40 -33.89 -53.33
C ALA B 150 32.46 -35.35 -52.89
N THR B 151 33.48 -35.70 -52.11
CA THR B 151 33.68 -37.08 -51.69
C THR B 151 32.95 -37.39 -50.38
N LYS B 152 31.87 -38.15 -50.48
CA LYS B 152 31.08 -38.49 -49.29
C LYS B 152 31.91 -39.19 -48.20
N ALA B 153 31.25 -39.53 -47.10
CA ALA B 153 31.92 -40.14 -45.96
C ALA B 153 32.19 -41.61 -46.20
N ASP B 154 31.57 -42.17 -47.24
CA ASP B 154 31.73 -43.58 -47.57
C ASP B 154 32.43 -43.78 -48.92
N GLY B 155 33.15 -42.75 -49.39
CA GLY B 155 33.91 -42.83 -50.62
C GLY B 155 33.15 -42.41 -51.86
N GLY B 156 31.90 -42.86 -51.98
CA GLY B 156 31.08 -42.62 -53.15
C GLY B 156 30.94 -41.15 -53.50
N THR B 157 31.68 -40.72 -54.52
CA THR B 157 31.79 -39.31 -54.83
C THR B 157 30.59 -38.76 -55.61
N GLN B 158 30.61 -37.46 -55.84
CA GLN B 158 29.59 -36.79 -56.64
C GLN B 158 30.27 -35.59 -57.26
N VAL B 159 30.07 -35.40 -58.57
CA VAL B 159 30.79 -34.36 -59.31
C VAL B 159 29.85 -33.27 -59.82
N ILE B 160 30.36 -32.04 -59.84
CA ILE B 160 29.58 -30.90 -60.31
C ILE B 160 30.31 -30.10 -61.38
N ASP B 161 29.69 -29.94 -62.53
CA ASP B 161 30.25 -29.08 -63.58
C ASP B 161 29.56 -27.72 -63.53
N THR B 162 30.35 -26.66 -63.42
CA THR B 162 29.78 -25.38 -63.04
C THR B 162 30.49 -24.16 -63.62
N LYS B 163 29.70 -23.16 -63.99
CA LYS B 163 30.23 -21.95 -64.63
C LYS B 163 30.92 -21.06 -63.61
N ASN B 164 30.44 -21.13 -62.36
CA ASN B 164 30.95 -20.31 -61.28
C ASN B 164 31.15 -21.12 -60.01
N ILE B 165 32.25 -20.86 -59.31
CA ILE B 165 32.47 -21.46 -58.00
C ILE B 165 32.58 -20.39 -56.91
N LEU B 166 31.94 -20.62 -55.77
CA LEU B 166 32.02 -19.71 -54.63
C LEU B 166 32.52 -20.46 -53.40
N ILE B 167 33.69 -20.06 -52.92
CA ILE B 167 34.32 -20.72 -51.78
C ILE B 167 33.91 -20.04 -50.47
N ALA B 168 33.14 -20.74 -49.65
CA ALA B 168 32.78 -20.24 -48.32
C ALA B 168 33.09 -21.29 -47.25
N THR B 169 34.36 -21.68 -47.19
CA THR B 169 34.80 -22.78 -46.32
C THR B 169 35.04 -22.32 -44.87
N GLY B 170 34.83 -21.03 -44.62
CA GLY B 170 34.80 -20.52 -43.26
C GLY B 170 36.12 -20.60 -42.53
N SER B 171 36.08 -21.16 -41.33
CA SER B 171 37.22 -21.07 -40.42
C SER B 171 37.21 -22.18 -39.39
N GLU B 172 38.30 -22.27 -38.63
CA GLU B 172 38.46 -23.31 -37.60
C GLU B 172 39.10 -22.69 -36.36
N VAL B 173 39.09 -23.44 -35.26
CA VAL B 173 39.80 -23.02 -34.05
C VAL B 173 41.31 -22.96 -34.28
N THR B 174 41.90 -21.80 -34.00
CA THR B 174 43.35 -21.62 -34.10
C THR B 174 44.05 -22.16 -32.86
N PRO B 175 44.86 -23.22 -33.03
CA PRO B 175 45.50 -23.89 -31.88
C PRO B 175 46.54 -22.99 -31.21
N PHE B 176 46.74 -23.19 -29.91
CA PHE B 176 47.73 -22.41 -29.18
C PHE B 176 49.08 -23.14 -29.16
N PRO B 177 50.10 -22.54 -29.81
CA PRO B 177 51.43 -23.16 -29.96
C PRO B 177 51.91 -23.83 -28.67
N GLY B 178 51.92 -25.16 -28.67
CA GLY B 178 52.35 -25.91 -27.51
C GLY B 178 51.31 -26.15 -26.43
N ILE B 179 50.04 -25.95 -26.79
CA ILE B 179 48.93 -26.36 -25.95
C ILE B 179 48.06 -27.32 -26.76
N THR B 180 47.51 -28.33 -26.09
CA THR B 180 46.88 -29.45 -26.79
C THR B 180 45.42 -29.59 -26.42
N ILE B 181 44.54 -29.14 -27.31
CA ILE B 181 43.10 -29.16 -27.04
C ILE B 181 42.54 -30.56 -27.19
N ASP B 182 41.87 -31.05 -26.15
CA ASP B 182 41.22 -32.35 -26.22
C ASP B 182 39.73 -32.27 -25.89
N GLU B 183 39.15 -31.07 -26.00
CA GLU B 183 37.75 -30.84 -25.66
C GLU B 183 37.29 -31.65 -24.45
N ASP B 184 38.11 -31.63 -23.40
CA ASP B 184 37.78 -32.32 -22.17
C ASP B 184 37.97 -31.40 -20.98
N THR B 185 39.23 -31.16 -20.64
CA THR B 185 39.59 -30.17 -19.64
C THR B 185 40.23 -28.97 -20.35
N ILE B 186 40.94 -29.26 -21.44
CA ILE B 186 41.48 -28.23 -22.31
C ILE B 186 40.59 -28.10 -23.56
N VAL B 187 39.51 -27.33 -23.43
CA VAL B 187 38.54 -27.23 -24.51
C VAL B 187 38.72 -25.97 -25.34
N SER B 188 38.25 -26.02 -26.58
CA SER B 188 38.03 -24.81 -27.36
C SER B 188 36.57 -24.35 -27.17
N SER B 189 36.17 -23.32 -27.92
CA SER B 189 34.79 -22.84 -27.94
C SER B 189 33.81 -24.00 -27.84
N THR B 190 33.84 -24.85 -28.87
CA THR B 190 32.98 -26.03 -28.94
C THR B 190 32.85 -26.73 -27.59
N GLY B 191 33.98 -27.02 -26.97
CA GLY B 191 34.00 -27.71 -25.69
C GLY B 191 33.39 -26.91 -24.56
N ALA B 192 33.88 -25.68 -24.40
CA ALA B 192 33.33 -24.75 -23.41
C ALA B 192 31.80 -24.62 -23.52
N LEU B 193 31.27 -24.76 -24.72
CA LEU B 193 29.82 -24.65 -24.96
C LEU B 193 29.02 -25.87 -24.53
N SER B 194 29.69 -26.95 -24.14
CA SER B 194 28.95 -28.18 -23.84
C SER B 194 29.40 -28.89 -22.56
N LEU B 195 30.21 -28.20 -21.75
CA LEU B 195 30.67 -28.76 -20.48
C LEU B 195 29.56 -29.55 -19.78
N LYS B 196 29.96 -30.58 -19.04
CA LYS B 196 29.01 -31.49 -18.44
C LYS B 196 28.71 -31.10 -17.00
N LYS B 197 29.61 -30.32 -16.40
CA LYS B 197 29.46 -29.86 -15.04
C LYS B 197 30.07 -28.46 -14.91
N VAL B 198 29.61 -27.69 -13.92
CA VAL B 198 30.17 -26.36 -13.68
C VAL B 198 31.58 -26.45 -13.05
N PRO B 199 32.59 -25.88 -13.74
CA PRO B 199 33.98 -25.88 -13.27
C PRO B 199 34.11 -25.06 -12.00
N GLU B 200 34.92 -25.48 -11.03
CA GLU B 200 35.12 -24.64 -9.87
C GLU B 200 36.02 -23.45 -10.22
N LYS B 201 37.04 -23.71 -11.02
CA LYS B 201 37.94 -22.66 -11.46
C LYS B 201 38.12 -22.80 -12.97
N MET B 202 38.11 -21.69 -13.67
CA MET B 202 38.24 -21.75 -15.12
C MET B 202 39.10 -20.62 -15.61
N VAL B 203 40.00 -20.96 -16.53
CA VAL B 203 40.94 -20.00 -17.05
C VAL B 203 40.78 -19.86 -18.55
N VAL B 204 40.61 -18.63 -19.01
CA VAL B 204 40.36 -18.41 -20.43
C VAL B 204 41.58 -17.77 -21.04
N ILE B 205 42.01 -18.30 -22.17
CA ILE B 205 43.14 -17.70 -22.84
C ILE B 205 42.60 -16.81 -23.94
N GLY B 206 42.84 -15.50 -23.80
CA GLY B 206 42.36 -14.51 -24.74
C GLY B 206 41.11 -13.80 -24.22
N ALA B 207 41.23 -12.51 -23.96
CA ALA B 207 40.08 -11.75 -23.49
C ALA B 207 39.45 -10.97 -24.64
N GLY B 208 39.16 -11.69 -25.73
CA GLY B 208 38.42 -11.12 -26.85
C GLY B 208 36.91 -11.31 -26.71
N VAL B 209 36.19 -10.97 -27.78
CA VAL B 209 34.73 -11.02 -27.77
C VAL B 209 34.20 -12.35 -27.26
N ILE B 210 34.48 -13.41 -28.02
CA ILE B 210 34.07 -14.76 -27.66
C ILE B 210 34.57 -15.20 -26.28
N GLY B 211 35.85 -14.95 -26.02
CA GLY B 211 36.45 -15.34 -24.76
C GLY B 211 35.72 -14.79 -23.56
N VAL B 212 35.41 -13.50 -23.60
CA VAL B 212 34.64 -12.90 -22.52
C VAL B 212 33.21 -13.44 -22.43
N GLU B 213 32.56 -13.70 -23.57
CA GLU B 213 31.18 -14.21 -23.53
C GLU B 213 31.10 -15.56 -22.81
N LEU B 214 31.93 -16.51 -23.23
CA LEU B 214 31.92 -17.86 -22.67
C LEU B 214 32.38 -17.89 -21.20
N GLY B 215 33.32 -17.01 -20.86
CA GLY B 215 33.73 -16.85 -19.48
C GLY B 215 32.59 -16.36 -18.61
N SER B 216 31.92 -15.30 -19.07
CA SER B 216 30.80 -14.73 -18.33
C SER B 216 29.75 -15.79 -18.06
N VAL B 217 29.38 -16.52 -19.11
CA VAL B 217 28.42 -17.61 -18.97
C VAL B 217 28.74 -18.46 -17.75
N TRP B 218 29.91 -19.09 -17.75
CA TRP B 218 30.27 -19.98 -16.64
C TRP B 218 30.51 -19.23 -15.35
N GLN B 219 31.10 -18.04 -15.44
CA GLN B 219 31.20 -17.15 -14.28
C GLN B 219 29.84 -16.99 -13.61
N ARG B 220 28.78 -16.85 -14.40
CA ARG B 220 27.42 -16.70 -13.85
C ARG B 220 26.92 -17.97 -13.20
N LEU B 221 27.33 -19.11 -13.74
CA LEU B 221 26.81 -20.40 -13.26
C LEU B 221 27.52 -20.92 -12.00
N GLY B 222 28.67 -20.33 -11.67
CA GLY B 222 29.41 -20.71 -10.49
C GLY B 222 30.93 -20.51 -10.61
N ALA B 223 31.47 -20.86 -11.76
CA ALA B 223 32.92 -20.82 -11.98
C ALA B 223 33.65 -19.57 -11.48
N ASP B 224 34.81 -19.80 -10.86
CA ASP B 224 35.79 -18.75 -10.63
C ASP B 224 36.50 -18.59 -11.95
N VAL B 225 36.37 -17.42 -12.56
CA VAL B 225 36.84 -17.27 -13.91
C VAL B 225 37.97 -16.25 -13.97
N THR B 226 38.97 -16.57 -14.79
CA THR B 226 40.10 -15.69 -14.99
C THR B 226 40.45 -15.73 -16.45
N ALA B 227 40.52 -14.58 -17.08
CA ALA B 227 40.98 -14.52 -18.45
C ALA B 227 42.38 -13.93 -18.44
N VAL B 228 43.22 -14.45 -19.33
CA VAL B 228 44.60 -14.01 -19.44
C VAL B 228 44.79 -13.53 -20.87
N GLU B 229 45.41 -12.38 -21.06
CA GLU B 229 45.45 -11.78 -22.39
C GLU B 229 46.74 -11.04 -22.69
N PHE B 230 47.33 -11.36 -23.84
CA PHE B 230 48.61 -10.77 -24.23
C PHE B 230 48.51 -9.25 -24.39
N LEU B 231 47.56 -8.79 -25.20
CA LEU B 231 47.32 -7.36 -25.38
C LEU B 231 46.92 -6.69 -24.06
N GLY B 232 46.83 -5.37 -24.06
CA GLY B 232 46.53 -4.64 -22.84
C GLY B 232 45.11 -4.07 -22.70
N HIS B 233 44.11 -4.83 -23.12
CA HIS B 233 42.71 -4.42 -23.01
C HIS B 233 41.81 -5.58 -23.41
N VAL B 234 40.68 -5.76 -22.73
CA VAL B 234 39.73 -6.78 -23.18
C VAL B 234 38.83 -6.27 -24.31
N GLY B 235 38.44 -7.17 -25.22
CA GLY B 235 37.47 -6.82 -26.25
C GLY B 235 37.84 -7.13 -27.69
N GLY B 236 39.06 -7.63 -27.90
CA GLY B 236 39.56 -7.86 -29.24
C GLY B 236 39.94 -6.57 -29.96
N VAL B 237 40.13 -6.66 -31.26
CA VAL B 237 40.54 -5.53 -32.07
C VAL B 237 39.41 -4.57 -32.44
N GLY B 238 39.69 -3.27 -32.40
CA GLY B 238 38.78 -2.28 -32.95
C GLY B 238 37.87 -1.61 -31.94
N ILE B 239 37.75 -2.24 -30.77
CA ILE B 239 36.96 -1.68 -29.70
C ILE B 239 37.62 -0.39 -29.19
N ASP B 240 36.79 0.63 -28.96
CA ASP B 240 37.21 1.90 -28.36
C ASP B 240 37.69 1.67 -26.93
N MET B 241 38.88 2.21 -26.62
CA MET B 241 39.57 1.95 -25.35
C MET B 241 38.84 2.42 -24.10
N GLU B 242 38.33 3.65 -24.13
CA GLU B 242 37.44 4.10 -23.05
C GLU B 242 36.34 3.05 -22.77
N ILE B 243 35.68 2.59 -23.84
CA ILE B 243 34.65 1.56 -23.68
C ILE B 243 35.22 0.24 -23.13
N SER B 244 36.32 -0.22 -23.74
CA SER B 244 36.97 -1.43 -23.27
C SER B 244 37.28 -1.34 -21.78
N LYS B 245 37.79 -0.19 -21.36
CA LYS B 245 38.13 0.03 -19.95
C LYS B 245 36.95 0.01 -18.98
N ASN B 246 35.86 0.73 -19.31
CA ASN B 246 34.67 0.70 -18.45
C ASN B 246 34.04 -0.69 -18.44
N PHE B 247 34.12 -1.35 -19.59
CA PHE B 247 33.55 -2.69 -19.73
C PHE B 247 34.27 -3.65 -18.79
N GLN B 248 35.59 -3.68 -18.90
CA GLN B 248 36.40 -4.51 -18.00
C GLN B 248 36.12 -4.24 -16.51
N ARG B 249 36.18 -2.96 -16.14
CA ARG B 249 35.82 -2.56 -14.79
C ARG B 249 34.52 -3.21 -14.36
N ILE B 250 33.49 -3.14 -15.22
CA ILE B 250 32.16 -3.64 -14.87
C ILE B 250 32.17 -5.16 -14.74
N LEU B 251 32.82 -5.84 -15.65
CA LEU B 251 32.93 -7.30 -15.54
C LEU B 251 33.61 -7.68 -14.24
N GLN B 252 34.66 -6.93 -13.87
CA GLN B 252 35.36 -7.19 -12.60
C GLN B 252 34.44 -7.09 -11.38
N LYS B 253 33.51 -6.14 -11.38
CA LYS B 253 32.60 -6.02 -10.25
C LYS B 253 31.65 -7.21 -10.20
N GLN B 254 31.51 -7.90 -11.34
CA GLN B 254 30.69 -9.11 -11.40
C GLN B 254 31.45 -10.33 -10.88
N GLY B 255 32.78 -10.19 -10.80
CA GLY B 255 33.62 -11.26 -10.28
C GLY B 255 34.53 -11.90 -11.32
N PHE B 256 34.46 -11.37 -12.54
CA PHE B 256 35.28 -11.82 -13.66
C PHE B 256 36.68 -11.21 -13.51
N LYS B 257 37.72 -12.04 -13.34
CA LYS B 257 39.08 -11.53 -13.11
C LYS B 257 39.94 -11.55 -14.37
N PHE B 258 40.81 -10.55 -14.49
CA PHE B 258 41.68 -10.43 -15.67
C PHE B 258 43.19 -10.32 -15.36
N LYS B 259 44.01 -10.96 -16.19
CA LYS B 259 45.44 -10.71 -16.21
C LYS B 259 45.82 -10.21 -17.60
N LEU B 260 45.96 -8.90 -17.74
CA LEU B 260 46.24 -8.29 -19.03
C LEU B 260 47.73 -8.06 -19.23
N ASN B 261 48.13 -7.84 -20.49
CA ASN B 261 49.53 -7.67 -20.79
C ASN B 261 50.28 -8.91 -20.26
N THR B 262 49.70 -10.08 -20.48
CA THR B 262 50.26 -11.32 -19.95
C THR B 262 50.38 -12.39 -21.05
N LYS B 263 51.52 -13.08 -21.05
CA LYS B 263 51.81 -14.14 -22.02
C LYS B 263 51.60 -15.50 -21.39
N VAL B 264 51.09 -16.46 -22.16
CA VAL B 264 50.97 -17.83 -21.65
C VAL B 264 52.09 -18.75 -22.16
N THR B 265 53.14 -18.89 -21.35
CA THR B 265 54.29 -19.75 -21.68
C THR B 265 53.88 -21.12 -22.18
N GLY B 266 52.87 -21.70 -21.51
CA GLY B 266 52.37 -23.01 -21.89
C GLY B 266 51.50 -23.59 -20.81
N ALA B 267 50.81 -24.68 -21.14
CA ALA B 267 49.88 -25.30 -20.21
C ALA B 267 50.39 -26.68 -19.80
N THR B 268 50.29 -26.97 -18.51
CA THR B 268 50.70 -28.27 -17.99
C THR B 268 49.52 -29.00 -17.36
N LYS B 269 49.05 -30.05 -18.01
CA LYS B 269 48.07 -30.95 -17.41
C LYS B 269 48.71 -31.69 -16.23
N LYS B 270 48.07 -31.63 -15.05
CA LYS B 270 48.60 -32.31 -13.86
C LYS B 270 47.89 -33.60 -13.51
N SER B 271 48.38 -34.27 -12.48
CA SER B 271 48.00 -35.63 -12.13
C SER B 271 46.66 -35.73 -11.38
N ASP B 272 46.39 -34.78 -10.50
CA ASP B 272 45.13 -34.80 -9.76
C ASP B 272 43.96 -34.36 -10.63
N GLY B 273 44.21 -34.19 -11.93
CA GLY B 273 43.18 -33.81 -12.88
C GLY B 273 43.23 -32.35 -13.30
N LYS B 274 43.65 -31.49 -12.38
CA LYS B 274 43.68 -30.05 -12.64
C LYS B 274 44.72 -29.69 -13.69
N ILE B 275 44.84 -28.40 -14.00
CA ILE B 275 45.76 -27.95 -15.02
C ILE B 275 46.50 -26.70 -14.60
N ASP B 276 47.84 -26.78 -14.56
CA ASP B 276 48.68 -25.63 -14.26
C ASP B 276 48.94 -24.81 -15.52
N VAL B 277 48.92 -23.50 -15.39
CA VAL B 277 49.10 -22.63 -16.56
C VAL B 277 50.31 -21.74 -16.37
N SER B 278 51.21 -21.77 -17.34
CA SER B 278 52.44 -21.00 -17.24
C SER B 278 52.23 -19.61 -17.85
N ILE B 279 52.45 -18.57 -17.06
CA ILE B 279 52.20 -17.21 -17.52
C ILE B 279 53.32 -16.25 -17.13
N GLU B 280 53.35 -15.07 -17.74
CA GLU B 280 54.46 -14.12 -17.59
C GLU B 280 54.22 -12.87 -18.46
N ALA B 281 54.76 -11.72 -18.04
CA ALA B 281 54.59 -10.49 -18.82
C ALA B 281 55.09 -10.63 -20.27
N GLY B 285 58.85 -9.63 -17.94
CA GLY B 285 58.86 -11.07 -17.76
C GLY B 285 58.90 -11.53 -16.31
N LYS B 286 57.73 -11.59 -15.67
CA LYS B 286 57.64 -12.03 -14.28
C LYS B 286 56.80 -13.31 -14.12
N ALA B 287 57.46 -14.47 -14.17
CA ALA B 287 56.80 -15.77 -14.16
C ALA B 287 55.76 -15.96 -13.05
N GLU B 288 54.88 -16.95 -13.23
CA GLU B 288 53.78 -17.20 -12.30
C GLU B 288 52.91 -18.34 -12.81
N VAL B 289 52.21 -19.03 -11.91
CA VAL B 289 51.39 -20.18 -12.30
C VAL B 289 50.02 -20.22 -11.63
N ILE B 290 48.97 -20.44 -12.44
CA ILE B 290 47.59 -20.58 -11.93
C ILE B 290 46.97 -21.93 -12.33
N THR B 291 46.18 -22.50 -11.43
CA THR B 291 45.58 -23.81 -11.62
C THR B 291 44.07 -23.73 -11.89
N CYS B 292 43.59 -24.51 -12.85
CA CYS B 292 42.17 -24.50 -13.20
C CYS B 292 41.62 -25.89 -13.47
N ASP B 293 40.31 -26.06 -13.26
CA ASP B 293 39.65 -27.33 -13.53
C ASP B 293 39.32 -27.46 -15.00
N VAL B 294 39.17 -26.33 -15.68
CA VAL B 294 38.97 -26.30 -17.12
C VAL B 294 39.71 -25.13 -17.73
N LEU B 295 40.31 -25.36 -18.89
CA LEU B 295 41.05 -24.31 -19.57
C LEU B 295 40.45 -24.11 -20.95
N LEU B 296 40.11 -22.86 -21.28
CA LEU B 296 39.51 -22.55 -22.57
C LEU B 296 40.54 -21.87 -23.44
N VAL B 297 40.73 -22.39 -24.65
CA VAL B 297 41.73 -21.84 -25.54
C VAL B 297 41.07 -21.00 -26.61
N CYS B 298 40.92 -19.72 -26.32
CA CYS B 298 40.18 -18.83 -27.19
C CYS B 298 41.08 -17.72 -27.67
N ILE B 299 42.14 -18.09 -28.38
CA ILE B 299 43.07 -17.08 -28.85
C ILE B 299 42.70 -16.57 -30.23
N GLY B 300 41.81 -17.28 -30.90
CA GLY B 300 41.34 -16.81 -32.19
C GLY B 300 40.97 -17.91 -33.15
N ARG B 301 40.70 -17.51 -34.39
CA ARG B 301 40.21 -18.41 -35.42
C ARG B 301 40.90 -18.06 -36.72
N ARG B 302 40.90 -19.00 -37.66
CA ARG B 302 41.59 -18.81 -38.93
C ARG B 302 40.87 -19.51 -40.07
N PRO B 303 41.08 -19.04 -41.31
CA PRO B 303 40.42 -19.59 -42.49
C PRO B 303 40.76 -21.06 -42.69
N PHE B 304 39.73 -21.87 -42.97
CA PHE B 304 39.91 -23.31 -43.16
C PHE B 304 39.82 -23.65 -44.64
N THR B 305 40.93 -24.16 -45.17
CA THR B 305 41.09 -24.33 -46.60
C THR B 305 41.74 -25.67 -46.92
N LYS B 306 41.71 -26.59 -45.97
CA LYS B 306 42.42 -27.86 -46.11
C LYS B 306 41.86 -28.78 -47.21
N ASN B 307 42.76 -29.36 -47.99
CA ASN B 307 42.38 -30.31 -49.03
C ASN B 307 41.33 -29.77 -49.99
N LEU B 308 41.39 -28.46 -50.25
CA LEU B 308 40.38 -27.81 -51.06
C LEU B 308 40.76 -27.87 -52.53
N GLY B 309 42.07 -27.90 -52.80
CA GLY B 309 42.58 -27.96 -54.16
C GLY B 309 43.03 -26.61 -54.67
N LEU B 310 43.49 -25.77 -53.74
CA LEU B 310 43.96 -24.43 -54.09
C LEU B 310 45.40 -24.47 -54.59
N GLU B 311 46.27 -25.10 -53.81
CA GLU B 311 47.66 -25.30 -54.22
C GLU B 311 47.68 -26.09 -55.51
N GLU B 312 46.73 -27.01 -55.63
CA GLU B 312 46.61 -27.87 -56.80
C GLU B 312 46.01 -27.12 -57.98
N LEU B 313 45.81 -25.82 -57.81
CA LEU B 313 45.11 -25.02 -58.81
C LEU B 313 45.80 -23.70 -59.09
N GLY B 314 46.76 -23.33 -58.24
CA GLY B 314 47.56 -22.13 -58.44
C GLY B 314 47.08 -20.91 -57.68
N ILE B 315 46.39 -21.13 -56.56
CA ILE B 315 45.83 -20.03 -55.77
C ILE B 315 46.64 -19.74 -54.50
N GLU B 316 47.22 -18.54 -54.43
CA GLU B 316 48.15 -18.20 -53.35
C GLU B 316 47.46 -17.50 -52.17
N LEU B 317 47.78 -17.94 -50.95
CA LEU B 317 47.25 -17.35 -49.74
C LEU B 317 48.12 -16.20 -49.24
N ASP B 318 47.66 -15.53 -48.18
CA ASP B 318 48.48 -14.56 -47.45
C ASP B 318 48.98 -15.22 -46.17
N PRO B 319 49.87 -14.52 -45.43
CA PRO B 319 50.54 -15.11 -44.26
C PRO B 319 49.60 -15.76 -43.24
N ARG B 320 48.44 -15.16 -42.99
CA ARG B 320 47.50 -15.73 -42.02
C ARG B 320 46.74 -16.91 -42.64
N GLY B 321 46.49 -16.83 -43.95
CA GLY B 321 45.92 -17.95 -44.67
C GLY B 321 44.60 -17.66 -45.35
N ARG B 322 44.38 -16.40 -45.69
CA ARG B 322 43.13 -16.01 -46.34
C ARG B 322 43.27 -16.05 -47.85
N ILE B 323 42.14 -16.17 -48.55
CA ILE B 323 42.12 -16.21 -50.00
C ILE B 323 41.94 -14.81 -50.58
N PRO B 324 43.03 -14.25 -51.14
CA PRO B 324 42.99 -12.89 -51.68
C PRO B 324 41.93 -12.74 -52.77
N VAL B 325 41.19 -11.63 -52.73
CA VAL B 325 40.15 -11.38 -53.73
C VAL B 325 40.07 -9.89 -54.03
N ASN B 326 39.46 -9.57 -55.16
CA ASN B 326 39.27 -8.18 -55.54
C ASN B 326 37.92 -7.65 -55.05
N THR B 327 37.53 -6.47 -55.50
CA THR B 327 36.30 -5.85 -55.05
C THR B 327 35.03 -6.50 -55.59
N ARG B 328 35.16 -7.72 -56.14
CA ARG B 328 34.00 -8.51 -56.57
C ARG B 328 34.07 -9.89 -55.94
N PHE B 329 35.10 -10.09 -55.13
CA PHE B 329 35.34 -11.32 -54.36
C PHE B 329 35.87 -12.50 -55.19
N GLN B 330 36.32 -12.21 -56.40
CA GLN B 330 36.90 -13.24 -57.27
C GLN B 330 38.41 -13.39 -57.05
N THR B 331 38.88 -14.63 -57.08
CA THR B 331 40.31 -14.92 -56.92
C THR B 331 41.07 -14.65 -58.22
N LYS B 332 42.29 -15.17 -58.31
CA LYS B 332 43.10 -15.02 -59.51
C LYS B 332 42.31 -15.53 -60.70
N ILE B 333 41.55 -16.60 -60.47
CA ILE B 333 40.67 -17.20 -61.48
C ILE B 333 39.29 -16.54 -61.43
N PRO B 334 38.98 -15.68 -62.42
CA PRO B 334 37.82 -14.77 -62.48
C PRO B 334 36.42 -15.41 -62.42
N ASN B 335 36.31 -16.74 -62.34
CA ASN B 335 35.01 -17.36 -62.19
C ASN B 335 34.90 -18.13 -60.87
N ILE B 336 35.96 -18.06 -60.08
CA ILE B 336 35.99 -18.68 -58.76
C ILE B 336 36.14 -17.63 -57.66
N TYR B 337 35.09 -17.44 -56.87
CA TYR B 337 35.06 -16.40 -55.85
C TYR B 337 35.24 -16.96 -54.44
N ALA B 338 35.48 -16.07 -53.48
CA ALA B 338 35.57 -16.46 -52.09
C ALA B 338 34.98 -15.39 -51.15
N ILE B 339 34.40 -15.85 -50.04
CA ILE B 339 33.75 -14.96 -49.07
C ILE B 339 33.74 -15.54 -47.65
N GLY B 340 33.47 -14.66 -46.68
CA GLY B 340 33.29 -15.05 -45.30
C GLY B 340 34.55 -15.02 -44.47
N ASP B 341 34.62 -15.91 -43.48
CA ASP B 341 35.77 -16.01 -42.60
C ASP B 341 37.05 -16.35 -43.37
N VAL B 342 36.86 -17.03 -44.50
CA VAL B 342 37.97 -17.50 -45.30
C VAL B 342 38.63 -16.34 -46.06
N VAL B 343 38.18 -15.13 -45.78
CA VAL B 343 38.74 -13.96 -46.44
C VAL B 343 39.14 -12.85 -45.45
N ALA B 344 39.79 -11.82 -45.97
CA ALA B 344 40.15 -10.65 -45.18
C ALA B 344 38.89 -9.93 -44.69
N GLY B 345 38.98 -9.37 -43.50
CA GLY B 345 37.87 -8.63 -42.92
C GLY B 345 37.44 -9.23 -41.61
N PRO B 346 36.52 -8.56 -40.91
CA PRO B 346 36.10 -9.04 -39.60
C PRO B 346 35.42 -10.39 -39.73
N MET B 347 35.83 -11.34 -38.91
CA MET B 347 35.26 -12.68 -38.94
C MET B 347 33.96 -12.75 -38.15
N LEU B 348 32.91 -12.21 -38.78
CA LEU B 348 31.59 -12.12 -38.19
C LEU B 348 30.57 -12.75 -39.15
N ALA B 349 29.47 -13.24 -38.61
CA ALA B 349 28.46 -13.89 -39.42
C ALA B 349 27.80 -12.94 -40.42
N HIS B 350 27.44 -11.75 -39.97
CA HIS B 350 26.74 -10.83 -40.85
C HIS B 350 27.64 -10.28 -41.93
N LYS B 351 28.95 -10.19 -41.64
CA LYS B 351 29.92 -9.84 -42.66
C LYS B 351 29.91 -10.91 -43.75
N ALA B 352 29.79 -12.17 -43.33
CA ALA B 352 29.83 -13.28 -44.27
C ALA B 352 28.59 -13.28 -45.16
N GLU B 353 27.44 -13.04 -44.51
CA GLU B 353 26.17 -13.07 -45.19
C GLU B 353 26.10 -11.95 -46.21
N ASP B 354 26.47 -10.75 -45.80
CA ASP B 354 26.51 -9.62 -46.73
C ASP B 354 27.37 -9.94 -47.95
N GLU B 355 28.56 -10.48 -47.71
CA GLU B 355 29.49 -10.76 -48.79
C GLU B 355 28.86 -11.73 -49.79
N GLY B 356 28.33 -12.84 -49.28
CA GLY B 356 27.62 -13.78 -50.10
C GLY B 356 26.63 -13.11 -51.04
N ILE B 357 25.87 -12.16 -50.51
CA ILE B 357 24.80 -11.53 -51.27
C ILE B 357 25.34 -10.64 -52.39
N ILE B 358 26.30 -9.78 -52.06
CA ILE B 358 26.79 -8.83 -53.05
C ILE B 358 27.71 -9.52 -54.04
N CYS B 359 28.22 -10.67 -53.62
CA CYS B 359 29.03 -11.46 -54.54
C CYS B 359 28.17 -12.01 -55.67
N VAL B 360 27.10 -12.74 -55.32
CA VAL B 360 26.23 -13.33 -56.34
C VAL B 360 25.55 -12.24 -57.17
N GLU B 361 25.21 -11.12 -56.54
CA GLU B 361 24.65 -10.02 -57.30
C GLU B 361 25.62 -9.60 -58.39
N GLY B 362 26.92 -9.73 -58.11
CA GLY B 362 27.96 -9.32 -59.01
C GLY B 362 28.18 -10.31 -60.14
N MET B 363 28.01 -11.59 -59.84
CA MET B 363 28.01 -12.61 -60.86
C MET B 363 26.92 -12.27 -61.88
N ALA B 364 25.84 -11.67 -61.39
CA ALA B 364 24.68 -11.34 -62.23
C ALA B 364 24.76 -9.95 -62.86
N GLY B 365 25.95 -9.38 -62.89
CA GLY B 365 26.16 -8.12 -63.59
C GLY B 365 25.91 -6.90 -62.74
N GLY B 366 25.70 -7.11 -61.45
CA GLY B 366 25.43 -6.00 -60.55
C GLY B 366 26.68 -5.36 -59.97
N ALA B 367 26.50 -4.26 -59.23
CA ALA B 367 27.60 -3.57 -58.60
C ALA B 367 28.00 -4.25 -57.29
N VAL B 368 29.27 -4.11 -56.91
CA VAL B 368 29.78 -4.75 -55.71
C VAL B 368 30.66 -3.81 -54.86
N HIS B 369 30.17 -3.45 -53.68
CA HIS B 369 30.95 -2.68 -52.72
C HIS B 369 30.53 -2.98 -51.29
N ILE B 370 31.51 -3.19 -50.41
CA ILE B 370 31.27 -3.29 -48.98
C ILE B 370 32.38 -2.63 -48.15
N ASP B 371 32.02 -1.62 -47.39
CA ASP B 371 32.97 -0.94 -46.52
C ASP B 371 32.93 -1.58 -45.14
N TYR B 372 34.04 -2.20 -44.73
CA TYR B 372 34.09 -2.88 -43.43
C TYR B 372 34.02 -1.91 -42.23
N ASN B 373 34.32 -0.64 -42.48
CA ASN B 373 34.13 0.39 -41.45
C ASN B 373 32.65 0.49 -41.04
N CYS B 374 31.77 -0.05 -41.87
CA CYS B 374 30.34 0.02 -41.63
C CYS B 374 29.75 -1.31 -41.12
N VAL B 375 30.63 -2.25 -40.78
CA VAL B 375 30.24 -3.52 -40.17
C VAL B 375 30.31 -3.38 -38.66
N PRO B 376 29.17 -3.53 -37.98
CA PRO B 376 29.06 -3.39 -36.53
C PRO B 376 29.62 -4.59 -35.80
N SER B 377 29.91 -4.43 -34.51
CA SER B 377 30.40 -5.54 -33.70
C SER B 377 29.59 -5.59 -32.43
N VAL B 378 29.41 -6.78 -31.87
CA VAL B 378 28.61 -6.92 -30.67
C VAL B 378 29.16 -7.95 -29.69
N ILE B 379 29.18 -7.58 -28.41
CA ILE B 379 29.47 -8.51 -27.35
C ILE B 379 28.22 -8.71 -26.52
N TYR B 380 27.78 -9.96 -26.35
CA TYR B 380 26.45 -10.23 -25.80
C TYR B 380 26.44 -10.59 -24.33
N THR B 381 27.45 -10.11 -23.61
CA THR B 381 27.45 -10.13 -22.16
C THR B 381 26.39 -9.14 -21.64
N HIS B 382 26.23 -9.10 -20.33
CA HIS B 382 25.43 -8.05 -19.72
C HIS B 382 26.33 -7.31 -18.74
N PRO B 383 26.57 -6.03 -18.99
CA PRO B 383 25.91 -5.26 -20.05
C PRO B 383 26.48 -5.65 -21.38
N GLU B 384 25.76 -5.31 -22.44
CA GLU B 384 26.21 -5.59 -23.79
C GLU B 384 27.20 -4.53 -24.24
N VAL B 385 27.90 -4.81 -25.33
CA VAL B 385 28.78 -3.83 -25.93
C VAL B 385 28.60 -3.91 -27.42
N ALA B 386 28.59 -2.77 -28.09
CA ALA B 386 28.38 -2.77 -29.52
C ALA B 386 28.88 -1.48 -30.13
N TRP B 387 29.35 -1.54 -31.37
CA TRP B 387 29.89 -0.35 -31.99
C TRP B 387 29.96 -0.46 -33.49
N VAL B 388 29.97 0.68 -34.16
CA VAL B 388 30.12 0.68 -35.60
C VAL B 388 30.85 1.94 -36.02
N GLY B 389 31.81 1.81 -36.93
CA GLY B 389 32.59 2.95 -37.35
C GLY B 389 33.88 3.01 -36.56
N LYS B 390 34.40 4.23 -36.37
CA LYS B 390 35.75 4.40 -35.84
C LYS B 390 35.83 4.63 -34.34
N SER B 391 36.74 3.94 -33.68
CA SER B 391 37.09 4.26 -32.29
C SER B 391 37.85 5.60 -32.23
N GLU B 392 38.11 6.09 -31.03
CA GLU B 392 38.89 7.34 -30.90
C GLU B 392 40.31 7.14 -31.46
N GLU B 393 40.98 6.09 -31.01
CA GLU B 393 42.32 5.72 -31.49
C GLU B 393 42.41 5.73 -33.02
N GLN B 394 41.44 5.12 -33.68
CA GLN B 394 41.41 5.10 -35.14
C GLN B 394 41.40 6.52 -35.69
N LEU B 395 40.64 7.40 -35.06
CA LEU B 395 40.50 8.77 -35.56
C LEU B 395 41.78 9.58 -35.37
N LYS B 396 42.49 9.30 -34.27
CA LYS B 396 43.78 9.92 -34.00
C LYS B 396 44.83 9.40 -34.99
N GLU B 397 44.94 8.08 -35.07
CA GLU B 397 45.87 7.41 -35.98
C GLU B 397 45.61 7.74 -37.45
N GLU B 398 44.58 8.53 -37.72
CA GLU B 398 44.28 8.95 -39.09
C GLU B 398 44.26 10.46 -39.19
N GLY B 399 44.51 11.12 -38.07
CA GLY B 399 44.56 12.57 -38.01
C GLY B 399 43.29 13.26 -38.47
N ILE B 400 42.16 12.86 -37.90
CA ILE B 400 40.87 13.49 -38.16
C ILE B 400 40.46 14.37 -36.98
N GLU B 401 39.96 15.57 -37.26
CA GLU B 401 39.51 16.46 -36.20
C GLU B 401 38.07 16.13 -35.82
N TYR B 402 37.84 15.79 -34.55
CA TYR B 402 36.53 15.29 -34.13
C TYR B 402 36.05 15.77 -32.75
N LYS B 403 34.73 15.69 -32.54
CA LYS B 403 34.09 16.05 -31.27
C LYS B 403 33.64 14.80 -30.53
N VAL B 404 33.29 14.94 -29.26
CA VAL B 404 32.84 13.80 -28.48
C VAL B 404 31.60 14.10 -27.66
N GLY B 405 30.54 13.34 -27.92
CA GLY B 405 29.34 13.41 -27.11
C GLY B 405 29.12 12.10 -26.39
N LYS B 406 28.85 12.19 -25.10
CA LYS B 406 28.54 11.01 -24.30
C LYS B 406 27.20 11.18 -23.59
N PHE B 407 26.65 10.06 -23.14
CA PHE B 407 25.45 10.05 -22.33
C PHE B 407 25.39 8.74 -21.57
N PRO B 408 25.16 8.83 -20.26
CA PRO B 408 25.21 7.64 -19.40
C PRO B 408 23.84 7.00 -19.28
N PHE B 409 23.80 5.68 -19.22
CA PHE B 409 22.52 5.01 -19.08
C PHE B 409 21.91 5.26 -17.69
N ALA B 410 22.70 5.76 -16.76
CA ALA B 410 22.13 6.18 -15.47
C ALA B 410 21.10 7.31 -15.62
N ALA B 411 21.15 8.07 -16.71
CA ALA B 411 20.18 9.15 -16.86
C ALA B 411 19.10 8.82 -17.89
N ASN B 412 19.11 7.59 -18.38
CA ASN B 412 18.08 7.13 -19.30
C ASN B 412 16.90 6.52 -18.57
N SER B 413 15.70 7.00 -18.89
CA SER B 413 14.46 6.62 -18.22
C SER B 413 14.18 5.13 -18.28
N ARG B 414 14.29 4.55 -19.47
CA ARG B 414 14.06 3.12 -19.56
C ARG B 414 15.08 2.31 -18.75
N ALA B 415 16.37 2.62 -18.89
CA ALA B 415 17.41 1.93 -18.14
C ALA B 415 17.13 2.09 -16.65
N LYS B 416 16.92 3.33 -16.22
CA LYS B 416 16.69 3.65 -14.81
C LYS B 416 15.45 2.97 -14.23
N THR B 417 14.39 2.88 -15.03
CA THR B 417 13.18 2.22 -14.56
C THR B 417 13.37 0.71 -14.38
N ASN B 418 14.20 0.11 -15.23
CA ASN B 418 14.53 -1.30 -15.02
C ASN B 418 15.68 -1.54 -14.04
N ALA B 419 16.16 -0.49 -13.39
CA ALA B 419 17.30 -0.62 -12.49
C ALA B 419 18.41 -1.40 -13.17
N ASP B 420 18.87 -0.86 -14.29
CA ASP B 420 19.87 -1.52 -15.11
C ASP B 420 20.68 -0.40 -15.72
N THR B 421 21.55 0.21 -14.92
CA THR B 421 22.10 1.52 -15.27
C THR B 421 23.58 1.66 -15.65
N ASP B 422 24.29 0.54 -15.84
CA ASP B 422 25.72 0.60 -16.19
C ASP B 422 25.95 1.03 -17.63
N GLY B 423 27.03 1.78 -17.87
CA GLY B 423 27.44 2.03 -19.24
C GLY B 423 27.05 3.38 -19.76
N MET B 424 27.18 3.56 -21.07
CA MET B 424 27.04 4.88 -21.69
C MET B 424 26.92 4.73 -23.21
N VAL B 425 26.52 5.81 -23.89
CA VAL B 425 26.67 5.84 -25.33
C VAL B 425 27.69 6.92 -25.69
N LYS B 426 28.65 6.57 -26.54
CA LYS B 426 29.64 7.52 -27.04
C LYS B 426 29.50 7.71 -28.56
N ILE B 427 29.31 8.95 -28.97
CA ILE B 427 29.27 9.32 -30.38
C ILE B 427 30.52 10.12 -30.70
N LEU B 428 31.17 9.78 -31.81
CA LEU B 428 32.29 10.56 -32.31
C LEU B 428 31.88 11.26 -33.60
N GLY B 429 31.94 12.58 -33.60
CA GLY B 429 31.53 13.34 -34.76
C GLY B 429 32.68 14.17 -35.31
N GLN B 430 32.53 14.65 -36.52
CA GLN B 430 33.60 15.38 -37.17
C GLN B 430 33.48 16.87 -36.88
N LYS B 431 34.59 17.43 -36.39
CA LYS B 431 34.67 18.80 -35.88
C LYS B 431 34.14 19.80 -36.90
N SER B 432 34.37 19.51 -38.18
CA SER B 432 34.06 20.44 -39.25
C SER B 432 32.63 20.28 -39.74
N THR B 433 32.24 19.05 -40.04
CA THR B 433 30.98 18.79 -40.73
C THR B 433 29.91 18.19 -39.81
N ASP B 434 30.24 18.00 -38.54
CA ASP B 434 29.29 17.44 -37.56
C ASP B 434 28.77 16.08 -37.99
N ARG B 435 29.48 15.43 -38.91
CA ARG B 435 29.09 14.12 -39.40
C ARG B 435 29.47 13.03 -38.40
N VAL B 436 28.62 12.02 -38.24
CA VAL B 436 28.87 10.90 -37.33
C VAL B 436 29.95 9.99 -37.90
N LEU B 437 30.95 9.66 -37.10
CA LEU B 437 32.12 8.89 -37.57
C LEU B 437 32.24 7.54 -36.87
N GLY B 438 31.66 7.47 -35.68
CA GLY B 438 31.70 6.28 -34.85
C GLY B 438 30.62 6.32 -33.79
N ALA B 439 30.08 5.15 -33.46
CA ALA B 439 29.11 5.05 -32.38
C ALA B 439 29.52 3.87 -31.51
N HIS B 440 29.56 4.10 -30.20
CA HIS B 440 30.01 3.07 -29.27
C HIS B 440 29.09 2.99 -28.09
N ILE B 441 28.66 1.78 -27.81
CA ILE B 441 27.62 1.57 -26.82
C ILE B 441 28.01 0.50 -25.84
N LEU B 442 27.94 0.87 -24.57
CA LEU B 442 28.19 -0.05 -23.48
C LEU B 442 26.97 -0.05 -22.57
N GLY B 443 26.37 -1.22 -22.35
CA GLY B 443 25.19 -1.31 -21.51
C GLY B 443 24.01 -2.03 -22.17
N PRO B 444 22.80 -1.86 -21.62
CA PRO B 444 21.61 -2.60 -22.02
C PRO B 444 21.15 -2.28 -23.44
N GLY B 445 20.77 -3.30 -24.21
CA GLY B 445 20.24 -3.10 -25.55
C GLY B 445 21.24 -2.64 -26.59
N ALA B 446 22.52 -2.72 -26.26
CA ALA B 446 23.57 -2.25 -27.17
C ALA B 446 23.55 -2.99 -28.50
N GLY B 447 23.34 -4.30 -28.45
CA GLY B 447 23.24 -5.09 -29.66
C GLY B 447 22.20 -4.59 -30.66
N GLU B 448 20.99 -4.29 -30.18
CA GLU B 448 19.93 -3.83 -31.06
C GLU B 448 20.20 -2.40 -31.46
N MET B 449 20.70 -1.62 -30.50
CA MET B 449 20.86 -0.18 -30.67
C MET B 449 21.86 0.18 -31.77
N VAL B 450 22.91 -0.63 -31.92
CA VAL B 450 23.97 -0.34 -32.88
C VAL B 450 23.43 -0.37 -34.33
N ASN B 451 22.34 -1.08 -34.52
CA ASN B 451 21.76 -1.17 -35.85
C ASN B 451 21.14 0.14 -36.29
N GLU B 452 20.63 0.91 -35.34
CA GLU B 452 20.18 2.26 -35.64
C GLU B 452 21.38 3.14 -36.00
N ALA B 453 22.48 2.96 -35.27
CA ALA B 453 23.71 3.67 -35.55
C ALA B 453 24.20 3.34 -36.97
N ALA B 454 24.14 2.05 -37.31
CA ALA B 454 24.56 1.60 -38.63
C ALA B 454 23.76 2.30 -39.73
N LEU B 455 22.45 2.36 -39.56
CA LEU B 455 21.56 3.01 -40.52
C LEU B 455 21.87 4.49 -40.68
N ALA B 456 22.28 5.12 -39.59
CA ALA B 456 22.63 6.53 -39.63
C ALA B 456 23.93 6.73 -40.44
N LEU B 457 24.94 5.90 -40.21
CA LEU B 457 26.18 6.02 -40.99
C LEU B 457 25.95 5.94 -42.50
N GLU B 458 25.07 5.01 -42.90
CA GLU B 458 24.77 4.80 -44.32
C GLU B 458 24.28 6.08 -44.97
N TYR B 459 23.59 6.89 -44.20
CA TYR B 459 23.04 8.14 -44.73
C TYR B 459 23.97 9.32 -44.49
N GLY B 460 25.14 9.04 -43.94
CA GLY B 460 26.06 10.10 -43.61
C GLY B 460 25.38 11.15 -42.77
N ALA B 461 24.73 10.67 -41.71
CA ALA B 461 23.99 11.54 -40.79
C ALA B 461 24.92 12.40 -39.98
N SER B 462 24.50 13.64 -39.74
CA SER B 462 25.15 14.51 -38.79
C SER B 462 24.60 14.18 -37.41
N CYS B 463 25.37 14.45 -36.37
CA CYS B 463 24.92 14.21 -35.01
C CYS B 463 23.62 14.98 -34.80
N GLU B 464 23.57 16.20 -35.28
CA GLU B 464 22.38 17.03 -35.16
C GLU B 464 21.13 16.38 -35.78
N ASP B 465 21.25 15.77 -36.96
CA ASP B 465 20.11 15.09 -37.59
C ASP B 465 19.52 13.99 -36.69
N ILE B 466 20.39 13.19 -36.11
CA ILE B 466 19.96 12.12 -35.22
C ILE B 466 19.22 12.70 -34.04
N ALA B 467 19.74 13.79 -33.49
CA ALA B 467 19.15 14.38 -32.31
C ALA B 467 17.73 14.90 -32.59
N ARG B 468 17.46 15.19 -33.86
CA ARG B 468 16.17 15.77 -34.21
C ARG B 468 15.15 14.71 -34.68
N VAL B 469 15.58 13.44 -34.74
CA VAL B 469 14.69 12.32 -35.00
C VAL B 469 13.90 11.97 -33.75
N CYS B 470 12.58 12.01 -33.83
CA CYS B 470 11.77 11.73 -32.64
C CYS B 470 11.95 10.26 -32.20
N HIS B 471 12.47 10.03 -30.99
CA HIS B 471 12.61 8.66 -30.48
C HIS B 471 11.58 8.42 -29.41
N ALA B 472 11.02 7.22 -29.36
CA ALA B 472 9.97 6.90 -28.41
C ALA B 472 10.50 7.03 -26.99
N HIS B 473 9.65 7.55 -26.10
CA HIS B 473 9.97 7.63 -24.67
C HIS B 473 8.97 6.75 -23.91
N PRO B 474 9.43 5.95 -22.95
CA PRO B 474 10.83 5.77 -22.55
C PRO B 474 11.52 4.65 -23.34
N THR B 475 12.61 4.93 -24.05
CA THR B 475 13.41 3.84 -24.61
C THR B 475 14.90 4.05 -24.38
N LEU B 476 15.64 2.96 -24.38
CA LEU B 476 17.10 3.00 -24.27
C LEU B 476 17.68 3.83 -25.38
N SER B 477 17.04 3.78 -26.53
CA SER B 477 17.55 4.45 -27.73
C SER B 477 17.70 5.95 -27.52
N GLU B 478 17.02 6.48 -26.51
CA GLU B 478 17.14 7.90 -26.19
C GLU B 478 18.57 8.28 -25.73
N ALA B 479 19.29 7.34 -25.12
CA ALA B 479 20.67 7.62 -24.77
C ALA B 479 21.46 7.92 -26.03
N PHE B 480 21.10 7.24 -27.12
CA PHE B 480 21.77 7.40 -28.39
C PHE B 480 21.39 8.75 -28.98
N ARG B 481 20.13 9.09 -28.85
CA ARG B 481 19.67 10.37 -29.33
C ARG B 481 20.41 11.49 -28.59
N GLU B 482 20.48 11.35 -27.28
CA GLU B 482 21.08 12.36 -26.41
C GLU B 482 22.57 12.48 -26.63
N ALA B 483 23.24 11.34 -26.78
CA ALA B 483 24.68 11.36 -27.00
C ALA B 483 24.98 12.13 -28.26
N ASN B 484 24.14 11.97 -29.28
CA ASN B 484 24.30 12.76 -30.49
C ASN B 484 23.98 14.23 -30.27
N LEU B 485 22.96 14.50 -29.47
CA LEU B 485 22.66 15.90 -29.13
C LEU B 485 23.91 16.56 -28.54
N ALA B 486 24.55 15.86 -27.59
CA ALA B 486 25.72 16.40 -26.86
C ALA B 486 26.91 16.62 -27.78
N ALA B 487 27.15 15.67 -28.68
CA ALA B 487 28.21 15.81 -29.65
C ALA B 487 27.97 17.00 -30.57
N SER B 488 26.73 17.40 -30.75
CA SER B 488 26.41 18.38 -31.76
C SER B 488 26.38 19.82 -31.24
N PHE B 489 25.87 19.97 -30.04
CA PHE B 489 25.48 21.26 -29.49
C PHE B 489 26.40 21.56 -28.32
N GLY B 490 26.90 20.49 -27.70
CA GLY B 490 27.73 20.61 -26.51
C GLY B 490 27.04 20.04 -25.28
N LYS B 491 25.71 20.08 -25.27
CA LYS B 491 24.93 19.64 -24.11
C LYS B 491 23.80 18.69 -24.47
N SER B 492 23.54 17.74 -23.57
CA SER B 492 22.37 16.91 -23.62
C SER B 492 21.27 17.67 -22.89
N ILE B 493 20.05 17.13 -22.89
CA ILE B 493 19.00 17.67 -22.05
C ILE B 493 19.00 17.03 -20.68
N ASN B 494 19.15 15.71 -20.64
CA ASN B 494 18.93 14.96 -19.41
C ASN B 494 20.18 14.62 -18.65
N PHE B 495 21.32 15.15 -19.09
CA PHE B 495 22.54 14.99 -18.32
C PHE B 495 23.37 16.27 -18.28
N GLN C 24 23.49 19.64 56.83
CA GLN C 24 22.27 19.70 56.02
C GLN C 24 21.44 18.40 55.90
N PRO C 25 21.92 17.27 56.47
CA PRO C 25 21.19 16.00 56.35
C PRO C 25 19.72 16.04 56.79
N ILE C 26 18.89 15.21 56.15
CA ILE C 26 17.48 15.10 56.45
C ILE C 26 17.18 13.76 57.12
N ASP C 27 16.16 13.75 57.98
CA ASP C 27 15.69 12.51 58.59
C ASP C 27 14.32 12.09 58.03
N ALA C 28 14.12 10.79 57.88
CA ALA C 28 12.81 10.31 57.42
C ALA C 28 12.50 8.89 57.88
N ASP C 29 11.22 8.52 57.83
CA ASP C 29 10.85 7.14 58.10
C ASP C 29 10.88 6.31 56.83
N VAL C 30 10.42 6.91 55.74
CA VAL C 30 10.36 6.22 54.47
C VAL C 30 10.98 7.08 53.38
N THR C 31 12.00 6.54 52.73
CA THR C 31 12.64 7.22 51.62
C THR C 31 12.35 6.43 50.34
N VAL C 32 11.71 7.08 49.39
CA VAL C 32 11.33 6.45 48.14
C VAL C 32 12.27 6.90 47.03
N ILE C 33 12.92 5.95 46.37
CA ILE C 33 13.76 6.31 45.22
C ILE C 33 13.04 6.11 43.90
N GLY C 34 12.69 7.22 43.24
CA GLY C 34 11.92 7.20 42.01
C GLY C 34 10.51 7.72 42.18
N SER C 35 10.00 8.44 41.19
CA SER C 35 8.67 9.06 41.29
C SER C 35 7.73 8.73 40.11
N GLY C 36 7.79 7.51 39.62
CA GLY C 36 6.80 7.03 38.68
C GLY C 36 5.61 6.50 39.44
N PRO C 37 4.64 5.91 38.71
CA PRO C 37 3.43 5.35 39.34
C PRO C 37 3.70 4.64 40.68
N GLY C 38 4.72 3.80 40.75
CA GLY C 38 4.95 3.09 41.99
C GLY C 38 5.43 4.00 43.11
N GLY C 39 6.46 4.80 42.83
CA GLY C 39 7.10 5.61 43.85
C GLY C 39 6.29 6.82 44.32
N TYR C 40 5.72 7.56 43.38
CA TYR C 40 4.96 8.75 43.75
C TYR C 40 3.67 8.40 44.48
N VAL C 41 3.02 7.30 44.11
CA VAL C 41 1.85 6.79 44.82
C VAL C 41 2.28 6.22 46.18
N ALA C 42 3.31 5.39 46.20
CA ALA C 42 3.77 4.82 47.47
C ALA C 42 4.19 5.92 48.45
N ALA C 43 4.75 7.01 47.93
CA ALA C 43 5.18 8.12 48.76
C ALA C 43 4.01 8.85 49.41
N ILE C 44 2.99 9.15 48.61
CA ILE C 44 1.80 9.81 49.12
C ILE C 44 1.14 8.93 50.15
N LYS C 45 1.09 7.64 49.88
CA LYS C 45 0.48 6.72 50.83
C LYS C 45 1.21 6.75 52.16
N ALA C 46 2.54 6.68 52.10
CA ALA C 46 3.36 6.60 53.31
C ALA C 46 3.12 7.84 54.18
N ALA C 47 3.08 9.00 53.52
CA ALA C 47 2.76 10.27 54.18
C ALA C 47 1.37 10.24 54.81
N GLN C 48 0.35 9.91 54.00
CA GLN C 48 -1.02 9.89 54.49
C GLN C 48 -1.14 8.98 55.71
N LEU C 49 -0.28 7.97 55.76
CA LEU C 49 -0.27 7.02 56.87
C LEU C 49 0.52 7.50 58.10
N GLY C 50 1.19 8.64 57.99
CA GLY C 50 1.92 9.18 59.12
C GLY C 50 3.44 9.08 59.10
N PHE C 51 3.98 8.38 58.11
CA PHE C 51 5.42 8.30 57.93
C PHE C 51 5.99 9.64 57.44
N LYS C 52 7.10 10.08 58.05
CA LYS C 52 7.84 11.20 57.49
C LYS C 52 8.46 10.69 56.19
N THR C 53 8.18 11.36 55.08
CA THR C 53 8.43 10.70 53.81
C THR C 53 9.19 11.56 52.85
N VAL C 54 10.14 10.95 52.16
CA VAL C 54 10.92 11.66 51.18
C VAL C 54 10.84 10.95 49.86
N CYS C 55 10.72 11.70 48.79
CA CYS C 55 10.80 11.08 47.48
C CYS C 55 11.94 11.68 46.69
N ILE C 56 12.84 10.82 46.21
CA ILE C 56 13.97 11.26 45.41
C ILE C 56 13.72 10.99 43.95
N GLU C 57 14.04 11.96 43.09
CA GLU C 57 13.86 11.76 41.66
C GLU C 57 14.96 12.49 40.92
N LYS C 58 15.51 11.83 39.91
CA LYS C 58 16.68 12.33 39.19
C LYS C 58 16.35 13.17 37.97
N ASN C 59 15.17 12.96 37.39
CA ASN C 59 14.79 13.67 36.18
C ASN C 59 14.24 15.05 36.53
N GLU C 60 14.04 15.92 35.55
CA GLU C 60 13.55 17.26 35.87
C GLU C 60 12.06 17.30 36.21
N THR C 61 11.33 16.22 35.92
CA THR C 61 9.92 16.15 36.29
C THR C 61 9.65 14.88 37.07
N LEU C 62 8.61 14.92 37.88
CA LEU C 62 8.11 13.71 38.53
C LEU C 62 7.23 12.90 37.57
N GLY C 63 6.93 11.66 37.95
CA GLY C 63 5.94 10.89 37.23
C GLY C 63 6.51 9.72 36.45
N GLY C 64 7.83 9.67 36.34
CA GLY C 64 8.49 8.47 35.83
C GLY C 64 8.22 8.20 34.36
N THR C 65 8.27 6.91 34.01
CA THR C 65 8.14 6.48 32.63
C THR C 65 6.71 6.70 32.09
N CYS C 66 5.73 6.28 32.89
CA CYS C 66 4.33 6.40 32.51
C CYS C 66 3.89 7.82 32.08
N LEU C 67 4.09 8.81 32.94
CA LEU C 67 3.58 10.15 32.68
C LEU C 67 4.41 10.92 31.65
N ASN C 68 5.72 10.71 31.68
CA ASN C 68 6.63 11.47 30.82
C ASN C 68 6.88 10.90 29.41
N VAL C 69 7.08 9.58 29.31
CA VAL C 69 7.44 8.98 28.02
C VAL C 69 6.67 7.66 27.76
N GLY C 70 5.59 7.44 28.51
CA GLY C 70 4.85 6.19 28.43
C GLY C 70 3.35 6.34 28.20
N CYS C 71 2.54 5.82 29.15
CA CYS C 71 1.08 5.84 29.13
C CYS C 71 0.47 7.14 28.60
N ILE C 72 0.84 8.25 29.21
CA ILE C 72 0.16 9.52 28.95
C ILE C 72 0.39 10.08 27.54
N PRO C 73 1.65 10.26 27.14
CA PRO C 73 1.85 10.75 25.77
C PRO C 73 1.29 9.79 24.73
N SER C 74 1.39 8.48 24.95
CA SER C 74 0.92 7.56 23.91
C SER C 74 -0.61 7.56 23.79
N LYS C 75 -1.31 7.55 24.92
CA LYS C 75 -2.76 7.69 24.90
C LYS C 75 -3.20 9.00 24.22
N ALA C 76 -2.50 10.10 24.49
CA ALA C 76 -2.86 11.34 23.83
C ALA C 76 -2.75 11.24 22.32
N LEU C 77 -1.65 10.69 21.81
CA LEU C 77 -1.50 10.50 20.36
C LEU C 77 -2.44 9.45 19.78
N LEU C 78 -2.76 8.45 20.57
CA LEU C 78 -3.75 7.48 20.14
C LEU C 78 -5.08 8.23 19.97
N ASN C 79 -5.40 9.09 20.93
CA ASN C 79 -6.60 9.91 20.88
C ASN C 79 -6.63 10.78 19.63
N ASN C 80 -5.59 11.60 19.50
CA ASN C 80 -5.59 12.61 18.45
C ASN C 80 -5.60 11.95 17.07
N SER C 81 -4.82 10.88 16.93
CA SER C 81 -4.69 10.24 15.63
C SER C 81 -5.97 9.51 15.31
N HIS C 82 -6.69 9.07 16.35
CA HIS C 82 -7.99 8.46 16.08
C HIS C 82 -8.99 9.49 15.55
N TYR C 83 -9.01 10.67 16.16
CA TYR C 83 -9.87 11.74 15.68
C TYR C 83 -9.46 12.22 14.30
N TYR C 84 -8.15 12.26 14.03
CA TYR C 84 -7.67 12.64 12.71
C TYR C 84 -8.19 11.63 11.71
N HIS C 85 -8.34 10.39 12.14
CA HIS C 85 -8.76 9.35 11.22
C HIS C 85 -10.25 9.46 10.93
N MET C 86 -11.04 9.62 11.98
CA MET C 86 -12.46 9.87 11.82
C MET C 86 -12.73 11.04 10.86
N ALA C 87 -12.05 12.17 11.07
CA ALA C 87 -12.26 13.35 10.23
C ALA C 87 -11.88 13.08 8.77
N HIS C 88 -10.69 12.53 8.59
CA HIS C 88 -10.10 12.39 7.28
C HIS C 88 -10.82 11.33 6.46
N GLY C 89 -11.59 10.50 7.16
CA GLY C 89 -12.14 9.30 6.56
C GLY C 89 -13.58 9.43 6.14
N LYS C 90 -14.23 8.30 5.92
CA LYS C 90 -15.60 8.33 5.44
C LYS C 90 -16.61 8.24 6.59
N ASP C 91 -16.10 8.21 7.83
CA ASP C 91 -16.94 8.09 9.02
C ASP C 91 -17.77 9.35 9.28
N PHE C 92 -17.09 10.49 9.32
CA PHE C 92 -17.79 11.74 9.53
C PHE C 92 -18.77 12.06 8.41
N ALA C 93 -18.34 11.91 7.16
CA ALA C 93 -19.22 12.16 6.02
C ALA C 93 -20.56 11.41 6.18
N SER C 94 -20.49 10.14 6.55
CA SER C 94 -21.67 9.31 6.68
C SER C 94 -22.61 9.78 7.78
N ARG C 95 -22.07 10.55 8.74
CA ARG C 95 -22.87 11.09 9.84
C ARG C 95 -23.35 12.48 9.50
N GLY C 96 -23.02 12.92 8.29
CA GLY C 96 -23.41 14.24 7.84
C GLY C 96 -22.52 15.35 8.32
N ILE C 97 -21.29 15.01 8.72
CA ILE C 97 -20.30 16.03 9.05
C ILE C 97 -19.35 16.16 7.87
N GLU C 98 -19.49 17.25 7.12
CA GLU C 98 -18.74 17.45 5.89
C GLU C 98 -17.65 18.50 6.02
N MET C 99 -16.41 18.10 5.73
CA MET C 99 -15.27 19.01 5.73
C MET C 99 -14.60 19.01 4.38
N SER C 100 -14.29 20.21 3.91
CA SER C 100 -13.64 20.40 2.61
C SER C 100 -12.21 19.85 2.56
N GLU C 101 -11.38 20.18 3.55
CA GLU C 101 -9.95 19.85 3.43
C GLU C 101 -9.28 19.51 4.75
N VAL C 102 -9.28 18.24 5.11
CA VAL C 102 -8.68 17.81 6.37
C VAL C 102 -7.16 17.77 6.26
N ARG C 103 -6.50 18.58 7.07
CA ARG C 103 -5.05 18.62 7.09
C ARG C 103 -4.47 18.34 8.48
N LEU C 104 -3.31 17.68 8.50
CA LEU C 104 -2.61 17.38 9.74
C LEU C 104 -1.59 18.44 10.09
N ASN C 105 -1.73 19.02 11.26
CA ASN C 105 -0.72 19.91 11.79
C ASN C 105 -0.02 19.13 12.88
N LEU C 106 1.13 18.54 12.55
CA LEU C 106 1.76 17.62 13.50
C LEU C 106 2.28 18.34 14.74
N ASP C 107 2.79 19.54 14.55
CA ASP C 107 3.29 20.34 15.67
C ASP C 107 2.20 20.62 16.70
N LYS C 108 0.98 20.84 16.23
CA LYS C 108 -0.11 21.18 17.12
C LYS C 108 -0.51 19.90 17.86
N MET C 109 -0.64 18.80 17.12
CA MET C 109 -0.91 17.50 17.73
C MET C 109 0.10 17.21 18.84
N MET C 110 1.38 17.38 18.54
CA MET C 110 2.43 17.16 19.55
C MET C 110 2.27 18.08 20.76
N GLU C 111 1.86 19.32 20.50
CA GLU C 111 1.75 20.28 21.58
C GLU C 111 0.55 19.91 22.46
N GLN C 112 -0.49 19.33 21.86
CA GLN C 112 -1.64 18.94 22.68
C GLN C 112 -1.19 17.82 23.61
N LYS C 113 -0.40 16.90 23.05
CA LYS C 113 0.19 15.81 23.83
C LYS C 113 1.06 16.37 24.97
N SER C 114 1.99 17.25 24.62
CA SER C 114 2.90 17.87 25.60
C SER C 114 2.16 18.57 26.75
N THR C 115 1.00 19.15 26.43
CA THR C 115 0.19 19.87 27.39
C THR C 115 -0.39 18.96 28.48
N ALA C 116 -0.88 17.80 28.05
CA ALA C 116 -1.38 16.79 28.98
C ALA C 116 -0.29 16.32 29.94
N VAL C 117 0.86 16.00 29.37
CA VAL C 117 2.01 15.56 30.17
C VAL C 117 2.40 16.60 31.22
N LYS C 118 2.49 17.85 30.80
CA LYS C 118 2.89 18.92 31.71
C LYS C 118 1.90 19.09 32.86
N ALA C 119 0.61 18.99 32.58
CA ALA C 119 -0.38 19.24 33.62
C ALA C 119 -0.32 18.15 34.69
N LEU C 120 -0.26 16.90 34.24
CA LEU C 120 -0.21 15.79 35.18
C LEU C 120 1.10 15.73 35.95
N THR C 121 2.21 16.10 35.32
CA THR C 121 3.47 16.10 36.06
C THR C 121 3.44 17.17 37.15
N GLY C 122 2.97 18.35 36.79
CA GLY C 122 2.84 19.40 37.78
C GLY C 122 1.91 18.96 38.89
N GLY C 123 0.90 18.18 38.51
CA GLY C 123 -0.08 17.68 39.47
C GLY C 123 0.54 16.84 40.57
N ILE C 124 1.55 16.06 40.21
CA ILE C 124 2.23 15.27 41.22
C ILE C 124 2.97 16.15 42.24
N ALA C 125 3.62 17.20 41.75
CA ALA C 125 4.34 18.12 42.64
C ALA C 125 3.33 18.71 43.62
N HIS C 126 2.21 19.19 43.10
CA HIS C 126 1.14 19.68 43.95
C HIS C 126 0.70 18.64 45.01
N LEU C 127 0.65 17.37 44.62
CA LEU C 127 0.25 16.31 45.54
C LEU C 127 1.31 16.06 46.62
N PHE C 128 2.59 16.07 46.25
CA PHE C 128 3.65 15.92 47.26
C PHE C 128 3.53 17.05 48.27
N LYS C 129 3.28 18.27 47.78
CA LYS C 129 3.20 19.41 48.69
C LYS C 129 2.01 19.21 49.64
N GLN C 130 0.83 19.00 49.07
CA GLN C 130 -0.40 18.83 49.83
C GLN C 130 -0.26 17.74 50.89
N ASN C 131 0.52 16.72 50.57
CA ASN C 131 0.71 15.60 51.49
C ASN C 131 2.01 15.68 52.31
N LYS C 132 2.82 16.71 52.04
CA LYS C 132 4.01 16.96 52.86
C LYS C 132 5.11 15.95 52.59
N VAL C 133 5.07 15.37 51.40
CA VAL C 133 6.16 14.56 50.92
C VAL C 133 7.30 15.48 50.55
N VAL C 134 8.48 15.25 51.09
CA VAL C 134 9.66 16.06 50.75
C VAL C 134 10.25 15.59 49.42
N HIS C 135 10.29 16.47 48.43
CA HIS C 135 10.84 16.12 47.12
C HIS C 135 12.32 16.50 47.01
N VAL C 136 13.15 15.49 46.79
CA VAL C 136 14.58 15.68 46.62
C VAL C 136 14.98 15.38 45.18
N ASN C 137 15.47 16.40 44.47
CA ASN C 137 15.93 16.23 43.10
C ASN C 137 17.38 15.75 43.11
N GLY C 138 17.65 14.61 42.50
CA GLY C 138 19.00 14.11 42.43
C GLY C 138 19.02 12.63 42.16
N TYR C 139 20.23 12.10 41.91
CA TYR C 139 20.41 10.70 41.62
C TYR C 139 20.66 9.98 42.94
N GLY C 140 19.67 9.22 43.38
CA GLY C 140 19.74 8.55 44.67
C GLY C 140 20.67 7.36 44.62
N LYS C 141 21.52 7.26 45.64
CA LYS C 141 22.31 6.06 45.79
C LYS C 141 22.23 5.57 47.23
N ILE C 142 22.03 4.27 47.40
CA ILE C 142 21.95 3.72 48.75
C ILE C 142 23.38 3.62 49.24
N THR C 143 23.68 4.44 50.25
CA THR C 143 25.03 4.56 50.80
C THR C 143 25.16 3.86 52.17
N GLY C 144 24.02 3.48 52.76
CA GLY C 144 24.03 2.72 54.00
C GLY C 144 22.72 1.99 54.21
N LYS C 145 22.69 0.99 55.08
CA LYS C 145 21.45 0.23 55.34
C LYS C 145 20.31 1.16 55.68
N ASN C 146 20.66 2.30 56.28
CA ASN C 146 19.68 3.34 56.61
C ASN C 146 20.03 4.68 55.98
N GLN C 147 20.69 4.65 54.85
CA GLN C 147 21.13 5.90 54.25
C GLN C 147 21.04 5.96 52.74
N VAL C 148 20.49 7.07 52.24
CA VAL C 148 20.46 7.31 50.79
C VAL C 148 21.08 8.66 50.48
N THR C 149 21.92 8.70 49.46
CA THR C 149 22.59 9.94 49.09
C THR C 149 22.19 10.41 47.71
N ALA C 150 21.64 11.62 47.64
CA ALA C 150 21.16 12.18 46.40
C ALA C 150 22.20 13.12 45.80
N THR C 151 22.69 12.80 44.62
CA THR C 151 23.62 13.69 43.95
C THR C 151 23.01 14.45 42.79
N LYS C 152 22.87 15.76 42.95
CA LYS C 152 22.34 16.62 41.88
C LYS C 152 23.33 16.72 40.73
N ALA C 153 22.82 17.14 39.56
CA ALA C 153 23.63 17.25 38.35
C ALA C 153 24.92 18.04 38.58
N ASP C 154 24.82 19.05 39.44
CA ASP C 154 25.94 19.94 39.69
C ASP C 154 26.88 19.38 40.75
N GLY C 155 26.77 18.08 41.05
CA GLY C 155 27.64 17.48 42.05
C GLY C 155 27.24 17.80 43.47
N GLY C 156 26.41 18.82 43.65
CA GLY C 156 25.80 19.06 44.96
C GLY C 156 25.14 17.79 45.48
N THR C 157 25.11 17.64 46.80
CA THR C 157 24.76 16.37 47.40
C THR C 157 23.74 16.56 48.51
N GLN C 158 22.92 15.53 48.76
CA GLN C 158 21.93 15.58 49.83
C GLN C 158 21.76 14.23 50.52
N VAL C 159 22.04 14.20 51.80
CA VAL C 159 22.03 12.97 52.57
C VAL C 159 20.71 12.80 53.29
N ILE C 160 20.18 11.58 53.25
CA ILE C 160 18.93 11.27 53.93
C ILE C 160 19.12 10.05 54.83
N ASP C 161 18.85 10.24 56.13
CA ASP C 161 18.92 9.14 57.08
C ASP C 161 17.53 8.62 57.33
N THR C 162 17.35 7.32 57.12
CA THR C 162 16.00 6.79 56.94
C THR C 162 15.82 5.40 57.56
N LYS C 163 14.69 5.17 58.21
CA LYS C 163 14.41 3.84 58.75
C LYS C 163 14.19 2.85 57.62
N ASN C 164 13.39 3.24 56.63
CA ASN C 164 13.06 2.38 55.51
C ASN C 164 13.37 2.98 54.15
N ILE C 165 13.78 2.12 53.23
CA ILE C 165 14.05 2.54 51.87
C ILE C 165 13.16 1.77 50.89
N LEU C 166 12.33 2.50 50.14
CA LEU C 166 11.53 1.88 49.07
C LEU C 166 12.11 2.22 47.71
N ILE C 167 12.70 1.21 47.07
CA ILE C 167 13.27 1.34 45.74
C ILE C 167 12.19 1.18 44.68
N ALA C 168 12.03 2.21 43.85
CA ALA C 168 11.04 2.17 42.78
C ALA C 168 11.64 2.83 41.56
N THR C 169 12.70 2.22 41.01
CA THR C 169 13.55 2.90 40.06
C THR C 169 13.19 2.60 38.63
N GLY C 170 12.19 1.73 38.49
CA GLY C 170 11.49 1.60 37.24
C GLY C 170 12.24 0.79 36.21
N SER C 171 12.14 1.22 34.97
CA SER C 171 12.70 0.45 33.88
C SER C 171 13.30 1.38 32.84
N GLU C 172 13.93 0.79 31.83
CA GLU C 172 14.43 1.54 30.69
C GLU C 172 14.19 0.66 29.49
N VAL C 173 14.39 1.20 28.31
CA VAL C 173 14.25 0.44 27.07
C VAL C 173 15.24 -0.73 27.02
N THR C 174 14.75 -1.89 26.61
CA THR C 174 15.60 -3.02 26.32
C THR C 174 16.18 -2.87 24.93
N PRO C 175 17.50 -2.68 24.84
CA PRO C 175 18.14 -2.51 23.54
C PRO C 175 18.11 -3.81 22.74
N PHE C 176 18.01 -3.66 21.42
CA PHE C 176 18.13 -4.77 20.50
C PHE C 176 19.60 -4.89 20.02
N PRO C 177 20.22 -6.07 20.22
CA PRO C 177 21.67 -6.17 20.00
C PRO C 177 22.08 -5.84 18.57
N GLY C 178 23.05 -4.94 18.43
CA GLY C 178 23.58 -4.59 17.12
C GLY C 178 22.80 -3.50 16.41
N ILE C 179 21.62 -3.17 16.95
CA ILE C 179 20.83 -2.08 16.39
C ILE C 179 20.86 -0.97 17.42
N THR C 180 21.57 0.11 17.12
CA THR C 180 21.80 1.08 18.17
C THR C 180 20.90 2.29 18.00
N ILE C 181 20.05 2.51 18.99
CA ILE C 181 19.10 3.62 19.01
C ILE C 181 19.79 5.00 19.06
N ASP C 182 19.37 5.91 18.19
CA ASP C 182 19.83 7.29 18.26
C ASP C 182 18.70 8.34 18.42
N GLU C 183 17.46 7.86 18.58
CA GLU C 183 16.28 8.73 18.69
C GLU C 183 16.18 9.75 17.57
N ASP C 184 16.74 9.41 16.41
CA ASP C 184 16.53 10.19 15.19
C ASP C 184 15.75 9.32 14.19
N THR C 185 16.43 8.38 13.55
CA THR C 185 15.78 7.49 12.62
C THR C 185 15.65 6.10 13.21
N ILE C 186 16.46 5.82 14.21
CA ILE C 186 16.34 4.56 14.93
C ILE C 186 15.95 4.87 16.36
N VAL C 187 14.70 4.61 16.69
CA VAL C 187 14.11 5.18 17.89
C VAL C 187 13.61 4.13 18.87
N SER C 188 13.57 4.50 20.15
CA SER C 188 12.74 3.78 21.11
C SER C 188 11.34 4.40 21.11
N SER C 189 10.52 3.98 22.07
CA SER C 189 9.19 4.54 22.22
C SER C 189 9.29 6.03 22.50
N THR C 190 10.31 6.45 23.23
CA THR C 190 10.50 7.87 23.52
C THR C 190 10.65 8.69 22.23
N GLY C 191 11.49 8.24 21.31
CA GLY C 191 11.63 8.91 20.03
C GLY C 191 10.40 8.83 19.13
N ALA C 192 9.69 7.70 19.20
CA ALA C 192 8.48 7.46 18.40
C ALA C 192 7.31 8.34 18.84
N LEU C 193 7.36 8.81 20.08
CA LEU C 193 6.34 9.72 20.59
C LEU C 193 6.58 11.17 20.16
N SER C 194 7.78 11.48 19.68
CA SER C 194 8.08 12.86 19.28
C SER C 194 8.66 13.02 17.88
N LEU C 195 8.45 12.02 17.01
CA LEU C 195 8.92 12.14 15.62
C LEU C 195 8.52 13.49 15.03
N LYS C 196 9.42 14.06 14.24
CA LYS C 196 9.23 15.41 13.69
C LYS C 196 8.32 15.44 12.47
N LYS C 197 8.24 14.35 11.74
CA LYS C 197 7.30 14.22 10.63
C LYS C 197 6.78 12.80 10.55
N VAL C 198 5.71 12.61 9.78
CA VAL C 198 5.18 11.28 9.53
C VAL C 198 6.15 10.54 8.59
N PRO C 199 6.83 9.53 9.13
CA PRO C 199 7.70 8.74 8.25
C PRO C 199 6.88 8.14 7.10
N GLU C 200 7.43 8.12 5.89
CA GLU C 200 6.76 7.45 4.78
C GLU C 200 6.60 5.97 5.12
N LYS C 201 7.68 5.39 5.63
CA LYS C 201 7.65 3.99 6.00
C LYS C 201 8.35 3.72 7.33
N MET C 202 7.65 3.02 8.21
CA MET C 202 8.15 2.70 9.53
C MET C 202 8.11 1.19 9.70
N VAL C 203 9.14 0.65 10.34
CA VAL C 203 9.12 -0.75 10.75
C VAL C 203 9.19 -0.79 12.28
N VAL C 204 8.36 -1.63 12.88
CA VAL C 204 8.39 -1.83 14.31
C VAL C 204 8.88 -3.23 14.66
N ILE C 205 9.91 -3.31 15.49
CA ILE C 205 10.36 -4.61 15.98
C ILE C 205 9.60 -4.90 17.28
N GLY C 206 8.78 -5.95 17.27
CA GLY C 206 7.88 -6.25 18.37
C GLY C 206 6.42 -5.86 18.07
N ALA C 207 5.52 -6.84 18.09
CA ALA C 207 4.09 -6.60 17.92
C ALA C 207 3.37 -6.85 19.24
N GLY C 208 3.94 -6.32 20.32
CA GLY C 208 3.29 -6.37 21.62
C GLY C 208 2.38 -5.17 21.81
N VAL C 209 1.86 -5.03 23.02
CA VAL C 209 0.94 -3.94 23.32
C VAL C 209 1.46 -2.61 22.79
N ILE C 210 2.70 -2.30 23.12
CA ILE C 210 3.24 -0.97 22.87
C ILE C 210 3.63 -0.71 21.41
N GLY C 211 4.15 -1.74 20.74
CA GLY C 211 4.45 -1.63 19.32
C GLY C 211 3.19 -1.49 18.48
N VAL C 212 2.13 -2.15 18.90
CA VAL C 212 0.87 -2.08 18.18
C VAL C 212 0.28 -0.68 18.33
N GLU C 213 0.29 -0.14 19.55
CA GLU C 213 -0.23 1.21 19.80
C GLU C 213 0.51 2.26 19.01
N LEU C 214 1.84 2.26 19.10
CA LEU C 214 2.63 3.31 18.47
C LEU C 214 2.58 3.22 16.95
N GLY C 215 2.64 2.00 16.46
CA GLY C 215 2.55 1.81 15.03
C GLY C 215 1.18 2.23 14.54
N SER C 216 0.16 1.97 15.35
CA SER C 216 -1.17 2.36 14.94
C SER C 216 -1.29 3.88 14.85
N VAL C 217 -0.65 4.60 15.78
CA VAL C 217 -0.67 6.05 15.74
C VAL C 217 -0.18 6.56 14.38
N TRP C 218 1.02 6.13 13.99
CA TRP C 218 1.64 6.67 12.77
C TRP C 218 1.03 6.13 11.48
N GLN C 219 0.51 4.91 11.53
CA GLN C 219 -0.27 4.36 10.43
C GLN C 219 -1.52 5.24 10.21
N ARG C 220 -2.19 5.66 11.29
CA ARG C 220 -3.32 6.57 11.17
C ARG C 220 -2.88 7.92 10.61
N LEU C 221 -1.68 8.38 10.95
CA LEU C 221 -1.25 9.68 10.45
C LEU C 221 -0.67 9.63 9.03
N GLY C 222 -0.63 8.45 8.44
CA GLY C 222 -0.17 8.33 7.06
C GLY C 222 1.04 7.43 6.79
N ALA C 223 1.70 6.92 7.82
CA ALA C 223 2.88 6.09 7.56
C ALA C 223 2.48 4.69 7.11
N ASP C 224 3.26 4.13 6.20
CA ASP C 224 3.20 2.71 5.90
C ASP C 224 3.95 2.01 7.06
N VAL C 225 3.22 1.22 7.84
CA VAL C 225 3.81 0.62 9.01
C VAL C 225 3.78 -0.88 8.96
N THR C 226 4.87 -1.51 9.37
CA THR C 226 4.91 -2.95 9.51
C THR C 226 5.52 -3.32 10.85
N ALA C 227 4.85 -4.19 11.59
CA ALA C 227 5.40 -4.72 12.83
C ALA C 227 6.00 -6.10 12.58
N VAL C 228 7.17 -6.34 13.16
CA VAL C 228 7.91 -7.59 12.98
C VAL C 228 8.08 -8.30 14.31
N GLU C 229 7.54 -9.51 14.40
CA GLU C 229 7.44 -10.18 15.68
C GLU C 229 7.91 -11.63 15.63
N PHE C 230 8.68 -12.01 16.64
CA PHE C 230 9.23 -13.36 16.72
C PHE C 230 8.15 -14.37 17.11
N LEU C 231 7.31 -14.00 18.08
CA LEU C 231 6.16 -14.80 18.45
C LEU C 231 5.23 -14.96 17.25
N GLY C 232 4.28 -15.88 17.36
CA GLY C 232 3.36 -16.15 16.28
C GLY C 232 2.05 -15.38 16.34
N HIS C 233 1.97 -14.36 17.18
CA HIS C 233 0.73 -13.59 17.33
C HIS C 233 0.99 -12.15 17.75
N VAL C 234 0.07 -11.24 17.46
CA VAL C 234 0.25 -9.84 17.86
C VAL C 234 -0.41 -9.59 19.22
N GLY C 235 0.13 -8.62 19.95
CA GLY C 235 -0.53 -8.18 21.18
C GLY C 235 0.12 -8.63 22.48
N GLY C 236 1.28 -9.27 22.36
CA GLY C 236 2.15 -9.49 23.50
C GLY C 236 1.91 -10.77 24.28
N VAL C 237 2.36 -10.77 25.52
CA VAL C 237 2.31 -11.96 26.35
C VAL C 237 1.03 -12.00 27.18
N GLY C 238 0.32 -13.12 27.13
CA GLY C 238 -0.87 -13.32 27.96
C GLY C 238 -2.21 -13.09 27.27
N ILE C 239 -2.19 -12.52 26.07
CA ILE C 239 -3.43 -12.25 25.35
C ILE C 239 -4.07 -13.54 24.82
N ASP C 240 -5.38 -13.68 25.01
CA ASP C 240 -6.11 -14.83 24.44
C ASP C 240 -5.86 -14.93 22.94
N MET C 241 -5.59 -16.15 22.46
CA MET C 241 -5.26 -16.36 21.05
C MET C 241 -6.36 -15.97 20.07
N GLU C 242 -7.57 -16.43 20.33
CA GLU C 242 -8.69 -16.07 19.48
C GLU C 242 -8.85 -14.56 19.40
N ILE C 243 -8.89 -13.91 20.56
CA ILE C 243 -8.95 -12.45 20.62
C ILE C 243 -7.84 -11.82 19.78
N SER C 244 -6.64 -12.36 19.90
CA SER C 244 -5.46 -11.83 19.22
C SER C 244 -5.56 -11.98 17.69
N LYS C 245 -6.07 -13.12 17.22
CA LYS C 245 -6.24 -13.36 15.78
C LYS C 245 -7.28 -12.43 15.15
N ASN C 246 -8.41 -12.28 15.83
CA ASN C 246 -9.44 -11.37 15.35
C ASN C 246 -8.93 -9.94 15.38
N PHE C 247 -8.21 -9.62 16.46
CA PHE C 247 -7.55 -8.32 16.62
C PHE C 247 -6.61 -8.04 15.46
N GLN C 248 -5.81 -9.03 15.09
CA GLN C 248 -4.87 -8.84 13.99
C GLN C 248 -5.61 -8.63 12.67
N ARG C 249 -6.64 -9.43 12.45
CA ARG C 249 -7.45 -9.31 11.25
C ARG C 249 -7.92 -7.86 11.08
N ILE C 250 -8.52 -7.33 12.14
CA ILE C 250 -9.03 -5.96 12.15
C ILE C 250 -7.96 -4.89 11.91
N LEU C 251 -6.76 -5.09 12.45
CA LEU C 251 -5.68 -4.12 12.24
C LEU C 251 -5.15 -4.18 10.82
N GLN C 252 -5.13 -5.38 10.26
CA GLN C 252 -4.68 -5.54 8.87
C GLN C 252 -5.63 -4.85 7.89
N LYS C 253 -6.92 -4.99 8.15
CA LYS C 253 -7.92 -4.31 7.33
C LYS C 253 -7.71 -2.79 7.36
N GLN C 254 -7.29 -2.27 8.52
CA GLN C 254 -7.00 -0.83 8.63
C GLN C 254 -5.74 -0.40 7.88
N GLY C 255 -4.88 -1.36 7.55
CA GLY C 255 -3.66 -1.07 6.81
C GLY C 255 -2.37 -1.43 7.52
N PHE C 256 -2.48 -1.80 8.80
CA PHE C 256 -1.33 -2.20 9.62
C PHE C 256 -0.79 -3.55 9.08
N LYS C 257 0.46 -3.59 8.64
CA LYS C 257 1.05 -4.86 8.17
C LYS C 257 1.86 -5.61 9.24
N PHE C 258 1.78 -6.94 9.21
CA PHE C 258 2.55 -7.77 10.16
C PHE C 258 3.43 -8.84 9.49
N LYS C 259 4.60 -9.05 10.08
CA LYS C 259 5.43 -10.21 9.80
C LYS C 259 5.69 -11.01 11.08
N LEU C 260 4.89 -12.05 11.29
CA LEU C 260 4.96 -12.87 12.49
C LEU C 260 5.93 -14.03 12.31
N ASN C 261 6.23 -14.76 13.39
CA ASN C 261 7.20 -15.84 13.32
C ASN C 261 8.42 -15.43 12.50
N THR C 262 9.01 -14.30 12.87
CA THR C 262 10.07 -13.68 12.10
C THR C 262 11.15 -13.16 13.06
N LYS C 263 12.39 -13.48 12.77
CA LYS C 263 13.51 -13.00 13.57
C LYS C 263 14.16 -11.82 12.85
N VAL C 264 14.63 -10.82 13.60
CA VAL C 264 15.47 -9.77 13.01
C VAL C 264 16.93 -10.06 13.35
N THR C 265 17.78 -10.12 12.34
CA THR C 265 19.21 -10.42 12.56
C THR C 265 20.09 -9.16 12.65
N GLY C 266 19.59 -8.05 12.10
CA GLY C 266 20.32 -6.80 12.17
C GLY C 266 19.69 -5.69 11.35
N ALA C 267 20.23 -4.49 11.48
CA ALA C 267 19.74 -3.38 10.69
C ALA C 267 20.92 -2.55 10.23
N THR C 268 20.83 -2.03 9.02
CA THR C 268 21.91 -1.27 8.43
C THR C 268 21.43 0.08 7.91
N LYS C 269 22.11 1.14 8.34
CA LYS C 269 21.87 2.46 7.79
C LYS C 269 22.59 2.56 6.44
N LYS C 270 21.85 2.97 5.41
CA LYS C 270 22.40 3.13 4.07
C LYS C 270 22.67 4.60 3.82
N SER C 271 23.49 4.89 2.81
CA SER C 271 23.87 6.27 2.47
C SER C 271 22.68 7.23 2.23
N ASP C 272 21.62 6.73 1.58
CA ASP C 272 20.45 7.55 1.30
C ASP C 272 19.66 7.82 2.58
N GLY C 273 20.20 7.36 3.70
CA GLY C 273 19.62 7.65 5.00
C GLY C 273 18.50 6.70 5.39
N LYS C 274 18.11 5.82 4.47
CA LYS C 274 17.11 4.80 4.76
C LYS C 274 17.73 3.68 5.59
N ILE C 275 16.89 2.76 6.05
CA ILE C 275 17.36 1.71 6.93
C ILE C 275 16.94 0.35 6.40
N ASP C 276 17.92 -0.51 6.14
CA ASP C 276 17.67 -1.91 5.78
C ASP C 276 17.56 -2.78 7.02
N VAL C 277 16.51 -3.57 7.09
CA VAL C 277 16.31 -4.46 8.22
C VAL C 277 16.38 -5.90 7.74
N SER C 278 17.25 -6.69 8.36
CA SER C 278 17.43 -8.07 7.96
C SER C 278 16.61 -8.99 8.84
N ILE C 279 15.76 -9.78 8.19
CA ILE C 279 14.85 -10.66 8.89
C ILE C 279 14.90 -12.04 8.26
N GLU C 280 14.50 -13.04 9.02
CA GLU C 280 14.37 -14.39 8.51
C GLU C 280 13.29 -15.12 9.30
N ALA C 281 12.83 -16.26 8.80
CA ALA C 281 11.83 -17.04 9.53
C ALA C 281 12.38 -17.43 10.91
N ALA C 282 11.53 -17.34 11.91
CA ALA C 282 11.96 -17.69 13.26
C ALA C 282 12.52 -19.11 13.31
N SER C 283 11.92 -20.00 12.52
CA SER C 283 12.33 -21.41 12.51
C SER C 283 13.61 -21.67 11.71
N GLY C 284 14.08 -20.67 10.98
CA GLY C 284 15.30 -20.80 10.21
C GLY C 284 15.09 -20.57 8.72
N GLY C 285 16.12 -20.09 8.04
CA GLY C 285 16.06 -19.88 6.60
C GLY C 285 15.15 -18.73 6.24
N LYS C 286 15.05 -18.40 4.96
CA LYS C 286 14.10 -17.39 4.50
C LYS C 286 14.56 -15.95 4.70
N ALA C 287 15.87 -15.71 4.65
CA ALA C 287 16.39 -14.35 4.90
C ALA C 287 15.91 -13.34 3.85
N GLU C 288 15.09 -12.38 4.29
CA GLU C 288 14.64 -11.28 3.43
C GLU C 288 15.22 -9.95 3.93
N VAL C 289 14.92 -8.87 3.23
CA VAL C 289 15.19 -7.51 3.71
C VAL C 289 13.97 -6.59 3.55
N ILE C 290 13.68 -5.80 4.58
CA ILE C 290 12.70 -4.73 4.47
C ILE C 290 13.35 -3.39 4.79
N THR C 291 12.96 -2.37 4.03
CA THR C 291 13.55 -1.05 4.14
C THR C 291 12.55 -0.10 4.78
N CYS C 292 13.05 0.92 5.48
CA CYS C 292 12.15 1.90 6.07
C CYS C 292 12.90 3.20 6.28
N ASP C 293 12.17 4.24 6.67
CA ASP C 293 12.75 5.54 6.96
C ASP C 293 12.93 5.69 8.45
N VAL C 294 12.09 5.00 9.22
CA VAL C 294 12.21 5.04 10.66
C VAL C 294 12.02 3.66 11.24
N LEU C 295 12.91 3.29 12.17
CA LEU C 295 12.86 1.96 12.79
C LEU C 295 12.62 2.09 14.28
N LEU C 296 11.57 1.45 14.76
CA LEU C 296 11.21 1.52 16.17
C LEU C 296 11.50 0.22 16.88
N VAL C 297 12.37 0.28 17.90
CA VAL C 297 12.71 -0.89 18.68
C VAL C 297 11.73 -1.02 19.85
N CYS C 298 10.89 -2.04 19.82
CA CYS C 298 9.83 -2.18 20.80
C CYS C 298 9.73 -3.58 21.36
N ILE C 299 10.83 -4.13 21.86
CA ILE C 299 10.78 -5.52 22.30
C ILE C 299 10.62 -5.67 23.79
N GLY C 300 10.51 -4.54 24.49
CA GLY C 300 10.34 -4.58 25.93
C GLY C 300 11.14 -3.53 26.69
N ARG C 301 11.02 -3.58 28.01
CA ARG C 301 11.78 -2.73 28.89
C ARG C 301 12.42 -3.61 29.95
N ARG C 302 13.39 -3.06 30.66
CA ARG C 302 14.09 -3.83 31.66
C ARG C 302 14.34 -3.03 32.93
N PRO C 303 14.43 -3.74 34.05
CA PRO C 303 14.58 -3.14 35.37
C PRO C 303 15.80 -2.24 35.36
N PHE C 304 15.66 -1.05 35.94
CA PHE C 304 16.75 -0.08 35.98
C PHE C 304 17.26 0.08 37.40
N THR C 305 18.49 -0.39 37.62
CA THR C 305 19.11 -0.30 38.94
C THR C 305 20.55 0.26 38.91
N LYS C 306 20.90 1.04 37.90
CA LYS C 306 22.27 1.50 37.72
C LYS C 306 22.72 2.46 38.82
N ASN C 307 23.93 2.23 39.33
CA ASN C 307 24.59 3.04 40.34
C ASN C 307 23.73 3.30 41.55
N LEU C 308 22.92 2.32 41.89
CA LEU C 308 21.95 2.46 42.97
C LEU C 308 22.58 2.04 44.30
N GLY C 309 23.60 1.20 44.22
CA GLY C 309 24.33 0.78 45.41
C GLY C 309 24.05 -0.65 45.84
N LEU C 310 23.17 -1.34 45.11
CA LEU C 310 22.81 -2.70 45.46
C LEU C 310 24.05 -3.60 45.56
N GLU C 311 25.05 -3.35 44.71
CA GLU C 311 26.26 -4.16 44.71
C GLU C 311 26.97 -4.16 46.08
N GLU C 312 27.12 -2.96 46.65
CA GLU C 312 27.76 -2.80 47.95
C GLU C 312 26.95 -3.38 49.11
N LEU C 313 25.64 -3.52 48.92
CA LEU C 313 24.78 -4.10 49.95
C LEU C 313 24.72 -5.63 49.83
N GLY C 314 25.34 -6.16 48.78
CA GLY C 314 25.19 -7.57 48.47
C GLY C 314 23.75 -8.00 48.16
N ILE C 315 23.02 -7.14 47.46
CA ILE C 315 21.71 -7.51 46.94
C ILE C 315 21.85 -7.91 45.49
N GLU C 316 21.63 -9.18 45.21
CA GLU C 316 21.89 -9.70 43.87
C GLU C 316 20.66 -9.63 43.00
N LEU C 317 20.86 -9.30 41.73
CA LEU C 317 19.77 -9.27 40.75
C LEU C 317 19.56 -10.65 40.13
N ASP C 318 18.34 -10.93 39.66
CA ASP C 318 18.12 -12.15 38.91
C ASP C 318 18.65 -11.99 37.48
N PRO C 319 18.56 -13.04 36.65
CA PRO C 319 19.23 -12.89 35.34
C PRO C 319 18.60 -11.80 34.46
N ARG C 320 17.32 -11.50 34.67
CA ARG C 320 16.63 -10.47 33.89
C ARG C 320 16.94 -9.06 34.40
N GLY C 321 17.66 -8.98 35.52
CA GLY C 321 18.06 -7.70 36.10
C GLY C 321 17.14 -7.23 37.22
N ARG C 322 16.17 -8.06 37.58
CA ARG C 322 15.19 -7.66 38.59
C ARG C 322 15.70 -7.82 40.02
N ILE C 323 15.07 -7.10 40.96
CA ILE C 323 15.40 -7.24 42.37
C ILE C 323 14.47 -8.23 43.04
N PRO C 324 15.01 -9.36 43.55
CA PRO C 324 14.19 -10.35 44.27
C PRO C 324 13.60 -9.74 45.54
N VAL C 325 12.32 -10.01 45.80
CA VAL C 325 11.65 -9.53 46.99
C VAL C 325 10.70 -10.62 47.43
N ASN C 326 10.32 -10.62 48.70
CA ASN C 326 9.33 -11.57 49.18
C ASN C 326 7.96 -10.97 48.95
N THR C 327 6.94 -11.53 49.59
CA THR C 327 5.59 -11.07 49.32
C THR C 327 5.23 -9.80 50.09
N ARG C 328 6.12 -9.34 50.96
CA ARG C 328 5.94 -8.03 51.60
C ARG C 328 6.71 -6.96 50.81
N PHE C 329 7.42 -7.41 49.78
CA PHE C 329 8.25 -6.55 48.92
C PHE C 329 9.56 -6.17 49.57
N GLN C 330 9.99 -7.00 50.52
CA GLN C 330 11.29 -6.83 51.13
C GLN C 330 12.37 -7.40 50.27
N THR C 331 13.53 -6.74 50.28
CA THR C 331 14.72 -7.31 49.65
C THR C 331 15.42 -8.21 50.65
N LYS C 332 16.57 -8.74 50.24
CA LYS C 332 17.39 -9.56 51.14
C LYS C 332 17.67 -8.81 52.44
N ILE C 333 17.85 -7.49 52.34
CA ILE C 333 17.98 -6.62 53.50
C ILE C 333 16.60 -6.13 53.90
N PRO C 334 16.21 -6.37 55.18
CA PRO C 334 14.82 -6.34 55.65
C PRO C 334 14.07 -4.97 55.69
N ASN C 335 14.80 -3.87 55.58
CA ASN C 335 14.18 -2.56 55.63
C ASN C 335 14.34 -1.84 54.29
N ILE C 336 14.88 -2.56 53.33
CA ILE C 336 14.96 -2.07 51.96
C ILE C 336 13.97 -2.86 51.10
N TYR C 337 12.99 -2.14 50.56
CA TYR C 337 11.93 -2.70 49.73
C TYR C 337 12.09 -2.38 48.25
N ALA C 338 11.39 -3.11 47.41
CA ALA C 338 11.38 -2.82 45.97
C ALA C 338 10.03 -3.18 45.34
N ILE C 339 9.47 -2.25 44.56
CA ILE C 339 8.17 -2.41 43.91
C ILE C 339 8.26 -1.97 42.43
N GLY C 340 7.18 -2.18 41.68
CA GLY C 340 7.08 -1.61 40.34
C GLY C 340 7.77 -2.39 39.22
N ASP C 341 8.16 -1.68 38.17
CA ASP C 341 8.80 -2.28 37.01
C ASP C 341 10.14 -2.96 37.38
N VAL C 342 10.72 -2.57 38.52
CA VAL C 342 12.02 -3.08 38.94
C VAL C 342 11.97 -4.48 39.54
N VAL C 343 10.76 -4.96 39.82
CA VAL C 343 10.61 -6.31 40.36
C VAL C 343 9.79 -7.22 39.43
N ALA C 344 9.67 -8.49 39.80
CA ALA C 344 8.90 -9.45 39.02
C ALA C 344 7.47 -8.98 38.78
N GLY C 345 6.82 -9.55 37.78
CA GLY C 345 5.42 -9.26 37.52
C GLY C 345 5.19 -8.41 36.27
N PRO C 346 3.92 -8.28 35.87
CA PRO C 346 3.54 -7.50 34.69
C PRO C 346 4.04 -6.06 34.82
N MET C 347 4.77 -5.59 33.81
CA MET C 347 5.33 -4.25 33.88
C MET C 347 4.29 -3.19 33.48
N LEU C 348 3.37 -2.91 34.40
CA LEU C 348 2.27 -1.99 34.14
C LEU C 348 2.16 -0.96 35.24
N ALA C 349 1.65 0.22 34.88
CA ALA C 349 1.46 1.31 35.83
C ALA C 349 0.54 0.98 37.01
N HIS C 350 -0.58 0.32 36.75
CA HIS C 350 -1.52 0.07 37.85
C HIS C 350 -0.95 -0.99 38.76
N LYS C 351 -0.20 -1.93 38.19
CA LYS C 351 0.47 -2.96 39.00
C LYS C 351 1.48 -2.33 39.97
N ALA C 352 2.28 -1.40 39.47
CA ALA C 352 3.26 -0.73 40.31
C ALA C 352 2.57 0.15 41.37
N GLU C 353 1.46 0.79 41.01
CA GLU C 353 0.75 1.64 41.98
C GLU C 353 0.22 0.82 43.14
N ASP C 354 -0.34 -0.35 42.85
CA ASP C 354 -0.88 -1.18 43.92
C ASP C 354 0.25 -1.81 44.76
N GLU C 355 1.33 -2.23 44.11
CA GLU C 355 2.49 -2.72 44.87
C GLU C 355 3.00 -1.63 45.82
N GLY C 356 3.09 -0.41 45.33
CA GLY C 356 3.44 0.70 46.19
C GLY C 356 2.57 0.83 47.42
N ILE C 357 1.25 0.83 47.23
CA ILE C 357 0.32 1.05 48.35
C ILE C 357 0.38 -0.07 49.40
N ILE C 358 0.36 -1.33 48.97
CA ILE C 358 0.37 -2.40 49.93
C ILE C 358 1.76 -2.62 50.55
N CYS C 359 2.82 -2.33 49.80
CA CYS C 359 4.16 -2.37 50.39
C CYS C 359 4.22 -1.43 51.59
N VAL C 360 3.78 -0.21 51.36
CA VAL C 360 3.71 0.81 52.40
C VAL C 360 2.73 0.47 53.52
N GLU C 361 1.56 -0.07 53.16
CA GLU C 361 0.64 -0.56 54.18
C GLU C 361 1.34 -1.67 54.97
N GLY C 362 2.21 -2.41 54.31
CA GLY C 362 2.95 -3.49 54.96
C GLY C 362 3.95 -2.96 55.97
N MET C 363 4.57 -1.83 55.66
CA MET C 363 5.52 -1.22 56.56
C MET C 363 4.80 -0.80 57.82
N ALA C 364 3.52 -0.51 57.70
CA ALA C 364 2.73 -0.03 58.82
C ALA C 364 2.07 -1.18 59.59
N GLY C 365 2.46 -2.42 59.25
CA GLY C 365 2.01 -3.58 59.99
C GLY C 365 0.98 -4.47 59.30
N GLY C 366 0.27 -3.90 58.31
CA GLY C 366 -0.77 -4.62 57.60
C GLY C 366 -0.32 -5.86 56.86
N ALA C 367 -1.28 -6.62 56.35
CA ALA C 367 -0.96 -7.75 55.50
C ALA C 367 -0.72 -7.22 54.10
N VAL C 368 -0.06 -8.03 53.27
CA VAL C 368 0.36 -7.60 51.94
C VAL C 368 0.11 -8.70 50.93
N HIS C 369 -0.94 -8.55 50.14
CA HIS C 369 -1.21 -9.55 49.12
C HIS C 369 -1.60 -8.95 47.77
N ILE C 370 -0.93 -9.41 46.72
CA ILE C 370 -1.39 -9.14 45.37
C ILE C 370 -1.41 -10.44 44.59
N ASP C 371 -2.46 -10.60 43.80
CA ASP C 371 -2.66 -11.72 42.89
C ASP C 371 -2.50 -11.17 41.48
N TYR C 372 -1.34 -11.39 40.85
CA TYR C 372 -1.08 -10.78 39.55
C TYR C 372 -2.09 -11.15 38.48
N ASN C 373 -2.69 -12.33 38.62
CA ASN C 373 -3.74 -12.77 37.73
C ASN C 373 -4.93 -11.79 37.68
N CYS C 374 -5.16 -11.08 38.79
CA CYS C 374 -6.25 -10.12 38.88
C CYS C 374 -5.90 -8.71 38.36
N VAL C 375 -4.72 -8.58 37.73
CA VAL C 375 -4.28 -7.32 37.13
C VAL C 375 -4.63 -7.25 35.64
N PRO C 376 -5.36 -6.21 35.24
CA PRO C 376 -5.80 -6.18 33.84
C PRO C 376 -4.77 -5.62 32.87
N SER C 377 -4.92 -5.98 31.59
CA SER C 377 -4.13 -5.42 30.50
C SER C 377 -5.11 -4.69 29.60
N VAL C 378 -4.64 -3.62 28.97
CA VAL C 378 -5.44 -2.87 28.02
C VAL C 378 -4.56 -2.42 26.89
N ILE C 379 -5.07 -2.50 25.67
CA ILE C 379 -4.42 -1.97 24.52
C ILE C 379 -5.32 -0.87 23.96
N TYR C 380 -4.80 0.34 23.80
CA TYR C 380 -5.67 1.49 23.55
C TYR C 380 -5.75 1.87 22.08
N THR C 381 -5.64 0.86 21.22
CA THR C 381 -5.86 1.03 19.79
C THR C 381 -7.38 1.16 19.59
N HIS C 382 -7.82 1.23 18.33
CA HIS C 382 -9.23 1.14 18.01
C HIS C 382 -9.44 0.08 16.93
N PRO C 383 -10.11 -1.02 17.28
CA PRO C 383 -10.81 -1.24 18.54
C PRO C 383 -9.85 -1.44 19.71
N GLU C 384 -10.37 -1.33 20.93
CA GLU C 384 -9.53 -1.54 22.09
C GLU C 384 -9.47 -3.02 22.38
N VAL C 385 -8.47 -3.44 23.15
CA VAL C 385 -8.43 -4.81 23.61
C VAL C 385 -8.24 -4.75 25.12
N ALA C 386 -8.86 -5.65 25.84
CA ALA C 386 -8.65 -5.64 27.29
C ALA C 386 -9.04 -6.98 27.87
N TRP C 387 -8.36 -7.39 28.91
CA TRP C 387 -8.66 -8.68 29.49
C TRP C 387 -8.14 -8.75 30.89
N VAL C 388 -8.81 -9.56 31.71
CA VAL C 388 -8.34 -9.81 33.06
C VAL C 388 -8.67 -11.23 33.45
N GLY C 389 -7.81 -11.84 34.26
CA GLY C 389 -7.96 -13.23 34.67
C GLY C 389 -7.34 -14.15 33.64
N LYS C 390 -7.92 -15.33 33.46
CA LYS C 390 -7.27 -16.39 32.69
C LYS C 390 -7.67 -16.40 31.21
N SER C 391 -6.68 -16.67 30.34
CA SER C 391 -6.95 -16.84 28.92
C SER C 391 -7.27 -18.30 28.63
N GLU C 392 -7.75 -18.59 27.42
CA GLU C 392 -8.11 -19.97 27.09
C GLU C 392 -6.90 -20.89 27.18
N GLU C 393 -5.76 -20.42 26.69
CA GLU C 393 -4.54 -21.23 26.77
C GLU C 393 -4.12 -21.46 28.23
N GLN C 394 -4.22 -20.41 29.07
CA GLN C 394 -3.92 -20.56 30.49
C GLN C 394 -4.70 -21.70 31.14
N LEU C 395 -6.00 -21.79 30.84
CA LEU C 395 -6.85 -22.82 31.45
C LEU C 395 -6.53 -24.23 30.92
N LYS C 396 -6.28 -24.33 29.61
CA LYS C 396 -5.86 -25.61 29.01
C LYS C 396 -4.58 -26.10 29.71
N GLU C 397 -3.53 -25.27 29.68
CA GLU C 397 -2.29 -25.58 30.37
C GLU C 397 -2.52 -26.05 31.79
N GLU C 398 -3.45 -25.42 32.50
CA GLU C 398 -3.63 -25.66 33.92
C GLU C 398 -4.54 -26.86 34.16
N GLY C 399 -5.02 -27.47 33.08
CA GLY C 399 -5.90 -28.63 33.18
C GLY C 399 -7.21 -28.30 33.87
N ILE C 400 -7.82 -27.18 33.47
CA ILE C 400 -9.10 -26.76 34.01
C ILE C 400 -10.21 -26.98 32.99
N GLU C 401 -11.38 -27.41 33.47
CA GLU C 401 -12.54 -27.64 32.62
C GLU C 401 -13.33 -26.34 32.51
N TYR C 402 -13.54 -25.87 31.29
CA TYR C 402 -14.18 -24.57 31.15
C TYR C 402 -15.13 -24.49 29.97
N LYS C 403 -16.15 -23.66 30.14
CA LYS C 403 -17.10 -23.37 29.09
C LYS C 403 -16.89 -21.93 28.63
N VAL C 404 -17.35 -21.64 27.40
CA VAL C 404 -17.10 -20.36 26.75
C VAL C 404 -18.38 -19.69 26.27
N GLY C 405 -18.57 -18.43 26.65
CA GLY C 405 -19.64 -17.61 26.12
C GLY C 405 -19.07 -16.44 25.32
N LYS C 406 -19.71 -16.14 24.19
CA LYS C 406 -19.30 -15.03 23.35
C LYS C 406 -20.47 -14.13 23.06
N PHE C 407 -20.18 -12.88 22.72
CA PHE C 407 -21.21 -11.96 22.25
C PHE C 407 -20.58 -10.87 21.41
N PRO C 408 -21.05 -10.75 20.17
CA PRO C 408 -20.50 -9.82 19.19
C PRO C 408 -21.02 -8.40 19.39
N PHE C 409 -20.14 -7.41 19.23
CA PHE C 409 -20.54 -6.03 19.43
C PHE C 409 -21.49 -5.59 18.33
N ALA C 410 -21.51 -6.35 17.24
CA ALA C 410 -22.40 -6.06 16.12
C ALA C 410 -23.88 -6.24 16.53
N ALA C 411 -24.11 -6.98 17.61
CA ALA C 411 -25.45 -7.23 18.12
C ALA C 411 -25.75 -6.37 19.35
N ASN C 412 -24.84 -5.46 19.68
CA ASN C 412 -25.04 -4.61 20.86
C ASN C 412 -25.58 -3.28 20.42
N SER C 413 -26.60 -2.78 21.09
CA SER C 413 -27.31 -1.61 20.59
C SER C 413 -26.45 -0.35 20.58
N ARG C 414 -25.67 -0.13 21.63
CA ARG C 414 -24.86 1.09 21.65
C ARG C 414 -23.77 1.06 20.58
N ALA C 415 -23.05 -0.06 20.49
CA ALA C 415 -22.09 -0.23 19.42
C ALA C 415 -22.76 0.02 18.07
N LYS C 416 -23.95 -0.56 17.87
CA LYS C 416 -24.64 -0.46 16.59
C LYS C 416 -25.06 0.95 16.26
N THR C 417 -25.58 1.65 17.25
CA THR C 417 -26.08 2.99 17.03
C THR C 417 -24.97 3.95 16.65
N ASN C 418 -23.76 3.71 17.15
CA ASN C 418 -22.64 4.60 16.79
C ASN C 418 -21.82 4.03 15.64
N ALA C 419 -22.36 3.00 14.99
CA ALA C 419 -21.72 2.39 13.81
C ALA C 419 -20.29 2.00 14.11
N ASP C 420 -20.12 1.29 15.21
CA ASP C 420 -18.81 0.96 15.72
C ASP C 420 -18.87 -0.44 16.28
N THR C 421 -18.75 -1.43 15.39
CA THR C 421 -19.14 -2.80 15.72
C THR C 421 -18.09 -3.91 15.55
N ASP C 422 -16.82 -3.57 15.41
CA ASP C 422 -15.77 -4.56 15.45
C ASP C 422 -15.85 -5.32 16.77
N GLY C 423 -15.49 -6.60 16.76
CA GLY C 423 -15.17 -7.28 18.00
C GLY C 423 -16.24 -8.05 18.76
N MET C 424 -15.86 -8.48 19.96
CA MET C 424 -16.71 -9.27 20.82
C MET C 424 -16.31 -9.21 22.30
N VAL C 425 -17.18 -9.71 23.16
CA VAL C 425 -16.75 -10.07 24.50
C VAL C 425 -16.73 -11.57 24.57
N LYS C 426 -15.78 -12.11 25.35
CA LYS C 426 -15.61 -13.54 25.51
C LYS C 426 -15.44 -13.86 26.98
N ILE C 427 -16.28 -14.72 27.51
CA ILE C 427 -16.20 -15.09 28.92
C ILE C 427 -15.84 -16.56 29.06
N LEU C 428 -14.91 -16.84 29.96
CA LEU C 428 -14.47 -18.19 30.26
C LEU C 428 -14.94 -18.56 31.67
N GLY C 429 -15.76 -19.60 31.78
CA GLY C 429 -16.31 -20.00 33.06
C GLY C 429 -15.96 -21.43 33.45
N GLN C 430 -15.86 -21.67 34.75
CA GLN C 430 -15.58 -22.99 35.31
C GLN C 430 -16.72 -23.98 35.00
N LYS C 431 -16.40 -25.01 34.21
CA LYS C 431 -17.40 -26.01 33.77
C LYS C 431 -18.45 -26.35 34.83
N SER C 432 -18.01 -26.82 35.99
CA SER C 432 -18.95 -27.32 36.99
C SER C 432 -19.60 -26.23 37.83
N THR C 433 -18.84 -25.21 38.18
CA THR C 433 -19.33 -24.23 39.16
C THR C 433 -19.78 -22.91 38.55
N ASP C 434 -19.51 -22.71 37.26
CA ASP C 434 -19.98 -21.53 36.55
C ASP C 434 -19.26 -20.24 36.99
N ARG C 435 -18.16 -20.39 37.74
CA ARG C 435 -17.37 -19.25 38.19
C ARG C 435 -16.62 -18.57 37.03
N VAL C 436 -16.70 -17.25 36.93
CA VAL C 436 -15.97 -16.53 35.89
C VAL C 436 -14.48 -16.74 36.12
N LEU C 437 -13.78 -17.23 35.09
CA LEU C 437 -12.34 -17.41 35.18
C LEU C 437 -11.60 -16.36 34.37
N GLY C 438 -12.27 -15.78 33.39
CA GLY C 438 -11.58 -14.85 32.51
C GLY C 438 -12.51 -14.06 31.63
N ALA C 439 -12.14 -12.81 31.37
CA ALA C 439 -12.91 -11.96 30.48
C ALA C 439 -11.97 -11.29 29.51
N HIS C 440 -12.31 -11.39 28.23
CA HIS C 440 -11.48 -10.88 27.15
C HIS C 440 -12.36 -10.10 26.20
N ILE C 441 -11.96 -8.86 25.97
CA ILE C 441 -12.81 -7.89 25.28
C ILE C 441 -12.06 -7.25 24.13
N LEU C 442 -12.68 -7.31 22.96
CA LEU C 442 -12.15 -6.70 21.78
C LEU C 442 -13.26 -5.83 21.21
N GLY C 443 -13.02 -4.53 21.12
CA GLY C 443 -13.99 -3.60 20.58
C GLY C 443 -14.00 -2.24 21.28
N PRO C 444 -15.10 -1.50 21.13
CA PRO C 444 -15.27 -0.18 21.76
C PRO C 444 -15.39 -0.35 23.26
N GLY C 445 -14.81 0.55 24.04
CA GLY C 445 -15.02 0.59 25.48
C GLY C 445 -14.32 -0.49 26.28
N ALA C 446 -13.51 -1.31 25.61
CA ALA C 446 -12.84 -2.43 26.27
C ALA C 446 -12.04 -2.00 27.51
N GLY C 447 -11.30 -0.91 27.37
CA GLY C 447 -10.50 -0.42 28.47
C GLY C 447 -11.32 -0.16 29.73
N GLU C 448 -12.45 0.54 29.60
CA GLU C 448 -13.27 0.83 30.77
C GLU C 448 -13.98 -0.43 31.24
N MET C 449 -14.46 -1.22 30.28
CA MET C 449 -15.31 -2.37 30.59
C MET C 449 -14.57 -3.42 31.41
N VAL C 450 -13.27 -3.54 31.19
CA VAL C 450 -12.48 -4.56 31.85
C VAL C 450 -12.56 -4.36 33.36
N ASN C 451 -12.82 -3.12 33.77
CA ASN C 451 -12.87 -2.87 35.19
C ASN C 451 -14.09 -3.44 35.90
N GLU C 452 -15.21 -3.51 35.20
CA GLU C 452 -16.39 -4.19 35.73
C GLU C 452 -16.03 -5.66 35.88
N ALA C 453 -15.32 -6.20 34.92
CA ALA C 453 -14.88 -7.59 35.00
C ALA C 453 -13.94 -7.79 36.20
N ALA C 454 -12.96 -6.91 36.35
CA ALA C 454 -12.09 -6.95 37.53
C ALA C 454 -12.91 -7.07 38.80
N LEU C 455 -13.90 -6.20 38.94
CA LEU C 455 -14.72 -6.22 40.14
C LEU C 455 -15.43 -7.57 40.29
N ALA C 456 -15.89 -8.11 39.15
CA ALA C 456 -16.59 -9.38 39.17
C ALA C 456 -15.66 -10.49 39.70
N LEU C 457 -14.47 -10.61 39.12
CA LEU C 457 -13.48 -11.59 39.58
C LEU C 457 -13.18 -11.50 41.08
N GLU C 458 -13.08 -10.28 41.59
CA GLU C 458 -12.80 -10.08 43.00
C GLU C 458 -13.83 -10.77 43.89
N TYR C 459 -15.09 -10.74 43.47
CA TYR C 459 -16.16 -11.36 44.25
C TYR C 459 -16.43 -12.83 43.93
N GLY C 460 -15.56 -13.42 43.12
CA GLY C 460 -15.73 -14.80 42.67
C GLY C 460 -17.07 -15.01 41.96
N ALA C 461 -17.54 -13.98 41.27
CA ALA C 461 -18.82 -14.00 40.58
C ALA C 461 -18.97 -15.14 39.58
N SER C 462 -20.17 -15.71 39.55
CA SER C 462 -20.51 -16.70 38.53
C SER C 462 -21.03 -15.97 37.30
N CYS C 463 -20.97 -16.64 36.15
CA CYS C 463 -21.47 -16.10 34.91
C CYS C 463 -22.95 -15.79 35.05
N GLU C 464 -23.70 -16.74 35.62
CA GLU C 464 -25.11 -16.50 35.90
C GLU C 464 -25.35 -15.24 36.75
N ASP C 465 -24.60 -15.09 37.84
CA ASP C 465 -24.78 -13.93 38.72
C ASP C 465 -24.63 -12.59 38.00
N ILE C 466 -23.71 -12.53 37.04
CA ILE C 466 -23.47 -11.31 36.29
C ILE C 466 -24.60 -11.05 35.28
N ALA C 467 -25.04 -12.10 34.60
CA ALA C 467 -26.10 -11.98 33.61
C ALA C 467 -27.34 -11.38 34.24
N ARG C 468 -27.46 -11.53 35.55
CA ARG C 468 -28.63 -11.05 36.29
C ARG C 468 -28.49 -9.68 36.92
N VAL C 469 -27.33 -9.03 36.75
CA VAL C 469 -27.14 -7.67 37.25
C VAL C 469 -27.71 -6.69 36.24
N CYS C 470 -28.49 -5.71 36.69
CA CYS C 470 -29.11 -4.78 35.78
C CYS C 470 -28.10 -3.84 35.14
N HIS C 471 -27.87 -4.02 33.84
CA HIS C 471 -27.04 -3.11 33.08
C HIS C 471 -27.93 -2.15 32.31
N ALA C 472 -27.54 -0.88 32.30
CA ALA C 472 -28.32 0.14 31.65
C ALA C 472 -28.38 -0.12 30.15
N HIS C 473 -29.45 0.32 29.52
CA HIS C 473 -29.62 0.20 28.08
C HIS C 473 -29.79 1.58 27.48
N PRO C 474 -29.12 1.85 26.35
CA PRO C 474 -28.19 0.95 25.69
C PRO C 474 -26.76 1.25 26.10
N THR C 475 -26.01 0.26 26.59
CA THR C 475 -24.57 0.45 26.89
C THR C 475 -23.70 -0.67 26.33
N LEU C 476 -22.43 -0.36 26.02
CA LEU C 476 -21.49 -1.37 25.57
C LEU C 476 -21.41 -2.53 26.57
N SER C 477 -21.63 -2.23 27.84
CA SER C 477 -21.45 -3.22 28.87
C SER C 477 -22.51 -4.32 28.78
N GLU C 478 -23.56 -4.09 27.99
CA GLU C 478 -24.54 -5.16 27.75
C GLU C 478 -23.88 -6.35 27.05
N ALA C 479 -22.90 -6.08 26.21
CA ALA C 479 -22.20 -7.17 25.56
C ALA C 479 -21.46 -8.00 26.62
N PHE C 480 -21.21 -7.41 27.77
CA PHE C 480 -20.55 -8.13 28.87
C PHE C 480 -21.59 -8.96 29.63
N ARG C 481 -22.77 -8.39 29.82
CA ARG C 481 -23.89 -9.11 30.42
C ARG C 481 -24.26 -10.30 29.57
N GLU C 482 -24.41 -10.06 28.27
CA GLU C 482 -24.87 -11.10 27.35
C GLU C 482 -23.87 -12.22 27.24
N ALA C 483 -22.58 -11.87 27.23
CA ALA C 483 -21.57 -12.90 27.05
C ALA C 483 -21.51 -13.81 28.28
N ASN C 484 -21.70 -13.23 29.45
CA ASN C 484 -21.87 -14.05 30.65
C ASN C 484 -23.16 -14.90 30.62
N LEU C 485 -24.26 -14.31 30.14
CA LEU C 485 -25.49 -15.07 29.93
C LEU C 485 -25.25 -16.32 29.10
N ALA C 486 -24.55 -16.17 27.99
CA ALA C 486 -24.37 -17.28 27.08
C ALA C 486 -23.31 -18.26 27.60
N ALA C 487 -22.47 -17.81 28.52
CA ALA C 487 -21.50 -18.69 29.13
C ALA C 487 -22.22 -19.54 30.17
N SER C 488 -23.31 -18.99 30.67
CA SER C 488 -24.04 -19.58 31.78
C SER C 488 -25.16 -20.47 31.27
N PHE C 489 -26.24 -19.81 30.84
CA PHE C 489 -27.46 -20.42 30.34
C PHE C 489 -27.26 -21.13 29.01
N GLY C 490 -26.25 -20.72 28.24
CA GLY C 490 -26.00 -21.30 26.93
C GLY C 490 -26.47 -20.42 25.78
N LYS C 491 -27.35 -19.46 26.08
CA LYS C 491 -27.87 -18.54 25.07
C LYS C 491 -27.94 -17.10 25.61
N SER C 492 -27.69 -16.14 24.73
CA SER C 492 -27.92 -14.74 25.04
C SER C 492 -29.29 -14.39 24.47
N ILE C 493 -29.82 -13.21 24.77
CA ILE C 493 -31.10 -12.81 24.19
C ILE C 493 -30.92 -12.24 22.79
N ASN C 494 -29.99 -11.28 22.64
CA ASN C 494 -29.92 -10.49 21.40
C ASN C 494 -28.99 -11.06 20.32
N PHE C 495 -28.50 -12.28 20.53
CA PHE C 495 -27.71 -12.96 19.52
C PHE C 495 -27.91 -14.48 19.51
N PRO D 25 -56.24 -19.11 13.38
CA PRO D 25 -56.75 -19.97 14.47
C PRO D 25 -55.60 -20.56 15.28
N ILE D 26 -54.72 -19.69 15.80
CA ILE D 26 -53.47 -20.11 16.45
C ILE D 26 -53.61 -20.28 17.96
N ASP D 27 -52.94 -21.29 18.50
CA ASP D 27 -52.92 -21.45 19.96
C ASP D 27 -51.49 -21.35 20.49
N ALA D 28 -51.36 -21.15 21.80
CA ALA D 28 -50.05 -20.80 22.35
C ALA D 28 -49.94 -20.96 23.86
N ASP D 29 -48.70 -21.18 24.31
CA ASP D 29 -48.35 -21.21 25.74
C ASP D 29 -48.32 -19.80 26.34
N VAL D 30 -47.68 -18.88 25.64
CA VAL D 30 -47.54 -17.51 26.12
C VAL D 30 -47.82 -16.54 24.99
N THR D 31 -48.67 -15.56 25.28
CA THR D 31 -48.99 -14.54 24.29
C THR D 31 -48.57 -13.19 24.83
N VAL D 32 -47.57 -12.58 24.22
CA VAL D 32 -47.13 -11.26 24.68
C VAL D 32 -47.66 -10.18 23.74
N ILE D 33 -48.31 -9.18 24.34
CA ILE D 33 -48.85 -8.07 23.57
C ILE D 33 -47.88 -6.90 23.63
N GLY D 34 -47.23 -6.62 22.52
CA GLY D 34 -46.23 -5.55 22.45
C GLY D 34 -44.84 -6.11 22.18
N SER D 35 -44.11 -5.45 21.29
CA SER D 35 -42.75 -5.89 20.98
C SER D 35 -41.69 -4.84 21.38
N GLY D 36 -41.97 -4.07 22.42
CA GLY D 36 -40.97 -3.14 22.95
C GLY D 36 -39.86 -3.91 23.66
N PRO D 37 -38.93 -3.20 24.30
CA PRO D 37 -37.88 -3.84 25.10
C PRO D 37 -38.41 -4.89 26.08
N GLY D 38 -39.50 -4.61 26.78
CA GLY D 38 -40.09 -5.59 27.67
C GLY D 38 -40.71 -6.74 26.89
N GLY D 39 -41.63 -6.42 25.99
CA GLY D 39 -42.29 -7.42 25.17
C GLY D 39 -41.42 -8.37 24.38
N TYR D 40 -40.53 -7.84 23.55
CA TYR D 40 -39.76 -8.71 22.66
C TYR D 40 -38.74 -9.55 23.43
N VAL D 41 -38.24 -9.04 24.55
CA VAL D 41 -37.24 -9.77 25.32
C VAL D 41 -37.92 -10.91 26.07
N ALA D 42 -39.11 -10.63 26.58
CA ALA D 42 -39.91 -11.64 27.25
C ALA D 42 -40.28 -12.80 26.32
N ALA D 43 -40.65 -12.46 25.08
CA ALA D 43 -41.08 -13.47 24.13
C ALA D 43 -39.92 -14.37 23.76
N ILE D 44 -38.75 -13.78 23.54
CA ILE D 44 -37.58 -14.57 23.20
C ILE D 44 -37.22 -15.53 24.34
N LYS D 45 -37.37 -15.05 25.58
CA LYS D 45 -37.08 -15.86 26.76
C LYS D 45 -38.13 -16.95 27.02
N ALA D 46 -39.39 -16.60 26.87
CA ALA D 46 -40.47 -17.60 26.94
C ALA D 46 -40.15 -18.76 26.00
N ALA D 47 -39.84 -18.42 24.75
CA ALA D 47 -39.50 -19.40 23.73
C ALA D 47 -38.27 -20.21 24.10
N GLN D 48 -37.25 -19.52 24.62
CA GLN D 48 -36.02 -20.20 25.04
C GLN D 48 -36.26 -21.11 26.24
N LEU D 49 -37.33 -20.85 26.97
CA LEU D 49 -37.64 -21.63 28.16
C LEU D 49 -38.47 -22.86 27.81
N GLY D 50 -38.91 -22.93 26.55
CA GLY D 50 -39.71 -24.07 26.12
C GLY D 50 -41.14 -23.73 25.75
N PHE D 51 -41.61 -22.55 26.17
CA PHE D 51 -42.98 -22.13 25.86
C PHE D 51 -43.18 -21.90 24.37
N LYS D 52 -44.33 -22.35 23.86
CA LYS D 52 -44.77 -21.93 22.52
C LYS D 52 -45.29 -20.50 22.66
N THR D 53 -44.72 -19.59 21.89
CA THR D 53 -44.85 -18.18 22.18
C THR D 53 -45.27 -17.36 20.98
N VAL D 54 -46.21 -16.46 21.19
CA VAL D 54 -46.61 -15.52 20.16
C VAL D 54 -46.41 -14.09 20.64
N CYS D 55 -45.95 -13.21 19.75
CA CYS D 55 -45.86 -11.79 20.06
C CYS D 55 -46.64 -10.92 19.08
N ILE D 56 -47.56 -10.14 19.63
CA ILE D 56 -48.41 -9.27 18.83
C ILE D 56 -47.90 -7.82 18.81
N GLU D 57 -47.72 -7.28 17.61
CA GLU D 57 -47.28 -5.90 17.50
C GLU D 57 -48.16 -5.19 16.48
N LYS D 58 -48.64 -4.01 16.86
CA LYS D 58 -49.55 -3.26 16.00
C LYS D 58 -48.89 -2.31 15.00
N ASN D 59 -47.61 -1.98 15.20
CA ASN D 59 -46.92 -1.04 14.31
C ASN D 59 -46.16 -1.73 13.19
N GLU D 60 -45.70 -0.94 12.22
CA GLU D 60 -44.98 -1.46 11.06
C GLU D 60 -43.74 -2.27 11.42
N THR D 61 -43.13 -1.94 12.56
CA THR D 61 -41.88 -2.60 12.96
C THR D 61 -41.95 -3.05 14.41
N LEU D 62 -41.07 -3.98 14.77
CA LEU D 62 -40.89 -4.38 16.16
C LEU D 62 -39.94 -3.43 16.89
N GLY D 63 -39.85 -3.56 18.21
CA GLY D 63 -38.87 -2.81 18.98
C GLY D 63 -39.49 -1.81 19.95
N GLY D 64 -40.69 -1.35 19.61
CA GLY D 64 -41.40 -0.45 20.49
C GLY D 64 -40.93 0.99 20.47
N THR D 65 -41.05 1.64 21.62
CA THR D 65 -40.67 3.04 21.75
C THR D 65 -39.14 3.23 21.72
N CYS D 66 -38.44 2.41 22.50
CA CYS D 66 -37.00 2.49 22.58
C CYS D 66 -36.30 2.47 21.20
N LEU D 67 -36.52 1.41 20.44
CA LEU D 67 -35.86 1.25 19.15
C LEU D 67 -36.33 2.19 18.05
N ASN D 68 -37.60 2.58 18.07
CA ASN D 68 -38.16 3.32 16.93
C ASN D 68 -38.16 4.84 17.02
N VAL D 69 -38.41 5.35 18.22
CA VAL D 69 -38.57 6.79 18.43
C VAL D 69 -38.09 7.15 19.84
N GLY D 70 -37.16 6.35 20.38
CA GLY D 70 -36.71 6.55 21.75
C GLY D 70 -35.19 6.48 21.90
N CYS D 71 -34.72 5.58 22.76
CA CYS D 71 -33.29 5.41 23.02
C CYS D 71 -32.40 5.44 21.75
N ILE D 72 -32.74 4.60 20.77
CA ILE D 72 -31.84 4.39 19.61
C ILE D 72 -31.64 5.63 18.73
N PRO D 73 -32.73 6.24 18.23
CA PRO D 73 -32.55 7.45 17.41
C PRO D 73 -31.98 8.62 18.23
N SER D 74 -32.41 8.78 19.47
CA SER D 74 -31.85 9.84 20.29
C SER D 74 -30.35 9.64 20.52
N LYS D 75 -29.96 8.43 20.91
CA LYS D 75 -28.54 8.15 21.08
C LYS D 75 -27.78 8.38 19.77
N ALA D 76 -28.37 7.99 18.64
CA ALA D 76 -27.67 8.21 17.39
C ALA D 76 -27.43 9.70 17.13
N LEU D 77 -28.40 10.52 17.48
CA LEU D 77 -28.27 11.94 17.19
C LEU D 77 -27.33 12.61 18.19
N LEU D 78 -27.32 12.12 19.41
CA LEU D 78 -26.36 12.58 20.41
C LEU D 78 -24.92 12.31 19.91
N ASN D 79 -24.69 11.10 19.41
CA ASN D 79 -23.38 10.76 18.84
C ASN D 79 -23.00 11.67 17.69
N ASN D 80 -23.87 11.78 16.69
CA ASN D 80 -23.53 12.58 15.52
C ASN D 80 -23.38 14.05 15.86
N SER D 81 -24.20 14.52 16.78
CA SER D 81 -24.21 15.95 17.04
C SER D 81 -22.99 16.30 17.90
N HIS D 82 -22.63 15.39 18.80
CA HIS D 82 -21.37 15.53 19.54
C HIS D 82 -20.16 15.62 18.61
N TYR D 83 -20.08 14.72 17.64
CA TYR D 83 -18.96 14.75 16.70
C TYR D 83 -18.95 16.04 15.90
N TYR D 84 -20.13 16.51 15.51
CA TYR D 84 -20.20 17.74 14.71
C TYR D 84 -19.66 18.91 15.51
N HIS D 85 -19.95 18.89 16.81
CA HIS D 85 -19.55 19.97 17.70
C HIS D 85 -18.04 19.96 17.81
N MET D 86 -17.44 18.77 17.85
CA MET D 86 -15.99 18.70 17.98
C MET D 86 -15.26 19.13 16.71
N ALA D 87 -15.76 18.72 15.55
CA ALA D 87 -15.16 19.10 14.29
C ALA D 87 -15.33 20.60 14.02
N HIS D 88 -16.45 21.14 14.48
CA HIS D 88 -16.84 22.50 14.11
C HIS D 88 -16.30 23.53 15.10
N GLY D 89 -16.16 23.10 16.35
CA GLY D 89 -15.69 23.99 17.41
C GLY D 89 -14.19 23.99 17.55
N LYS D 90 -13.70 24.09 18.78
CA LYS D 90 -12.28 24.26 19.01
C LYS D 90 -11.52 22.95 19.18
N ASP D 91 -12.26 21.89 19.46
CA ASP D 91 -11.67 20.65 19.95
C ASP D 91 -10.66 20.06 18.97
N PHE D 92 -11.14 19.69 17.79
CA PHE D 92 -10.29 19.11 16.77
C PHE D 92 -9.11 20.01 16.38
N ALA D 93 -9.35 21.31 16.30
CA ALA D 93 -8.28 22.23 15.96
C ALA D 93 -7.11 22.10 16.94
N SER D 94 -7.42 21.98 18.22
CA SER D 94 -6.39 21.98 19.26
C SER D 94 -5.63 20.67 19.23
N ARG D 95 -5.99 19.79 18.31
CA ARG D 95 -5.28 18.52 18.16
C ARG D 95 -4.47 18.48 16.87
N GLY D 96 -4.41 19.63 16.21
CA GLY D 96 -3.75 19.72 14.92
C GLY D 96 -4.53 19.01 13.84
N ILE D 97 -5.84 18.84 14.06
CA ILE D 97 -6.70 18.37 13.00
C ILE D 97 -7.36 19.61 12.40
N GLU D 98 -6.94 19.96 11.18
CA GLU D 98 -7.36 21.24 10.62
C GLU D 98 -8.30 21.03 9.46
N MET D 99 -9.42 21.74 9.50
CA MET D 99 -10.44 21.57 8.48
C MET D 99 -10.84 22.93 7.91
N SER D 100 -10.73 23.06 6.59
CA SER D 100 -10.97 24.34 5.94
C SER D 100 -12.40 24.86 6.14
N GLU D 101 -13.37 23.97 5.94
CA GLU D 101 -14.78 24.32 6.14
C GLU D 101 -15.50 23.13 6.74
N VAL D 102 -16.40 23.39 7.69
CA VAL D 102 -17.15 22.32 8.31
C VAL D 102 -18.64 22.61 8.17
N ARG D 103 -19.32 21.75 7.42
CA ARG D 103 -20.71 21.99 7.06
C ARG D 103 -21.59 20.91 7.66
N LEU D 104 -22.79 21.28 8.09
CA LEU D 104 -23.75 20.29 8.55
C LEU D 104 -24.66 19.84 7.39
N ASN D 105 -24.76 18.53 7.20
CA ASN D 105 -25.71 17.93 6.25
C ASN D 105 -26.75 17.16 7.04
N LEU D 106 -27.85 17.82 7.37
CA LEU D 106 -28.82 17.24 8.29
C LEU D 106 -29.45 15.96 7.74
N ASP D 107 -29.71 15.94 6.45
CA ASP D 107 -30.29 14.77 5.81
C ASP D 107 -29.43 13.53 6.03
N LYS D 108 -28.14 13.65 5.79
CA LYS D 108 -27.23 12.52 6.00
C LYS D 108 -27.21 12.14 7.47
N MET D 109 -27.05 13.13 8.34
CA MET D 109 -27.10 12.84 9.77
C MET D 109 -28.38 12.05 10.12
N MET D 110 -29.54 12.50 9.62
CA MET D 110 -30.81 11.82 9.87
C MET D 110 -30.86 10.43 9.23
N GLU D 111 -30.29 10.31 8.04
CA GLU D 111 -30.16 9.02 7.37
C GLU D 111 -29.36 8.01 8.20
N GLN D 112 -28.25 8.46 8.80
CA GLN D 112 -27.42 7.55 9.60
C GLN D 112 -28.21 7.10 10.82
N LYS D 113 -29.00 8.00 11.39
CA LYS D 113 -29.88 7.64 12.48
C LYS D 113 -30.86 6.54 12.09
N SER D 114 -31.46 6.67 10.91
CA SER D 114 -32.48 5.73 10.43
C SER D 114 -31.89 4.36 10.11
N THR D 115 -30.68 4.38 9.54
CA THR D 115 -29.96 3.14 9.28
C THR D 115 -29.78 2.33 10.56
N ALA D 116 -29.39 3.01 11.64
CA ALA D 116 -29.28 2.33 12.93
C ALA D 116 -30.63 1.76 13.38
N VAL D 117 -31.68 2.56 13.31
CA VAL D 117 -33.03 2.08 13.69
C VAL D 117 -33.47 0.91 12.82
N LYS D 118 -33.28 1.04 11.51
CA LYS D 118 -33.63 -0.04 10.60
C LYS D 118 -32.89 -1.32 10.98
N ALA D 119 -31.57 -1.20 11.17
CA ALA D 119 -30.72 -2.36 11.40
C ALA D 119 -31.13 -3.12 12.67
N LEU D 120 -31.49 -2.39 13.71
CA LEU D 120 -31.85 -3.00 14.98
C LEU D 120 -33.28 -3.53 15.00
N THR D 121 -34.20 -2.85 14.33
CA THR D 121 -35.58 -3.35 14.26
C THR D 121 -35.61 -4.70 13.51
N GLY D 122 -34.96 -4.75 12.36
CA GLY D 122 -34.81 -6.02 11.65
C GLY D 122 -34.20 -7.11 12.52
N GLY D 123 -33.37 -6.70 13.48
CA GLY D 123 -32.75 -7.63 14.41
C GLY D 123 -33.74 -8.36 15.29
N ILE D 124 -34.80 -7.68 15.73
CA ILE D 124 -35.82 -8.35 16.52
C ILE D 124 -36.49 -9.43 15.66
N ALA D 125 -36.83 -9.08 14.43
CA ALA D 125 -37.48 -10.03 13.53
C ALA D 125 -36.63 -11.29 13.36
N HIS D 126 -35.35 -11.08 13.09
CA HIS D 126 -34.42 -12.19 12.93
C HIS D 126 -34.40 -13.07 14.18
N LEU D 127 -34.36 -12.44 15.36
CA LEU D 127 -34.30 -13.18 16.60
C LEU D 127 -35.62 -13.87 16.94
N PHE D 128 -36.74 -13.24 16.55
CA PHE D 128 -38.05 -13.87 16.75
C PHE D 128 -38.09 -15.17 15.97
N LYS D 129 -37.63 -15.12 14.72
CA LYS D 129 -37.53 -16.29 13.87
C LYS D 129 -36.57 -17.34 14.46
N GLN D 130 -35.35 -16.92 14.77
CA GLN D 130 -34.34 -17.83 15.29
C GLN D 130 -34.82 -18.53 16.57
N ASN D 131 -35.65 -17.86 17.35
CA ASN D 131 -36.14 -18.46 18.58
C ASN D 131 -37.56 -19.01 18.44
N LYS D 132 -38.07 -19.02 17.21
CA LYS D 132 -39.37 -19.61 16.89
C LYS D 132 -40.52 -18.90 17.61
N VAL D 133 -40.32 -17.64 17.97
CA VAL D 133 -41.41 -16.80 18.44
C VAL D 133 -42.29 -16.50 17.23
N VAL D 134 -43.57 -16.82 17.34
CA VAL D 134 -44.52 -16.50 16.27
C VAL D 134 -44.92 -15.03 16.31
N HIS D 135 -44.68 -14.32 15.22
CA HIS D 135 -44.94 -12.88 15.15
C HIS D 135 -46.28 -12.56 14.49
N VAL D 136 -47.17 -11.90 15.22
CA VAL D 136 -48.48 -11.55 14.67
C VAL D 136 -48.70 -10.06 14.59
N ASN D 137 -48.75 -9.52 13.37
CA ASN D 137 -49.07 -8.10 13.18
C ASN D 137 -50.54 -7.80 13.39
N GLY D 138 -50.84 -6.72 14.13
CA GLY D 138 -52.21 -6.31 14.36
C GLY D 138 -52.42 -5.75 15.76
N TYR D 139 -53.47 -4.95 15.92
CA TYR D 139 -53.78 -4.38 17.23
C TYR D 139 -54.33 -5.51 18.10
N GLY D 140 -53.66 -5.83 19.18
CA GLY D 140 -54.12 -6.90 20.04
C GLY D 140 -55.21 -6.48 21.01
N LYS D 141 -56.19 -7.37 21.22
CA LYS D 141 -57.17 -7.15 22.28
C LYS D 141 -57.47 -8.45 23.00
N ILE D 142 -57.30 -8.44 24.31
CA ILE D 142 -57.70 -9.56 25.15
C ILE D 142 -59.22 -9.73 25.07
N THR D 143 -59.66 -10.85 24.48
CA THR D 143 -61.09 -11.10 24.27
C THR D 143 -61.62 -12.14 25.25
N GLY D 144 -60.70 -12.76 25.99
CA GLY D 144 -61.06 -13.69 27.04
C GLY D 144 -59.89 -13.96 27.96
N LYS D 145 -60.20 -14.39 29.17
CA LYS D 145 -59.18 -14.72 30.16
C LYS D 145 -58.13 -15.68 29.58
N ASN D 146 -58.47 -16.43 28.53
CA ASN D 146 -57.51 -17.30 27.86
C ASN D 146 -57.45 -17.09 26.35
N GLN D 147 -57.75 -15.88 25.91
CA GLN D 147 -57.71 -15.62 24.48
C GLN D 147 -57.37 -14.17 24.14
N VAL D 148 -56.56 -13.99 23.11
CA VAL D 148 -56.27 -12.65 22.59
C VAL D 148 -56.56 -12.63 21.11
N THR D 149 -57.06 -11.49 20.63
CA THR D 149 -57.39 -11.36 19.22
C THR D 149 -56.69 -10.16 18.59
N ALA D 150 -55.96 -10.44 17.52
CA ALA D 150 -55.21 -9.42 16.80
C ALA D 150 -55.96 -8.92 15.58
N THR D 151 -56.24 -7.62 15.56
CA THR D 151 -57.00 -7.02 14.48
C THR D 151 -56.11 -6.22 13.53
N LYS D 152 -55.81 -6.80 12.38
CA LYS D 152 -54.98 -6.15 11.37
C LYS D 152 -55.68 -4.87 10.90
N ALA D 153 -54.93 -4.00 10.22
CA ALA D 153 -55.48 -2.71 9.80
C ALA D 153 -56.57 -2.85 8.74
N ASP D 154 -56.37 -3.78 7.82
CA ASP D 154 -57.36 -4.04 6.76
C ASP D 154 -58.59 -4.76 7.28
N GLY D 155 -58.65 -5.00 8.59
CA GLY D 155 -59.83 -5.57 9.22
C GLY D 155 -59.73 -7.05 9.55
N GLY D 156 -58.91 -7.77 8.79
CA GLY D 156 -58.68 -9.19 9.05
C GLY D 156 -58.17 -9.43 10.47
N THR D 157 -58.67 -10.48 11.13
CA THR D 157 -58.29 -10.73 12.52
C THR D 157 -57.63 -12.09 12.71
N GLN D 158 -56.77 -12.17 13.71
CA GLN D 158 -56.09 -13.41 14.07
C GLN D 158 -56.39 -13.72 15.52
N VAL D 159 -56.87 -14.93 15.78
CA VAL D 159 -57.19 -15.33 17.15
C VAL D 159 -56.02 -16.12 17.75
N ILE D 160 -55.79 -15.92 19.04
CA ILE D 160 -54.78 -16.67 19.75
C ILE D 160 -55.40 -17.19 21.04
N ASP D 161 -55.44 -18.51 21.16
CA ASP D 161 -55.86 -19.18 22.40
C ASP D 161 -54.57 -19.53 23.12
N THR D 162 -54.53 -19.27 24.42
CA THR D 162 -53.26 -19.26 25.11
C THR D 162 -53.48 -19.35 26.61
N LYS D 163 -52.59 -20.04 27.31
CA LYS D 163 -52.76 -20.16 28.76
C LYS D 163 -52.33 -18.89 29.49
N ASN D 164 -51.29 -18.24 28.99
CA ASN D 164 -50.81 -17.02 29.61
C ASN D 164 -50.85 -15.81 28.69
N ILE D 165 -51.17 -14.67 29.29
CA ILE D 165 -51.04 -13.38 28.59
C ILE D 165 -50.06 -12.42 29.28
N LEU D 166 -49.11 -11.90 28.52
CA LEU D 166 -48.17 -10.90 29.03
C LEU D 166 -48.42 -9.55 28.35
N ILE D 167 -48.88 -8.59 29.14
CA ILE D 167 -49.15 -7.24 28.65
C ILE D 167 -47.87 -6.44 28.70
N ALA D 168 -47.36 -6.06 27.53
CA ALA D 168 -46.15 -5.27 27.43
C ALA D 168 -46.41 -4.13 26.46
N THR D 169 -47.48 -3.40 26.72
CA THR D 169 -48.00 -2.42 25.75
C THR D 169 -47.40 -1.03 25.91
N GLY D 170 -46.55 -0.88 26.91
CA GLY D 170 -45.66 0.27 26.99
C GLY D 170 -46.28 1.61 27.34
N SER D 171 -45.88 2.63 26.61
CA SER D 171 -46.22 4.00 26.99
C SER D 171 -46.41 4.86 25.77
N GLU D 172 -46.76 6.11 25.99
CA GLU D 172 -46.89 7.08 24.90
C GLU D 172 -46.62 8.44 25.51
N VAL D 173 -46.48 9.45 24.65
CA VAL D 173 -46.26 10.81 25.12
C VAL D 173 -47.40 11.33 26.00
N THR D 174 -47.05 11.86 27.17
CA THR D 174 -48.02 12.58 28.00
C THR D 174 -48.32 13.95 27.42
N PRO D 175 -49.58 14.21 27.06
CA PRO D 175 -49.91 15.54 26.52
C PRO D 175 -49.80 16.64 27.57
N PHE D 176 -49.50 17.86 27.13
CA PHE D 176 -49.51 19.00 28.01
C PHE D 176 -50.86 19.74 27.90
N PRO D 177 -51.64 19.80 29.00
CA PRO D 177 -53.02 20.34 28.92
C PRO D 177 -53.13 21.71 28.24
N GLY D 178 -53.90 21.80 27.17
CA GLY D 178 -54.15 23.08 26.53
C GLY D 178 -53.12 23.47 25.48
N ILE D 179 -52.09 22.65 25.36
CA ILE D 179 -51.15 22.74 24.26
C ILE D 179 -51.41 21.55 23.37
N THR D 180 -51.40 21.76 22.06
CA THR D 180 -51.74 20.69 21.14
C THR D 180 -50.55 20.36 20.26
N ILE D 181 -50.01 19.14 20.42
CA ILE D 181 -48.91 18.69 19.58
C ILE D 181 -49.40 18.38 18.17
N ASP D 182 -48.74 18.96 17.18
CA ASP D 182 -49.04 18.64 15.79
C ASP D 182 -47.90 17.96 15.03
N GLU D 183 -46.81 17.64 15.73
CA GLU D 183 -45.57 17.08 15.14
C GLU D 183 -44.96 17.87 13.98
N ASP D 184 -45.25 19.17 13.92
CA ASP D 184 -44.64 20.05 12.93
C ASP D 184 -43.83 21.17 13.62
N THR D 185 -44.52 22.17 14.17
CA THR D 185 -43.85 23.18 15.00
C THR D 185 -44.02 22.89 16.50
N ILE D 186 -45.03 22.10 16.84
CA ILE D 186 -45.24 21.73 18.23
C ILE D 186 -45.07 20.22 18.31
N VAL D 187 -43.86 19.82 18.67
CA VAL D 187 -43.46 18.44 18.52
C VAL D 187 -43.34 17.68 19.84
N SER D 188 -43.57 16.38 19.78
CA SER D 188 -43.17 15.53 20.89
C SER D 188 -41.74 15.11 20.61
N SER D 189 -41.19 14.27 21.46
CA SER D 189 -39.88 13.67 21.21
C SER D 189 -39.79 13.04 19.79
N THR D 190 -40.90 12.49 19.29
CA THR D 190 -40.94 11.84 17.97
C THR D 190 -40.69 12.84 16.84
N GLY D 191 -41.42 13.96 16.89
CA GLY D 191 -41.19 15.06 15.98
C GLY D 191 -39.81 15.68 16.14
N ALA D 192 -39.38 15.86 17.39
CA ALA D 192 -38.06 16.40 17.70
C ALA D 192 -36.93 15.58 17.04
N LEU D 193 -37.11 14.26 16.95
CA LEU D 193 -36.05 13.41 16.41
C LEU D 193 -35.94 13.46 14.91
N SER D 194 -36.84 14.18 14.25
CA SER D 194 -36.84 14.18 12.78
C SER D 194 -36.96 15.55 12.13
N LEU D 195 -36.74 16.62 12.90
CA LEU D 195 -36.82 17.97 12.34
C LEU D 195 -36.14 18.06 10.98
N LYS D 196 -36.74 18.77 10.06
CA LYS D 196 -36.26 18.81 8.68
C LYS D 196 -35.13 19.82 8.49
N LYS D 197 -34.95 20.65 9.50
CA LYS D 197 -34.06 21.79 9.45
C LYS D 197 -33.70 22.14 10.89
N VAL D 198 -32.57 22.82 11.10
CA VAL D 198 -32.24 23.26 12.45
C VAL D 198 -33.06 24.48 12.86
N PRO D 199 -33.83 24.34 13.94
CA PRO D 199 -34.59 25.46 14.52
C PRO D 199 -33.63 26.55 14.92
N GLU D 200 -33.96 27.79 14.59
CA GLU D 200 -33.16 28.91 15.04
C GLU D 200 -33.35 29.10 16.55
N LYS D 201 -34.60 29.01 17.01
CA LYS D 201 -34.91 29.00 18.45
C LYS D 201 -35.79 27.78 18.77
N MET D 202 -35.52 27.14 19.92
CA MET D 202 -36.34 26.02 20.36
C MET D 202 -36.57 26.09 21.86
N VAL D 203 -37.82 25.95 22.27
CA VAL D 203 -38.16 25.91 23.69
C VAL D 203 -38.51 24.48 24.06
N VAL D 204 -38.09 24.05 25.24
CA VAL D 204 -38.37 22.69 25.64
C VAL D 204 -39.14 22.74 26.92
N ILE D 205 -40.32 22.12 26.91
CA ILE D 205 -41.13 22.07 28.11
C ILE D 205 -40.76 20.81 28.84
N GLY D 206 -40.15 20.97 30.01
CA GLY D 206 -39.61 19.84 30.77
C GLY D 206 -38.09 19.79 30.69
N ALA D 207 -37.44 19.65 31.84
CA ALA D 207 -35.98 19.59 31.90
C ALA D 207 -35.59 18.24 32.47
N GLY D 208 -36.28 17.21 32.00
CA GLY D 208 -35.99 15.83 32.35
C GLY D 208 -34.94 15.22 31.44
N VAL D 209 -34.63 13.96 31.71
CA VAL D 209 -33.57 13.29 30.98
C VAL D 209 -33.72 13.46 29.48
N ILE D 210 -34.89 13.14 28.98
CA ILE D 210 -35.16 13.19 27.55
C ILE D 210 -35.12 14.61 26.95
N GLY D 211 -35.76 15.56 27.63
CA GLY D 211 -35.72 16.95 27.20
C GLY D 211 -34.31 17.53 27.13
N VAL D 212 -33.52 17.27 28.16
CA VAL D 212 -32.14 17.73 28.13
C VAL D 212 -31.32 17.08 27.01
N GLU D 213 -31.51 15.78 26.77
CA GLU D 213 -30.73 15.11 25.73
C GLU D 213 -31.03 15.70 24.34
N LEU D 214 -32.32 15.97 24.10
CA LEU D 214 -32.79 16.41 22.79
C LEU D 214 -32.54 17.89 22.60
N GLY D 215 -32.64 18.64 23.69
CA GLY D 215 -32.29 20.05 23.67
C GLY D 215 -30.84 20.20 23.28
N SER D 216 -30.01 19.35 23.88
CA SER D 216 -28.59 19.31 23.61
C SER D 216 -28.28 19.01 22.13
N VAL D 217 -28.85 17.94 21.59
CA VAL D 217 -28.65 17.65 20.18
C VAL D 217 -28.81 18.93 19.35
N TRP D 218 -29.97 19.57 19.44
CA TRP D 218 -30.27 20.70 18.59
C TRP D 218 -29.43 21.92 18.92
N GLN D 219 -29.18 22.12 20.22
CA GLN D 219 -28.23 23.15 20.66
C GLN D 219 -26.89 23.02 19.92
N ARG D 220 -26.29 21.82 19.96
CA ARG D 220 -25.05 21.53 19.21
C ARG D 220 -25.18 21.87 17.73
N LEU D 221 -26.31 21.52 17.15
CA LEU D 221 -26.50 21.69 15.72
C LEU D 221 -26.70 23.14 15.31
N GLY D 222 -26.79 24.05 16.29
CA GLY D 222 -26.92 25.47 16.00
C GLY D 222 -28.18 26.18 16.50
N ALA D 223 -29.03 25.45 17.22
CA ALA D 223 -30.24 26.03 17.76
C ALA D 223 -30.03 26.83 19.04
N ASP D 224 -30.80 27.90 19.18
CA ASP D 224 -30.88 28.64 20.42
C ASP D 224 -31.96 27.95 21.26
N VAL D 225 -31.53 27.25 22.31
CA VAL D 225 -32.38 26.35 23.06
C VAL D 225 -32.62 26.84 24.48
N THR D 226 -33.86 26.73 24.95
CA THR D 226 -34.18 27.01 26.34
C THR D 226 -35.18 26.00 26.88
N ALA D 227 -34.84 25.37 27.99
CA ALA D 227 -35.80 24.46 28.62
C ALA D 227 -36.48 25.15 29.79
N VAL D 228 -37.78 24.90 29.90
CA VAL D 228 -38.61 25.50 30.93
C VAL D 228 -39.15 24.34 31.78
N GLU D 229 -39.03 24.47 33.10
CA GLU D 229 -39.32 23.34 33.98
C GLU D 229 -39.98 23.79 35.28
N PHE D 230 -41.02 23.08 35.70
CA PHE D 230 -41.78 23.47 36.88
C PHE D 230 -40.97 23.31 38.18
N LEU D 231 -40.34 22.15 38.35
CA LEU D 231 -39.54 21.88 39.54
C LEU D 231 -38.24 22.70 39.52
N GLY D 232 -37.36 22.45 40.47
CA GLY D 232 -36.17 23.28 40.60
C GLY D 232 -34.85 22.57 40.41
N HIS D 233 -34.77 21.70 39.41
CA HIS D 233 -33.54 20.99 39.07
C HIS D 233 -33.77 20.21 37.80
N VAL D 234 -32.69 19.84 37.10
CA VAL D 234 -32.82 19.13 35.84
C VAL D 234 -32.47 17.67 36.03
N GLY D 235 -32.98 16.81 35.15
CA GLY D 235 -32.62 15.41 35.20
C GLY D 235 -33.70 14.50 35.74
N GLY D 236 -34.80 15.06 36.24
CA GLY D 236 -35.95 14.27 36.60
C GLY D 236 -35.99 13.84 38.05
N VAL D 237 -36.68 12.75 38.32
CA VAL D 237 -36.80 12.27 39.69
C VAL D 237 -35.66 11.32 40.06
N GLY D 238 -35.15 11.50 41.28
CA GLY D 238 -34.16 10.60 41.83
C GLY D 238 -32.73 11.07 41.65
N ILE D 239 -32.53 12.11 40.85
CA ILE D 239 -31.19 12.58 40.57
C ILE D 239 -30.65 13.28 41.81
N ASP D 240 -29.39 13.02 42.14
CA ASP D 240 -28.75 13.67 43.29
C ASP D 240 -28.62 15.16 43.01
N MET D 241 -28.97 15.97 44.00
CA MET D 241 -29.12 17.41 43.80
C MET D 241 -27.81 18.10 43.46
N GLU D 242 -26.75 17.75 44.19
CA GLU D 242 -25.44 18.28 43.86
C GLU D 242 -25.11 17.94 42.41
N ILE D 243 -25.31 16.68 42.03
CA ILE D 243 -24.95 16.24 40.68
C ILE D 243 -25.74 17.03 39.65
N SER D 244 -27.02 17.25 39.96
CA SER D 244 -27.91 17.95 39.05
C SER D 244 -27.44 19.40 38.86
N LYS D 245 -27.16 20.06 39.98
CA LYS D 245 -26.66 21.44 39.93
C LYS D 245 -25.41 21.54 39.07
N ASN D 246 -24.41 20.70 39.33
CA ASN D 246 -23.18 20.77 38.55
C ASN D 246 -23.45 20.50 37.08
N PHE D 247 -24.38 19.58 36.82
CA PHE D 247 -24.74 19.23 35.45
C PHE D 247 -25.32 20.47 34.79
N GLN D 248 -26.32 21.05 35.45
CA GLN D 248 -26.90 22.29 34.95
C GLN D 248 -25.85 23.37 34.60
N ARG D 249 -24.99 23.71 35.57
CA ARG D 249 -23.88 24.66 35.33
C ARG D 249 -23.15 24.35 34.01
N ILE D 250 -22.67 23.11 33.88
CA ILE D 250 -21.94 22.73 32.69
C ILE D 250 -22.78 22.89 31.44
N LEU D 251 -24.04 22.45 31.49
CA LEU D 251 -24.90 22.60 30.31
C LEU D 251 -25.07 24.08 29.93
N GLN D 252 -25.32 24.90 30.93
CA GLN D 252 -25.42 26.36 30.71
C GLN D 252 -24.18 26.97 30.06
N LYS D 253 -22.99 26.52 30.46
CA LYS D 253 -21.78 27.04 29.81
C LYS D 253 -21.69 26.61 28.35
N GLN D 254 -22.39 25.56 27.98
CA GLN D 254 -22.42 25.14 26.59
C GLN D 254 -23.38 26.01 25.75
N GLY D 255 -24.26 26.73 26.43
CA GLY D 255 -25.22 27.58 25.74
C GLY D 255 -26.68 27.14 25.92
N PHE D 256 -26.88 26.03 26.62
CA PHE D 256 -28.22 25.52 26.93
C PHE D 256 -28.80 26.38 28.03
N LYS D 257 -29.90 27.08 27.76
CA LYS D 257 -30.49 27.92 28.82
C LYS D 257 -31.63 27.22 29.58
N PHE D 258 -31.83 27.59 30.84
CA PHE D 258 -32.85 26.98 31.68
C PHE D 258 -33.67 28.00 32.47
N LYS D 259 -34.98 27.77 32.51
CA LYS D 259 -35.87 28.52 33.39
C LYS D 259 -36.52 27.54 34.35
N LEU D 260 -35.92 27.40 35.53
CA LEU D 260 -36.49 26.49 36.53
C LEU D 260 -37.55 27.17 37.41
N ASN D 261 -38.28 26.37 38.17
CA ASN D 261 -39.44 26.86 38.89
C ASN D 261 -40.24 27.79 37.99
N THR D 262 -40.42 27.39 36.74
CA THR D 262 -41.27 28.15 35.84
C THR D 262 -42.46 27.32 35.34
N LYS D 263 -43.62 27.96 35.34
CA LYS D 263 -44.84 27.33 34.84
C LYS D 263 -45.11 27.80 33.42
N VAL D 264 -45.55 26.88 32.56
CA VAL D 264 -45.95 27.23 31.20
C VAL D 264 -47.47 27.35 31.12
N THR D 265 -47.94 28.50 30.65
CA THR D 265 -49.37 28.84 30.67
C THR D 265 -50.08 28.38 29.41
N GLY D 266 -49.37 28.43 28.29
CA GLY D 266 -49.94 28.11 27.01
C GLY D 266 -49.04 28.58 25.89
N ALA D 267 -49.33 28.13 24.68
CA ALA D 267 -48.55 28.50 23.53
C ALA D 267 -49.50 29.12 22.52
N THR D 268 -49.01 30.07 21.74
CA THR D 268 -49.80 30.73 20.71
C THR D 268 -49.04 30.69 19.39
N LYS D 269 -49.61 30.04 18.37
CA LYS D 269 -49.01 30.08 17.03
C LYS D 269 -49.24 31.47 16.43
N LYS D 270 -48.17 32.13 16.02
CA LYS D 270 -48.28 33.46 15.42
C LYS D 270 -48.36 33.35 13.90
N SER D 271 -48.89 34.40 13.26
CA SER D 271 -49.15 34.35 11.83
C SER D 271 -47.85 34.26 11.02
N ASP D 272 -46.74 34.65 11.64
CA ASP D 272 -45.43 34.54 10.97
C ASP D 272 -44.89 33.12 11.08
N GLY D 273 -45.58 32.27 11.84
CA GLY D 273 -45.22 30.88 11.99
C GLY D 273 -44.55 30.57 13.32
N LYS D 274 -43.97 31.59 13.94
CA LYS D 274 -43.30 31.45 15.23
C LYS D 274 -44.30 31.20 16.38
N ILE D 275 -43.78 30.85 17.55
CA ILE D 275 -44.63 30.47 18.67
C ILE D 275 -44.30 31.24 19.93
N ASP D 276 -45.31 31.87 20.52
CA ASP D 276 -45.13 32.57 21.78
C ASP D 276 -45.49 31.66 22.95
N VAL D 277 -44.53 31.43 23.84
CA VAL D 277 -44.80 30.62 25.02
C VAL D 277 -45.02 31.52 26.24
N SER D 278 -46.16 31.34 26.89
CA SER D 278 -46.45 32.12 28.08
C SER D 278 -45.89 31.40 29.29
N ILE D 279 -45.20 32.14 30.16
CA ILE D 279 -44.66 31.49 31.34
C ILE D 279 -44.76 32.35 32.59
N GLU D 280 -44.70 31.70 33.75
CA GLU D 280 -44.78 32.39 35.04
C GLU D 280 -43.93 31.64 36.07
N ALA D 281 -43.62 32.30 37.18
CA ALA D 281 -42.91 31.65 38.29
C ALA D 281 -43.54 30.33 38.74
N GLY D 285 -46.49 34.35 39.93
CA GLY D 285 -46.43 35.65 39.29
C GLY D 285 -45.26 35.85 38.34
N LYS D 286 -45.07 37.08 37.87
CA LYS D 286 -43.99 37.42 36.93
C LYS D 286 -44.10 36.68 35.58
N ALA D 287 -45.04 37.12 34.75
CA ALA D 287 -45.31 36.44 33.48
C ALA D 287 -44.56 37.05 32.30
N GLU D 288 -43.90 36.19 31.52
CA GLU D 288 -43.19 36.62 30.33
C GLU D 288 -43.65 35.83 29.11
N VAL D 289 -43.20 36.26 27.95
CA VAL D 289 -43.37 35.49 26.73
C VAL D 289 -41.99 35.15 26.16
N ILE D 290 -41.80 33.87 25.81
CA ILE D 290 -40.61 33.40 25.12
C ILE D 290 -41.02 32.98 23.71
N THR D 291 -40.35 33.54 22.71
CA THR D 291 -40.70 33.17 21.34
C THR D 291 -39.76 32.07 20.87
N CYS D 292 -40.19 31.29 19.89
CA CYS D 292 -39.39 30.18 19.37
C CYS D 292 -39.97 29.71 18.05
N ASP D 293 -39.23 28.85 17.35
CA ASP D 293 -39.63 28.35 16.03
C ASP D 293 -40.17 26.95 16.15
N VAL D 294 -39.71 26.24 17.17
CA VAL D 294 -40.14 24.88 17.43
C VAL D 294 -40.33 24.75 18.93
N LEU D 295 -41.45 24.15 19.31
CA LEU D 295 -41.75 23.94 20.72
C LEU D 295 -41.79 22.46 20.98
N LEU D 296 -40.93 21.96 21.85
CA LEU D 296 -40.88 20.53 22.15
C LEU D 296 -41.62 20.25 23.45
N VAL D 297 -42.61 19.37 23.37
CA VAL D 297 -43.42 19.11 24.54
C VAL D 297 -42.93 17.84 25.17
N CYS D 298 -42.33 17.95 26.35
CA CYS D 298 -41.58 16.85 26.91
C CYS D 298 -41.78 16.71 28.41
N ILE D 299 -43.04 16.68 28.85
CA ILE D 299 -43.27 16.67 30.29
C ILE D 299 -43.28 15.28 30.89
N GLY D 300 -43.36 14.26 30.04
CA GLY D 300 -43.34 12.89 30.53
C GLY D 300 -43.96 11.90 29.56
N ARG D 301 -44.01 10.66 29.96
CA ARG D 301 -44.72 9.63 29.20
C ARG D 301 -45.66 8.90 30.14
N ARG D 302 -46.69 8.28 29.59
CA ARG D 302 -47.65 7.60 30.46
C ARG D 302 -47.99 6.22 29.93
N PRO D 303 -48.46 5.35 30.82
CA PRO D 303 -48.86 3.99 30.49
C PRO D 303 -49.94 4.01 29.40
N PHE D 304 -49.76 3.17 28.39
CA PHE D 304 -50.70 3.06 27.28
C PHE D 304 -51.41 1.70 27.30
N THR D 305 -52.73 1.75 27.46
CA THR D 305 -53.54 0.54 27.58
C THR D 305 -54.80 0.58 26.69
N LYS D 306 -54.93 1.62 25.87
CA LYS D 306 -56.17 1.86 25.12
C LYS D 306 -56.72 0.63 24.40
N ASN D 307 -58.01 0.35 24.59
CA ASN D 307 -58.69 -0.68 23.82
C ASN D 307 -58.03 -2.05 23.94
N LEU D 308 -57.63 -2.39 25.16
CA LEU D 308 -56.96 -3.66 25.39
C LEU D 308 -57.99 -4.63 25.99
N GLY D 309 -59.01 -4.05 26.61
CA GLY D 309 -60.08 -4.83 27.18
C GLY D 309 -59.84 -5.12 28.64
N LEU D 310 -59.29 -4.16 29.35
CA LEU D 310 -59.05 -4.32 30.78
C LEU D 310 -60.32 -4.01 31.55
N GLU D 311 -60.99 -2.94 31.14
CA GLU D 311 -62.27 -2.58 31.73
C GLU D 311 -63.21 -3.77 31.57
N GLU D 312 -63.35 -4.19 30.32
CA GLU D 312 -64.19 -5.31 29.91
C GLU D 312 -63.88 -6.61 30.67
N LEU D 313 -62.96 -6.54 31.61
CA LEU D 313 -62.41 -7.74 32.22
C LEU D 313 -62.22 -7.53 33.72
N GLY D 314 -62.50 -6.32 34.18
CA GLY D 314 -62.40 -5.99 35.58
C GLY D 314 -61.00 -5.67 36.07
N ILE D 315 -60.09 -5.38 35.13
CA ILE D 315 -58.73 -4.93 35.47
C ILE D 315 -58.66 -3.41 35.49
N GLU D 316 -58.84 -2.83 36.69
CA GLU D 316 -58.77 -1.39 36.86
C GLU D 316 -57.33 -0.89 36.99
N LEU D 317 -57.10 0.35 36.58
CA LEU D 317 -55.78 0.95 36.63
C LEU D 317 -55.61 1.68 37.95
N ASP D 318 -54.36 2.08 38.27
CA ASP D 318 -54.17 3.02 39.36
C ASP D 318 -54.42 4.46 38.84
N PRO D 319 -54.28 5.48 39.70
CA PRO D 319 -54.56 6.85 39.26
C PRO D 319 -53.72 7.34 38.07
N ARG D 320 -52.56 6.73 37.83
CA ARG D 320 -51.69 7.24 36.78
C ARG D 320 -51.71 6.41 35.51
N GLY D 321 -52.69 5.53 35.39
CA GLY D 321 -52.89 4.77 34.16
C GLY D 321 -52.24 3.40 34.16
N ARG D 322 -51.57 3.06 35.25
CA ARG D 322 -50.79 1.84 35.30
C ARG D 322 -51.59 0.62 35.70
N ILE D 323 -51.12 -0.53 35.24
CA ILE D 323 -51.72 -1.83 35.56
C ILE D 323 -51.08 -2.46 36.79
N PRO D 324 -51.82 -2.50 37.91
CA PRO D 324 -51.34 -3.06 39.17
C PRO D 324 -50.91 -4.52 39.05
N VAL D 325 -49.70 -4.84 39.49
CA VAL D 325 -49.29 -6.23 39.59
C VAL D 325 -48.65 -6.52 40.95
N ASN D 326 -48.60 -7.80 41.32
CA ASN D 326 -47.94 -8.25 42.53
C ASN D 326 -46.50 -8.60 42.19
N THR D 327 -45.75 -9.15 43.14
CA THR D 327 -44.32 -9.37 42.91
C THR D 327 -43.96 -10.42 41.85
N ARG D 328 -44.98 -11.08 41.30
CA ARG D 328 -44.73 -12.00 40.19
C ARG D 328 -45.14 -11.38 38.86
N PHE D 329 -45.56 -10.12 38.92
CA PHE D 329 -46.02 -9.36 37.75
C PHE D 329 -47.35 -9.88 37.19
N GLN D 330 -48.07 -10.65 37.98
CA GLN D 330 -49.39 -11.08 37.57
C GLN D 330 -50.42 -10.08 38.05
N THR D 331 -51.39 -9.76 37.19
CA THR D 331 -52.47 -8.85 37.52
C THR D 331 -53.50 -9.53 38.43
N LYS D 332 -54.66 -8.89 38.60
CA LYS D 332 -55.78 -9.48 39.31
C LYS D 332 -56.11 -10.88 38.77
N ILE D 333 -56.25 -11.00 37.45
CA ILE D 333 -56.35 -12.31 36.79
C ILE D 333 -54.97 -12.97 36.72
N PRO D 334 -54.77 -14.04 37.50
CA PRO D 334 -53.47 -14.68 37.78
C PRO D 334 -52.73 -15.36 36.61
N ASN D 335 -53.32 -15.43 35.42
CA ASN D 335 -52.57 -15.94 34.27
C ASN D 335 -52.37 -14.81 33.26
N ILE D 336 -52.74 -13.61 33.67
CA ILE D 336 -52.54 -12.40 32.89
C ILE D 336 -51.53 -11.47 33.57
N TYR D 337 -50.41 -11.23 32.91
CA TYR D 337 -49.32 -10.46 33.54
C TYR D 337 -49.11 -9.11 32.87
N ALA D 338 -48.34 -8.24 33.52
CA ALA D 338 -47.92 -6.98 32.92
C ALA D 338 -46.50 -6.54 33.38
N ILE D 339 -45.75 -5.96 32.43
CA ILE D 339 -44.38 -5.48 32.68
C ILE D 339 -44.06 -4.21 31.90
N GLY D 340 -42.98 -3.54 32.28
CA GLY D 340 -42.41 -2.46 31.48
C GLY D 340 -42.99 -1.10 31.78
N ASP D 341 -43.04 -0.25 30.78
CA ASP D 341 -43.61 1.09 30.94
C ASP D 341 -45.07 1.11 31.38
N VAL D 342 -45.82 0.04 31.10
CA VAL D 342 -47.24 0.02 31.44
C VAL D 342 -47.44 -0.28 32.93
N VAL D 343 -46.36 -0.61 33.63
CA VAL D 343 -46.41 -0.94 35.05
C VAL D 343 -45.53 -0.01 35.88
N ALA D 344 -45.80 0.10 37.18
CA ALA D 344 -45.04 0.97 38.07
C ALA D 344 -43.51 0.72 38.06
N GLY D 345 -42.76 1.69 38.58
CA GLY D 345 -41.32 1.64 38.55
C GLY D 345 -40.76 2.55 37.47
N PRO D 346 -39.41 2.63 37.37
CA PRO D 346 -38.68 3.49 36.42
C PRO D 346 -38.98 3.16 34.95
N MET D 347 -39.37 4.18 34.19
CA MET D 347 -39.74 4.00 32.79
C MET D 347 -38.53 3.96 31.89
N LEU D 348 -37.77 2.89 32.02
CA LEU D 348 -36.53 2.71 31.27
C LEU D 348 -36.54 1.38 30.52
N ALA D 349 -35.78 1.34 29.43
CA ALA D 349 -35.70 0.13 28.63
C ALA D 349 -35.15 -1.10 29.38
N HIS D 350 -34.09 -0.93 30.17
CA HIS D 350 -33.48 -2.04 30.90
C HIS D 350 -34.37 -2.48 32.05
N LYS D 351 -35.20 -1.57 32.56
CA LYS D 351 -36.15 -1.94 33.61
C LYS D 351 -37.19 -2.91 33.02
N ALA D 352 -37.69 -2.55 31.83
CA ALA D 352 -38.63 -3.40 31.10
C ALA D 352 -37.99 -4.74 30.76
N GLU D 353 -36.81 -4.73 30.16
CA GLU D 353 -36.19 -5.99 29.80
C GLU D 353 -36.10 -6.94 30.99
N ASP D 354 -35.61 -6.46 32.13
CA ASP D 354 -35.45 -7.34 33.29
C ASP D 354 -36.79 -7.94 33.72
N GLU D 355 -37.79 -7.08 33.83
CA GLU D 355 -39.10 -7.50 34.29
C GLU D 355 -39.67 -8.57 33.35
N GLY D 356 -39.47 -8.36 32.05
CA GLY D 356 -39.87 -9.30 31.03
C GLY D 356 -39.31 -10.67 31.31
N ILE D 357 -37.99 -10.72 31.54
CA ILE D 357 -37.31 -11.99 31.77
C ILE D 357 -37.70 -12.69 33.08
N ILE D 358 -37.76 -11.97 34.18
CA ILE D 358 -38.09 -12.61 35.46
C ILE D 358 -39.57 -13.01 35.52
N CYS D 359 -40.43 -12.22 34.91
CA CYS D 359 -41.84 -12.58 34.81
C CYS D 359 -42.04 -13.95 34.14
N VAL D 360 -41.39 -14.18 33.00
CA VAL D 360 -41.57 -15.44 32.29
C VAL D 360 -40.86 -16.58 33.01
N GLU D 361 -39.80 -16.26 33.72
CA GLU D 361 -39.15 -17.28 34.54
C GLU D 361 -40.11 -17.67 35.65
N GLY D 362 -40.94 -16.71 36.05
CA GLY D 362 -41.95 -16.94 37.08
C GLY D 362 -43.03 -17.88 36.58
N MET D 363 -43.53 -17.61 35.37
CA MET D 363 -44.43 -18.52 34.69
C MET D 363 -43.91 -19.97 34.68
N ALA D 364 -42.60 -20.13 34.50
CA ALA D 364 -42.00 -21.48 34.46
C ALA D 364 -41.61 -21.97 35.86
N GLY D 365 -42.19 -21.35 36.89
CA GLY D 365 -42.03 -21.82 38.24
C GLY D 365 -40.80 -21.32 38.98
N GLY D 366 -40.25 -20.19 38.54
CA GLY D 366 -39.08 -19.63 39.20
C GLY D 366 -39.39 -18.59 40.26
N ALA D 367 -38.39 -18.20 41.01
CA ALA D 367 -38.53 -17.10 41.96
C ALA D 367 -38.51 -15.80 41.18
N VAL D 368 -39.37 -14.84 41.56
CA VAL D 368 -39.42 -13.56 40.87
C VAL D 368 -39.15 -12.42 41.81
N HIS D 369 -37.94 -11.86 41.73
CA HIS D 369 -37.61 -10.68 42.52
C HIS D 369 -36.87 -9.62 41.71
N ILE D 370 -37.26 -8.37 41.92
CA ILE D 370 -36.50 -7.22 41.45
C ILE D 370 -36.61 -6.05 42.42
N ASP D 371 -35.47 -5.45 42.72
CA ASP D 371 -35.39 -4.25 43.55
C ASP D 371 -35.09 -3.07 42.63
N TYR D 372 -36.03 -2.13 42.56
CA TYR D 372 -35.90 -1.01 41.63
C TYR D 372 -34.73 -0.08 41.96
N ASN D 373 -34.25 -0.19 43.20
CA ASN D 373 -33.13 0.61 43.65
C ASN D 373 -31.82 0.27 42.94
N CYS D 374 -31.67 -0.98 42.56
CA CYS D 374 -30.46 -1.42 41.89
C CYS D 374 -30.52 -1.19 40.38
N VAL D 375 -31.53 -0.42 39.95
CA VAL D 375 -31.69 -0.05 38.54
C VAL D 375 -31.07 1.32 38.28
N PRO D 376 -30.14 1.38 37.32
CA PRO D 376 -29.43 2.62 37.02
C PRO D 376 -30.14 3.54 36.04
N SER D 377 -29.88 4.84 36.12
CA SER D 377 -30.29 5.78 35.07
C SER D 377 -29.05 6.36 34.37
N VAL D 378 -29.24 6.83 33.13
CA VAL D 378 -28.14 7.42 32.38
C VAL D 378 -28.65 8.57 31.55
N ILE D 379 -27.87 9.65 31.48
CA ILE D 379 -28.13 10.73 30.54
C ILE D 379 -26.96 10.83 29.56
N TYR D 380 -27.26 10.73 28.26
CA TYR D 380 -26.22 10.57 27.24
C TYR D 380 -25.80 11.86 26.57
N THR D 381 -25.90 12.95 27.31
CA THR D 381 -25.35 14.22 26.89
C THR D 381 -23.84 14.11 27.04
N HIS D 382 -23.18 15.24 26.86
CA HIS D 382 -21.77 15.36 27.18
C HIS D 382 -21.52 16.66 27.94
N PRO D 383 -21.08 16.55 29.20
CA PRO D 383 -20.76 15.27 29.84
C PRO D 383 -21.99 14.36 30.07
N GLU D 384 -21.74 13.07 30.27
CA GLU D 384 -22.80 12.16 30.68
C GLU D 384 -23.12 12.24 32.16
N VAL D 385 -24.32 11.79 32.53
CA VAL D 385 -24.68 11.63 33.93
C VAL D 385 -25.16 10.22 34.10
N ALA D 386 -24.95 9.61 35.26
CA ALA D 386 -25.35 8.23 35.49
C ALA D 386 -25.30 7.95 36.96
N TRP D 387 -26.28 7.20 37.46
CA TRP D 387 -26.33 6.88 38.89
C TRP D 387 -27.12 5.63 39.19
N VAL D 388 -26.87 5.05 40.36
CA VAL D 388 -27.57 3.85 40.77
C VAL D 388 -27.56 3.85 42.30
N GLY D 389 -28.55 3.21 42.91
CA GLY D 389 -28.73 3.30 44.36
C GLY D 389 -29.28 4.67 44.77
N LYS D 390 -29.00 5.08 46.00
CA LYS D 390 -29.65 6.26 46.58
C LYS D 390 -28.87 7.56 46.39
N SER D 391 -29.61 8.66 46.25
CA SER D 391 -29.00 9.98 46.29
C SER D 391 -28.89 10.49 47.75
N GLU D 392 -28.38 11.71 47.90
CA GLU D 392 -28.21 12.26 49.24
C GLU D 392 -29.57 12.64 49.81
N GLU D 393 -30.41 13.25 48.99
CA GLU D 393 -31.77 13.60 49.42
C GLU D 393 -32.52 12.37 49.91
N GLN D 394 -32.46 11.29 49.14
CA GLN D 394 -33.16 10.06 49.54
C GLN D 394 -32.60 9.47 50.83
N LEU D 395 -31.32 9.68 51.12
CA LEU D 395 -30.73 9.15 52.34
C LEU D 395 -31.08 9.99 53.55
N LYS D 396 -31.21 11.30 53.34
CA LYS D 396 -31.69 12.18 54.40
C LYS D 396 -33.15 11.87 54.70
N GLU D 397 -33.94 11.70 53.65
CA GLU D 397 -35.34 11.30 53.79
C GLU D 397 -35.45 10.07 54.69
N GLU D 398 -34.84 8.97 54.25
CA GLU D 398 -34.97 7.69 54.94
C GLU D 398 -34.21 7.67 56.27
N GLY D 399 -33.59 8.80 56.61
CA GLY D 399 -32.86 8.95 57.87
C GLY D 399 -31.57 8.15 58.00
N ILE D 400 -30.87 7.94 56.88
CA ILE D 400 -29.66 7.11 56.84
C ILE D 400 -28.40 7.91 57.15
N GLU D 401 -27.55 7.36 58.02
CA GLU D 401 -26.25 7.97 58.34
C GLU D 401 -25.23 7.58 57.28
N TYR D 402 -24.60 8.57 56.66
CA TYR D 402 -23.72 8.30 55.54
C TYR D 402 -22.49 9.21 55.46
N LYS D 403 -21.45 8.69 54.79
CA LYS D 403 -20.27 9.45 54.46
C LYS D 403 -20.22 9.69 52.95
N VAL D 404 -19.33 10.58 52.52
CA VAL D 404 -19.27 10.99 51.13
C VAL D 404 -17.83 10.94 50.63
N GLY D 405 -17.63 10.35 49.46
CA GLY D 405 -16.35 10.42 48.79
C GLY D 405 -16.54 11.01 47.40
N LYS D 406 -15.82 12.09 47.09
CA LYS D 406 -15.86 12.68 45.76
C LYS D 406 -14.51 12.63 45.11
N PHE D 407 -14.46 12.50 43.79
CA PHE D 407 -13.22 12.56 43.05
C PHE D 407 -13.46 13.21 41.69
N PRO D 408 -12.74 14.29 41.39
CA PRO D 408 -12.98 15.06 40.17
C PRO D 408 -12.31 14.44 38.96
N PHE D 409 -12.97 14.47 37.81
CA PHE D 409 -12.34 13.98 36.59
C PHE D 409 -11.18 14.87 36.17
N ALA D 410 -11.16 16.11 36.65
CA ALA D 410 -10.02 17.01 36.42
C ALA D 410 -8.71 16.34 36.85
N ALA D 411 -8.79 15.45 37.83
CA ALA D 411 -7.61 14.76 38.33
C ALA D 411 -7.50 13.30 37.86
N ASN D 412 -8.35 12.89 36.92
CA ASN D 412 -8.22 11.55 36.39
C ASN D 412 -7.32 11.57 35.14
N SER D 413 -6.38 10.63 35.05
CA SER D 413 -5.36 10.74 34.00
C SER D 413 -5.92 10.58 32.58
N ARG D 414 -6.82 9.62 32.38
CA ARG D 414 -7.42 9.46 31.05
C ARG D 414 -8.32 10.65 30.66
N ALA D 415 -9.10 11.18 31.60
CA ALA D 415 -9.94 12.34 31.28
C ALA D 415 -9.07 13.53 30.90
N LYS D 416 -7.95 13.73 31.61
CA LYS D 416 -7.09 14.88 31.34
C LYS D 416 -6.26 14.73 30.07
N THR D 417 -5.79 13.53 29.77
CA THR D 417 -5.09 13.32 28.53
C THR D 417 -5.96 13.74 27.36
N ASN D 418 -7.25 13.40 27.45
CA ASN D 418 -8.18 13.75 26.38
C ASN D 418 -8.80 15.14 26.51
N ALA D 419 -8.32 15.92 27.47
CA ALA D 419 -8.70 17.33 27.53
C ALA D 419 -10.19 17.40 27.75
N ASP D 420 -10.69 16.46 28.54
CA ASP D 420 -12.13 16.25 28.72
C ASP D 420 -12.39 16.07 30.20
N THR D 421 -12.45 17.17 30.93
CA THR D 421 -12.30 17.11 32.38
C THR D 421 -13.42 17.69 33.26
N ASP D 422 -14.60 17.91 32.70
CA ASP D 422 -15.77 18.26 33.51
C ASP D 422 -16.11 17.10 34.44
N GLY D 423 -16.64 17.40 35.61
CA GLY D 423 -17.35 16.38 36.35
C GLY D 423 -16.61 15.74 37.52
N MET D 424 -17.27 14.77 38.13
CA MET D 424 -16.74 14.09 39.31
C MET D 424 -17.45 12.76 39.46
N VAL D 425 -16.86 11.84 40.21
CA VAL D 425 -17.65 10.72 40.72
C VAL D 425 -17.96 10.99 42.20
N LYS D 426 -19.16 10.65 42.64
CA LYS D 426 -19.50 10.78 44.05
C LYS D 426 -20.05 9.48 44.61
N ILE D 427 -19.44 8.97 45.67
CA ILE D 427 -19.89 7.73 46.30
C ILE D 427 -20.52 8.03 47.63
N LEU D 428 -21.64 7.36 47.93
CA LEU D 428 -22.29 7.51 49.22
C LEU D 428 -22.17 6.22 50.00
N GLY D 429 -21.67 6.31 51.22
CA GLY D 429 -21.44 5.12 52.01
C GLY D 429 -22.17 5.15 53.33
N GLN D 430 -22.54 3.97 53.80
CA GLN D 430 -23.10 3.84 55.13
C GLN D 430 -22.04 4.25 56.14
N LYS D 431 -22.40 5.16 57.06
CA LYS D 431 -21.44 5.65 58.06
C LYS D 431 -20.87 4.53 58.91
N SER D 432 -21.71 3.61 59.33
CA SER D 432 -21.24 2.55 60.21
C SER D 432 -20.47 1.48 59.44
N THR D 433 -21.13 0.90 58.42
CA THR D 433 -20.63 -0.30 57.75
C THR D 433 -19.84 -0.08 56.44
N ASP D 434 -19.74 1.15 55.97
CA ASP D 434 -18.93 1.44 54.79
C ASP D 434 -19.53 0.80 53.53
N ARG D 435 -20.78 0.40 53.64
CA ARG D 435 -21.51 -0.22 52.54
C ARG D 435 -21.81 0.83 51.46
N VAL D 436 -21.54 0.51 50.20
CA VAL D 436 -21.90 1.46 49.14
C VAL D 436 -23.42 1.57 49.02
N LEU D 437 -23.94 2.77 49.21
CA LEU D 437 -25.38 3.04 49.16
C LEU D 437 -25.82 3.69 47.84
N GLY D 438 -24.91 4.43 47.21
CA GLY D 438 -25.21 5.08 45.97
C GLY D 438 -23.97 5.59 45.23
N ALA D 439 -24.01 5.54 43.91
CA ALA D 439 -22.96 6.10 43.10
C ALA D 439 -23.55 7.07 42.09
N HIS D 440 -22.89 8.20 41.94
CA HIS D 440 -23.37 9.25 41.07
C HIS D 440 -22.21 9.79 40.24
N ILE D 441 -22.40 9.82 38.94
CA ILE D 441 -21.31 10.13 38.06
C ILE D 441 -21.71 11.20 37.06
N LEU D 442 -20.94 12.28 37.03
CA LEU D 442 -21.11 13.32 36.05
C LEU D 442 -19.77 13.45 35.40
N GLY D 443 -19.74 13.26 34.09
CA GLY D 443 -18.48 13.29 33.36
C GLY D 443 -18.41 12.35 32.18
N PRO D 444 -17.22 12.28 31.54
CA PRO D 444 -16.93 11.35 30.43
C PRO D 444 -17.18 9.90 30.88
N GLY D 445 -17.80 9.09 30.02
CA GLY D 445 -17.96 7.67 30.30
C GLY D 445 -18.90 7.25 31.43
N ALA D 446 -19.76 8.15 31.87
CA ALA D 446 -20.62 7.84 33.00
C ALA D 446 -21.54 6.65 32.72
N GLY D 447 -22.07 6.60 31.50
CA GLY D 447 -22.99 5.55 31.13
C GLY D 447 -22.43 4.14 31.31
N GLU D 448 -21.21 3.92 30.84
CA GLU D 448 -20.54 2.65 31.01
C GLU D 448 -20.14 2.38 32.47
N MET D 449 -19.60 3.40 33.10
CA MET D 449 -19.08 3.28 34.47
C MET D 449 -20.21 2.89 35.47
N VAL D 450 -21.43 3.36 35.23
CA VAL D 450 -22.48 3.10 36.20
C VAL D 450 -22.71 1.60 36.34
N ASN D 451 -22.29 0.83 35.34
CA ASN D 451 -22.53 -0.60 35.36
C ASN D 451 -21.59 -1.36 36.27
N GLU D 452 -20.37 -0.84 36.42
CA GLU D 452 -19.47 -1.34 37.46
C GLU D 452 -20.10 -1.03 38.82
N ALA D 453 -20.62 0.18 38.99
CA ALA D 453 -21.28 0.52 40.24
C ALA D 453 -22.49 -0.41 40.49
N ALA D 454 -23.29 -0.66 39.44
CA ALA D 454 -24.43 -1.56 39.58
C ALA D 454 -23.98 -2.97 40.02
N LEU D 455 -22.93 -3.49 39.41
CA LEU D 455 -22.38 -4.78 39.84
C LEU D 455 -21.96 -4.76 41.30
N ALA D 456 -21.31 -3.69 41.75
CA ALA D 456 -20.93 -3.53 43.18
C ALA D 456 -22.12 -3.61 44.13
N LEU D 457 -23.14 -2.81 43.86
CA LEU D 457 -24.32 -2.82 44.73
C LEU D 457 -24.86 -4.25 44.87
N GLU D 458 -24.93 -4.95 43.75
CA GLU D 458 -25.49 -6.29 43.73
C GLU D 458 -24.75 -7.23 44.67
N TYR D 459 -23.45 -6.99 44.85
CA TYR D 459 -22.65 -7.81 45.76
C TYR D 459 -22.52 -7.29 47.18
N GLY D 460 -23.19 -6.17 47.47
CA GLY D 460 -23.12 -5.57 48.78
C GLY D 460 -21.74 -5.01 49.07
N ALA D 461 -21.15 -4.37 48.05
CA ALA D 461 -19.78 -3.89 48.12
C ALA D 461 -19.60 -2.82 49.19
N SER D 462 -18.44 -2.85 49.84
CA SER D 462 -18.06 -1.73 50.69
C SER D 462 -17.16 -0.81 49.88
N CYS D 463 -17.07 0.45 50.28
CA CYS D 463 -16.16 1.39 49.63
C CYS D 463 -14.71 0.85 49.61
N GLU D 464 -14.23 0.33 50.74
CA GLU D 464 -12.91 -0.24 50.80
C GLU D 464 -12.79 -1.37 49.78
N ASP D 465 -13.79 -2.24 49.72
CA ASP D 465 -13.75 -3.36 48.78
C ASP D 465 -13.33 -2.87 47.39
N ILE D 466 -14.03 -1.84 46.91
CA ILE D 466 -13.78 -1.32 45.58
C ILE D 466 -12.38 -0.68 45.48
N ALA D 467 -12.01 0.09 46.50
CA ALA D 467 -10.69 0.71 46.56
C ALA D 467 -9.57 -0.29 46.39
N ARG D 468 -9.78 -1.50 46.92
CA ARG D 468 -8.77 -2.55 46.86
C ARG D 468 -8.79 -3.35 45.55
N VAL D 469 -9.69 -3.02 44.64
CA VAL D 469 -9.72 -3.76 43.38
C VAL D 469 -8.87 -3.02 42.37
N CYS D 470 -7.95 -3.75 41.76
CA CYS D 470 -7.06 -3.14 40.79
C CYS D 470 -7.83 -2.71 39.54
N HIS D 471 -7.81 -1.42 39.25
CA HIS D 471 -8.41 -0.90 38.04
C HIS D 471 -7.28 -0.54 37.10
N ALA D 472 -7.39 -0.91 35.82
CA ALA D 472 -6.36 -0.58 34.83
C ALA D 472 -6.05 0.92 34.84
N HIS D 473 -4.82 1.26 34.50
CA HIS D 473 -4.40 2.65 34.38
C HIS D 473 -3.80 2.87 33.01
N PRO D 474 -4.13 4.00 32.37
CA PRO D 474 -5.07 5.04 32.79
C PRO D 474 -6.51 4.79 32.25
N THR D 475 -7.49 4.70 33.15
CA THR D 475 -8.92 4.60 32.78
C THR D 475 -9.77 5.57 33.58
N LEU D 476 -10.90 5.98 33.01
CA LEU D 476 -11.87 6.82 33.71
C LEU D 476 -12.35 6.09 34.97
N SER D 477 -12.34 4.75 34.92
CA SER D 477 -12.86 3.95 36.03
C SER D 477 -12.05 4.20 37.31
N GLU D 478 -10.83 4.70 37.14
CA GLU D 478 -10.02 5.10 38.29
C GLU D 478 -10.69 6.18 39.13
N ALA D 479 -11.45 7.10 38.52
CA ALA D 479 -12.15 8.10 39.31
C ALA D 479 -13.09 7.42 40.25
N PHE D 480 -13.71 6.35 39.76
CA PHE D 480 -14.66 5.58 40.54
C PHE D 480 -13.95 4.84 41.65
N ARG D 481 -12.76 4.33 41.37
CA ARG D 481 -11.96 3.70 42.42
C ARG D 481 -11.49 4.73 43.47
N GLU D 482 -11.03 5.90 43.03
CA GLU D 482 -10.55 6.93 43.97
C GLU D 482 -11.67 7.50 44.85
N ALA D 483 -12.85 7.68 44.27
CA ALA D 483 -13.95 8.21 45.06
C ALA D 483 -14.32 7.22 46.16
N ASN D 484 -14.32 5.93 45.83
CA ASN D 484 -14.53 4.94 46.85
C ASN D 484 -13.41 5.00 47.91
N LEU D 485 -12.16 5.15 47.47
CA LEU D 485 -11.06 5.24 48.42
C LEU D 485 -11.31 6.40 49.36
N ALA D 486 -11.62 7.56 48.79
CA ALA D 486 -11.94 8.76 49.56
C ALA D 486 -13.15 8.60 50.50
N ALA D 487 -14.06 7.69 50.19
CA ALA D 487 -15.20 7.45 51.06
C ALA D 487 -14.82 6.45 52.15
N SER D 488 -13.85 5.61 51.86
CA SER D 488 -13.42 4.60 52.81
C SER D 488 -12.37 5.13 53.77
N PHE D 489 -11.27 5.61 53.21
CA PHE D 489 -10.07 6.04 53.94
C PHE D 489 -10.23 7.48 54.44
N GLY D 490 -10.92 8.30 53.65
CA GLY D 490 -11.03 9.72 53.96
C GLY D 490 -10.29 10.55 52.92
N LYS D 491 -9.27 9.94 52.32
CA LYS D 491 -8.47 10.62 51.30
C LYS D 491 -8.25 9.72 50.08
N SER D 492 -8.35 10.30 48.89
CA SER D 492 -7.85 9.62 47.70
C SER D 492 -6.32 9.76 47.59
N ILE D 493 -5.77 9.35 46.46
CA ILE D 493 -4.34 9.46 46.24
C ILE D 493 -4.05 10.63 45.31
N ASN D 494 -4.85 10.77 44.25
CA ASN D 494 -4.59 11.81 43.25
C ASN D 494 -5.39 13.10 43.42
N PHE D 495 -5.93 13.29 44.61
CA PHE D 495 -6.62 14.52 44.90
C PHE D 495 -6.73 14.77 46.42
N THR E 8 27.17 15.69 -52.84
CA THR E 8 26.23 14.93 -53.68
C THR E 8 25.79 13.56 -53.10
N LEU E 9 24.54 13.47 -52.63
CA LEU E 9 24.07 12.37 -51.78
C LEU E 9 23.06 11.43 -52.45
N ALA E 10 23.38 10.16 -52.41
CA ALA E 10 22.54 9.16 -53.03
C ALA E 10 23.04 7.76 -52.64
N THR E 11 22.12 6.92 -52.20
CA THR E 11 22.46 5.57 -51.77
C THR E 11 22.81 4.67 -52.94
N PRO E 12 23.45 3.53 -52.64
CA PRO E 12 23.74 2.52 -53.65
C PRO E 12 22.54 2.23 -54.55
N ALA E 13 21.37 1.98 -53.96
CA ALA E 13 20.20 1.60 -54.76
C ALA E 13 19.81 2.73 -55.72
N VAL E 14 19.82 3.96 -55.22
CA VAL E 14 19.51 5.10 -56.07
C VAL E 14 20.57 5.27 -57.15
N ARG E 15 21.86 5.08 -56.80
CA ARG E 15 22.92 5.18 -57.78
C ARG E 15 22.82 4.12 -58.86
N ASN E 16 22.33 2.93 -58.48
CA ASN E 16 22.18 1.85 -59.45
C ASN E 16 21.06 2.16 -60.44
N LEU E 17 19.93 2.60 -59.91
CA LEU E 17 18.77 2.94 -60.73
C LEU E 17 19.17 3.98 -61.79
N ALA E 18 19.80 5.06 -61.34
CA ALA E 18 20.30 6.08 -62.26
C ALA E 18 21.22 5.48 -63.32
N MET E 19 22.21 4.73 -62.88
CA MET E 19 23.17 4.15 -63.81
C MET E 19 22.50 3.14 -64.75
N GLU E 20 21.51 2.41 -64.24
CA GLU E 20 20.83 1.39 -65.03
C GLU E 20 20.09 2.02 -66.19
N ASN E 21 19.47 3.19 -65.94
CA ASN E 21 18.77 3.95 -66.97
C ASN E 21 19.64 5.04 -67.63
N ASN E 22 20.95 4.97 -67.45
CA ASN E 22 21.89 5.93 -68.05
C ASN E 22 21.65 7.40 -67.72
N ILE E 23 21.20 7.66 -66.49
CA ILE E 23 20.94 9.01 -66.01
C ILE E 23 22.12 9.61 -65.23
N LYS E 24 22.61 10.78 -65.63
CA LYS E 24 23.64 11.46 -64.84
C LYS E 24 23.03 12.06 -63.57
N LEU E 25 23.64 11.79 -62.42
CA LEU E 25 23.11 12.24 -61.15
C LEU E 25 23.10 13.78 -61.07
N SER E 26 23.95 14.41 -61.87
CA SER E 26 24.08 15.86 -61.82
C SER E 26 22.88 16.59 -62.41
N GLU E 27 22.07 15.87 -63.19
CA GLU E 27 20.92 16.47 -63.85
C GLU E 27 19.62 16.10 -63.14
N VAL E 28 19.75 15.63 -61.90
CA VAL E 28 18.59 15.33 -61.07
C VAL E 28 18.71 16.04 -59.73
N VAL E 29 17.78 16.95 -59.47
CA VAL E 29 17.76 17.62 -58.19
C VAL E 29 16.95 16.78 -57.22
N GLY E 30 17.48 16.56 -56.04
CA GLY E 30 16.82 15.71 -55.07
C GLY E 30 15.70 16.43 -54.36
N SER E 31 14.81 15.66 -53.75
CA SER E 31 13.68 16.21 -53.04
C SER E 31 13.73 15.79 -51.57
N GLY E 32 14.65 14.89 -51.24
CA GLY E 32 14.82 14.42 -49.88
C GLY E 32 15.70 15.30 -49.00
N LYS E 33 16.00 14.80 -47.80
CA LYS E 33 16.73 15.58 -46.81
C LYS E 33 18.06 16.09 -47.32
N ASP E 34 18.31 17.39 -47.15
CA ASP E 34 19.56 18.03 -47.55
C ASP E 34 19.85 17.77 -49.03
N GLY E 35 18.77 17.64 -49.80
CA GLY E 35 18.86 17.47 -51.23
C GLY E 35 19.25 16.06 -51.64
N ARG E 36 19.05 15.09 -50.75
N ARG E 36 19.05 15.09 -50.75
CA ARG E 36 19.31 13.72 -51.09
CA ARG E 36 19.32 13.70 -51.07
C ARG E 36 18.50 13.34 -52.31
C ARG E 36 18.46 13.27 -52.25
N ILE E 37 19.05 12.47 -53.14
CA ILE E 37 18.32 12.01 -54.32
C ILE E 37 17.65 10.67 -54.05
N LEU E 38 16.32 10.68 -54.07
CA LEU E 38 15.53 9.49 -53.78
C LEU E 38 15.14 8.77 -55.06
N LYS E 39 14.76 7.49 -54.92
CA LYS E 39 14.33 6.72 -56.08
C LYS E 39 13.24 7.48 -56.83
N GLU E 40 12.33 8.07 -56.08
CA GLU E 40 11.21 8.74 -56.71
C GLU E 40 11.71 9.87 -57.61
N ASP E 41 12.90 10.41 -57.31
CA ASP E 41 13.45 11.46 -58.19
C ASP E 41 13.95 10.91 -59.52
N ILE E 42 14.62 9.76 -59.48
CA ILE E 42 15.02 9.10 -60.70
C ILE E 42 13.77 8.79 -61.54
N LEU E 43 12.76 8.19 -60.90
CA LEU E 43 11.50 7.89 -61.57
C LEU E 43 10.76 9.13 -62.12
N ASN E 44 10.83 10.25 -61.40
CA ASN E 44 10.22 11.48 -61.89
C ASN E 44 10.92 11.95 -63.13
N TYR E 45 12.24 11.88 -63.11
CA TYR E 45 13.05 12.32 -64.24
C TYR E 45 12.77 11.46 -65.46
N LEU E 46 12.81 10.14 -65.26
CA LEU E 46 12.53 9.18 -66.33
C LEU E 46 11.17 9.45 -66.99
N GLU E 47 10.23 9.92 -66.20
CA GLU E 47 8.87 10.20 -66.67
C GLU E 47 8.72 11.56 -67.36
N LYS E 48 9.40 12.58 -66.86
CA LYS E 48 9.41 13.87 -67.53
C LYS E 48 10.15 13.75 -68.86
N GLN E 49 10.97 12.71 -68.99
CA GLN E 49 11.82 12.55 -70.15
C GLN E 49 11.02 12.01 -71.33
N THR E 50 9.88 11.40 -71.04
CA THR E 50 9.02 10.87 -72.09
C THR E 50 7.98 11.89 -72.53
N LEU E 51 7.43 12.61 -71.55
CA LEU E 51 6.46 13.67 -71.84
C LEU E 51 7.11 14.79 -72.66
N GLU E 52 8.42 14.94 -72.52
CA GLU E 52 9.18 16.00 -73.18
C GLU E 52 9.00 16.02 -74.70
N HIS E 53 8.84 14.85 -75.29
CA HIS E 53 8.71 14.73 -76.74
C HIS E 53 7.41 15.36 -77.27
N HIS E 54 6.61 15.91 -76.36
CA HIS E 54 5.31 16.51 -76.72
C HIS E 54 5.16 17.96 -76.24
N HIS E 55 6.24 18.54 -75.73
CA HIS E 55 6.26 19.92 -75.28
C HIS E 55 6.56 20.86 -76.45
N HIS E 56 5.84 21.98 -76.48
CA HIS E 56 6.13 23.05 -77.43
C HIS E 56 7.62 23.40 -77.55
N HIS E 57 8.08 23.63 -78.78
CA HIS E 57 9.43 24.16 -78.97
C HIS E 57 9.56 25.28 -80.03
N HIS E 58 9.66 24.92 -81.31
CA HIS E 58 9.88 25.95 -82.33
C HIS E 58 8.60 26.54 -82.95
N LEU F 9 -16.53 -17.15 52.12
CA LEU F 9 -16.60 -16.02 51.21
C LEU F 9 -16.40 -14.70 51.92
N ALA F 10 -15.23 -14.08 51.74
CA ALA F 10 -14.95 -12.80 52.39
C ALA F 10 -13.80 -12.03 51.74
N THR F 11 -13.99 -10.71 51.59
CA THR F 11 -12.95 -9.84 51.03
C THR F 11 -11.82 -9.56 52.03
N PRO F 12 -10.67 -9.09 51.50
CA PRO F 12 -9.55 -8.65 52.34
C PRO F 12 -9.99 -7.67 53.40
N ALA F 13 -10.73 -6.63 53.02
CA ALA F 13 -11.22 -5.64 53.98
C ALA F 13 -12.05 -6.26 55.11
N VAL F 14 -12.76 -7.34 54.81
CA VAL F 14 -13.62 -8.01 55.78
C VAL F 14 -12.82 -8.98 56.62
N ARG F 15 -11.95 -9.75 55.98
CA ARG F 15 -11.05 -10.63 56.70
C ARG F 15 -10.22 -9.82 57.68
N ASN F 16 -9.75 -8.65 57.23
CA ASN F 16 -9.02 -7.72 58.08
C ASN F 16 -9.85 -7.29 59.28
N LEU F 17 -11.04 -6.77 59.03
CA LEU F 17 -11.90 -6.31 60.11
C LEU F 17 -12.16 -7.44 61.09
N ALA F 18 -12.09 -8.67 60.60
CA ALA F 18 -12.22 -9.84 61.46
C ALA F 18 -10.98 -9.98 62.33
N MET F 19 -9.81 -9.97 61.70
CA MET F 19 -8.54 -10.07 62.42
C MET F 19 -8.39 -8.91 63.41
N GLU F 20 -8.87 -7.72 63.02
CA GLU F 20 -8.78 -6.55 63.88
C GLU F 20 -9.60 -6.78 65.15
N ASN F 21 -10.90 -6.99 65.01
CA ASN F 21 -11.77 -7.18 66.16
C ASN F 21 -11.72 -8.60 66.74
N ASN F 22 -10.62 -9.30 66.48
CA ASN F 22 -10.40 -10.63 67.03
C ASN F 22 -11.62 -11.56 66.96
N ILE F 23 -12.22 -11.65 65.77
CA ILE F 23 -13.35 -12.55 65.56
C ILE F 23 -12.94 -13.76 64.73
N LYS F 24 -13.59 -14.89 64.98
CA LYS F 24 -13.35 -16.11 64.21
C LYS F 24 -14.27 -16.19 63.00
N LEU F 25 -13.72 -16.03 61.81
CA LEU F 25 -14.55 -15.95 60.60
C LEU F 25 -15.65 -17.01 60.51
N SER F 26 -15.34 -18.24 60.87
CA SER F 26 -16.32 -19.33 60.77
C SER F 26 -17.46 -19.25 61.79
N GLU F 27 -17.32 -18.38 62.79
CA GLU F 27 -18.37 -18.21 63.79
C GLU F 27 -19.40 -17.14 63.39
N VAL F 28 -19.32 -16.68 62.15
CA VAL F 28 -20.26 -15.67 61.66
C VAL F 28 -21.00 -16.12 60.40
N VAL F 29 -22.31 -15.90 60.40
CA VAL F 29 -23.13 -16.16 59.22
C VAL F 29 -23.21 -14.90 58.36
N GLY F 30 -22.98 -15.06 57.07
CA GLY F 30 -23.02 -13.95 56.16
C GLY F 30 -24.43 -13.64 55.69
N SER F 31 -24.73 -12.36 55.55
CA SER F 31 -26.02 -11.93 55.06
C SER F 31 -25.95 -11.52 53.58
N GLY F 32 -24.74 -11.62 53.00
CA GLY F 32 -24.53 -11.21 51.62
C GLY F 32 -24.78 -12.33 50.62
N LYS F 33 -24.65 -12.02 49.33
CA LYS F 33 -24.87 -12.99 48.26
C LYS F 33 -24.08 -14.27 48.50
N ASP F 34 -24.71 -15.42 48.21
CA ASP F 34 -24.06 -16.72 48.37
C ASP F 34 -23.65 -16.98 49.82
N GLY F 35 -24.22 -16.22 50.74
CA GLY F 35 -23.86 -16.30 52.14
C GLY F 35 -22.64 -15.48 52.49
N ARG F 36 -22.16 -14.69 51.53
CA ARG F 36 -20.99 -13.85 51.72
C ARG F 36 -21.03 -13.09 53.04
N ILE F 37 -19.88 -13.04 53.70
CA ILE F 37 -19.79 -12.33 54.98
C ILE F 37 -19.36 -10.88 54.73
N LEU F 38 -20.18 -9.95 55.19
CA LEU F 38 -19.95 -8.53 54.96
C LEU F 38 -19.48 -7.86 56.22
N LYS F 39 -19.07 -6.59 56.12
CA LYS F 39 -18.61 -5.84 57.27
C LYS F 39 -19.72 -5.72 58.31
N GLU F 40 -20.96 -5.71 57.83
CA GLU F 40 -22.14 -5.64 58.71
C GLU F 40 -22.15 -6.84 59.63
N ASP F 41 -22.07 -8.02 59.04
CA ASP F 41 -22.10 -9.28 59.78
C ASP F 41 -21.08 -9.27 60.93
N ILE F 42 -19.83 -8.96 60.61
CA ILE F 42 -18.78 -8.80 61.60
C ILE F 42 -19.24 -7.93 62.78
N LEU F 43 -19.63 -6.69 62.48
CA LEU F 43 -20.09 -5.76 63.50
C LEU F 43 -21.25 -6.35 64.32
N ASN F 44 -22.26 -6.84 63.63
CA ASN F 44 -23.43 -7.38 64.31
C ASN F 44 -23.09 -8.60 65.16
N TYR F 45 -22.05 -9.33 64.78
CA TYR F 45 -21.60 -10.46 65.59
C TYR F 45 -20.85 -9.94 66.81
N LEU F 46 -20.36 -8.72 66.72
CA LEU F 46 -19.73 -8.05 67.83
C LEU F 46 -20.76 -7.50 68.82
N GLU F 47 -21.87 -7.03 68.29
CA GLU F 47 -22.95 -6.50 69.10
C GLU F 47 -23.61 -7.65 69.86
N LYS F 48 -23.70 -8.80 69.20
CA LYS F 48 -24.30 -10.00 69.78
C LYS F 48 -23.37 -10.61 70.81
N GLN F 49 -22.11 -10.15 70.79
CA GLN F 49 -21.10 -10.62 71.72
C GLN F 49 -21.30 -9.92 73.05
N THR F 50 -21.14 -8.59 73.03
CA THR F 50 -21.32 -7.77 74.22
C THR F 50 -22.66 -8.06 74.88
N LEU F 51 -23.71 -8.17 74.06
CA LEU F 51 -25.06 -8.52 74.54
C LEU F 51 -25.12 -9.95 75.07
C1 BME G . -4.87 7.38 -18.86
C2 BME G . -6.09 6.47 -19.07
O1 BME G . -4.87 8.01 -17.58
S2 BME G . -6.04 4.97 -18.05
PA FAD H . 1.93 16.43 -18.21
O1A FAD H . 2.89 15.28 -18.14
O2A FAD H . 0.52 16.01 -17.83
O5B FAD H . 2.40 17.60 -17.23
C5B FAD H . 1.53 18.63 -16.89
C4B FAD H . 2.10 19.22 -15.62
O4B FAD H . 1.66 20.55 -15.47
C3B FAD H . 1.63 18.47 -14.39
O3B FAD H . 2.77 18.29 -13.60
C2B FAD H . 0.65 19.42 -13.73
O2B FAD H . 0.64 19.33 -12.32
C1B FAD H . 1.21 20.75 -14.16
N9A FAD H . 0.22 21.82 -14.24
C8A FAD H . -0.94 21.82 -14.95
N7A FAD H . -1.54 23.00 -14.75
C5A FAD H . -0.77 23.75 -13.94
C6A FAD H . -0.89 25.06 -13.43
N6A FAD H . -1.95 25.79 -13.73
N1A FAD H . 0.09 25.56 -12.61
C2A FAD H . 1.18 24.79 -12.30
N3A FAD H . 1.31 23.52 -12.82
C4A FAD H . 0.35 23.02 -13.63
N1 FAD H . 3.59 8.43 -22.99
C2 FAD H . 4.62 7.84 -23.71
O2 FAD H . 5.17 8.48 -24.61
N3 FAD H . 5.04 6.55 -23.43
C4 FAD H . 4.42 5.84 -22.43
O4 FAD H . 4.78 4.68 -22.19
C4X FAD H . 3.37 6.42 -21.71
N5 FAD H . 2.75 5.71 -20.71
C5X FAD H . 1.74 6.28 -19.97
C6 FAD H . 1.11 5.56 -18.96
C7 FAD H . 0.09 6.14 -18.20
C7M FAD H . -0.58 5.37 -17.10
C8 FAD H . -0.29 7.45 -18.49
C8M FAD H . -1.38 8.14 -17.73
C9 FAD H . 0.34 8.15 -19.51
C9A FAD H . 1.35 7.58 -20.25
N10 FAD H . 1.97 8.30 -21.27
C10 FAD H . 2.98 7.72 -21.99
C1' FAD H . 1.41 9.60 -21.76
C2' FAD H . 2.28 10.70 -21.21
O2' FAD H . 2.30 10.56 -19.81
C3' FAD H . 1.82 12.11 -21.59
O3' FAD H . 1.82 12.18 -22.99
C4' FAD H . 2.81 13.15 -21.07
O4' FAD H . 2.79 13.18 -19.65
C5' FAD H . 2.51 14.54 -21.64
O5' FAD H . 3.31 15.49 -20.98
P FAD H . 2.96 17.06 -20.81
O1P FAD H . 4.26 17.71 -20.39
O2P FAD H . 2.40 17.67 -22.06
O3P FAD H . 1.86 17.13 -19.66
C3' NHE I . 4.49 -13.10 -40.97
C2' NHE I . 3.64 -13.57 -39.79
C1' NHE I . 2.25 -14.12 -40.22
C6' NHE I . 2.40 -15.11 -41.41
N NHE I . 1.25 -14.37 -39.21
C1 NHE I . 1.68 -13.79 -37.98
C2 NHE I . 1.65 -14.48 -36.80
S NHE I . 1.61 -13.57 -35.28
O1 NHE I . 2.09 -12.21 -35.56
O2 NHE I . 2.45 -14.24 -34.27
O3 NHE I . 0.22 -13.50 -34.80
C5' NHE I . 3.26 -14.51 -42.53
C4' NHE I . 4.63 -14.16 -42.01
C1 BME J . 37.48 -20.23 -31.38
C2 BME J . 38.02 -20.03 -29.96
O1 BME J . 36.06 -20.31 -31.44
S2 BME J . 38.09 -18.29 -29.45
PA FAD K . 31.43 -20.92 -41.41
O1A FAD K . 30.28 -20.37 -40.61
O2A FAD K . 32.52 -21.46 -40.52
O5B FAD K . 30.92 -22.05 -42.43
C5B FAD K . 31.86 -22.72 -43.24
C4B FAD K . 31.29 -24.09 -43.56
O4B FAD K . 31.91 -24.58 -44.73
C3B FAD K . 31.57 -25.10 -42.45
O3B FAD K . 30.38 -25.72 -42.03
C2B FAD K . 32.50 -26.11 -43.08
O2B FAD K . 32.22 -27.42 -42.65
C1B FAD K . 32.20 -25.96 -44.55
N9A FAD K . 33.35 -26.32 -45.39
C8A FAD K . 34.62 -25.83 -45.29
N7A FAD K . 35.37 -26.40 -46.24
C5A FAD K . 34.59 -27.24 -46.96
C6A FAD K . 34.87 -28.08 -48.04
N6A FAD K . 36.08 -28.14 -48.57
N1A FAD K . 33.84 -28.85 -48.57
C2A FAD K . 32.57 -28.79 -48.04
N3A FAD K . 32.31 -27.96 -46.96
C4A FAD K . 33.32 -27.20 -46.43
N1 FAD K . 29.75 -14.03 -35.40
C2 FAD K . 28.83 -13.01 -35.24
O2 FAD K . 28.62 -12.21 -36.15
N3 FAD K . 28.13 -12.87 -34.08
C4 FAD K . 28.32 -13.75 -33.04
O4 FAD K . 27.65 -13.60 -32.00
C4X FAD K . 29.26 -14.77 -33.18
N5 FAD K . 29.48 -15.67 -32.15
C5X FAD K . 30.40 -16.69 -32.27
C6 FAD K . 30.59 -17.57 -31.22
C7 FAD K . 31.51 -18.61 -31.32
C7M FAD K . 31.70 -19.55 -30.15
C8 FAD K . 32.24 -18.75 -32.49
C8M FAD K . 33.23 -19.87 -32.64
C9 FAD K . 32.04 -17.86 -33.56
C9A FAD K . 31.12 -16.83 -33.44
N10 FAD K . 30.91 -15.94 -34.49
C10 FAD K . 29.98 -14.92 -34.35
C1' FAD K . 31.73 -16.04 -35.72
C2' FAD K . 30.91 -16.73 -36.80
O2' FAD K . 30.56 -18.05 -36.42
C3' FAD K . 31.67 -16.75 -38.12
O3' FAD K . 32.15 -15.44 -38.40
C4' FAD K . 30.75 -17.30 -39.20
O4' FAD K . 30.56 -18.67 -38.95
C5' FAD K . 31.29 -17.18 -40.62
O5' FAD K . 30.55 -18.02 -41.47
P FAD K . 31.17 -18.52 -42.87
O1P FAD K . 30.09 -18.90 -43.83
O2P FAD K . 32.12 -17.50 -43.47
O3P FAD K . 31.99 -19.83 -42.42
C3' NHE L . 29.47 10.88 -17.52
C2' NHE L . 30.58 9.90 -17.17
C1' NHE L . 30.29 8.48 -17.70
C6' NHE L . 29.89 8.54 -19.20
N NHE L . 31.10 7.39 -17.25
C1 NHE L . 30.29 6.23 -17.10
C2 NHE L . 30.85 5.14 -16.48
S NHE L . 30.44 3.50 -17.00
O1 NHE L . 30.45 3.51 -18.47
O2 NHE L . 29.13 3.14 -16.43
O3 NHE L . 31.43 2.56 -16.45
C5' NHE L . 28.82 9.60 -19.49
C4' NHE L . 29.30 10.95 -19.01
C1 BME M . 8.60 -1.97 24.76
C2 BME M . 8.10 -0.57 24.48
O1 BME M . 7.94 -2.45 25.92
S2 BME M . 8.44 0.06 22.81
PA FAD N . 8.99 4.18 36.34
O1A FAD N . 7.79 4.84 35.73
O2A FAD N . 9.99 3.77 35.28
O5B FAD N . 9.64 5.19 37.39
C5B FAD N . 11.04 5.17 37.61
C4B FAD N . 11.45 6.55 38.07
O4B FAD N . 12.60 6.45 38.90
C3B FAD N . 11.86 7.42 36.89
O3B FAD N . 11.28 8.69 37.09
C2B FAD N . 13.39 7.47 36.98
O2B FAD N . 13.88 8.70 36.51
C1B FAD N . 13.60 7.37 38.46
N9A FAD N . 14.88 6.83 38.95
C8A FAD N . 15.45 5.63 38.63
N7A FAD N . 16.59 5.50 39.35
C5A FAD N . 16.73 6.59 40.14
C6A FAD N . 17.71 6.96 41.06
N6A FAD N . 18.72 6.16 41.30
N1A FAD N . 17.60 8.14 41.73
C2A FAD N . 16.52 8.97 41.49
N3A FAD N . 15.56 8.60 40.57
C4A FAD N . 15.67 7.43 39.91
N1 FAD N . 1.54 1.02 31.71
C2 FAD N . 0.16 0.94 31.89
O2 FAD N . -0.33 0.46 32.92
N3 FAD N . -0.69 1.39 30.91
C4 FAD N . -0.20 1.91 29.74
O4 FAD N . -0.99 2.31 28.88
C4X FAD N . 1.17 2.01 29.55
N5 FAD N . 1.66 2.54 28.38
C5X FAD N . 3.02 2.66 28.17
C6 FAD N . 3.49 3.20 26.99
C7 FAD N . 4.86 3.33 26.78
C7M FAD N . 5.38 3.91 25.51
C8 FAD N . 5.76 2.90 27.76
C8M FAD N . 7.25 3.05 27.52
C9 FAD N . 5.27 2.36 28.95
C9A FAD N . 3.90 2.22 29.16
N10 FAD N . 3.41 1.67 30.34
C10 FAD N . 2.05 1.56 30.55
C1' FAD N . 4.34 1.03 31.32
C2' FAD N . 4.48 1.97 32.51
O2' FAD N . 5.06 3.15 32.04
C3' FAD N . 5.40 1.37 33.55
O3' FAD N . 4.94 0.07 33.87
C4' FAD N . 5.40 2.23 34.82
O4' FAD N . 5.81 3.55 34.49
C5' FAD N . 6.34 1.66 35.87
O5' FAD N . 6.22 2.45 37.02
P FAD N . 7.41 2.55 38.10
O1P FAD N . 7.10 3.68 39.05
O2P FAD N . 7.65 1.26 38.81
O3P FAD N . 8.68 2.84 37.17
C3' NHE O . -20.58 -14.55 16.50
C2' NHE O . -19.49 -14.34 15.45
C1' NHE O . -18.31 -13.45 15.94
C6' NHE O . -17.91 -13.74 17.43
N NHE O . -17.28 -13.12 15.01
C1 NHE O . -16.67 -11.89 15.37
C2 NHE O . -15.54 -11.49 14.71
S NHE O . -14.60 -10.11 15.28
O1 NHE O . -15.27 -8.87 14.88
O2 NHE O . -13.25 -10.15 14.67
O3 NHE O . -14.50 -10.20 16.75
C5' NHE O . -19.11 -13.94 18.35
C4' NHE O . -20.02 -15.02 17.81
C1 BME P . -41.28 11.77 26.30
C2 BME P . -41.44 13.28 26.27
O1 BME P . -41.59 11.12 25.08
S2 BME P . -40.10 14.14 25.38
PA FAD Q . -42.65 0.27 24.56
O1A FAD Q . -41.21 0.34 24.10
O2A FAD Q . -43.38 1.59 24.55
O5B FAD Q . -43.40 -0.74 23.60
C5B FAD Q . -44.79 -0.95 23.71
C4B FAD Q . -45.20 -1.64 22.42
O4B FAD Q . -46.50 -2.14 22.57
C3B FAD Q . -45.23 -0.67 21.25
O3B FAD Q . -44.45 -1.17 20.18
C2B FAD Q . -46.71 -0.53 20.90
O2B FAD Q . -46.89 -0.45 19.51
C1B FAD Q . -47.23 -1.85 21.39
N9A FAD Q . -48.66 -1.94 21.73
C8A FAD Q . -49.34 -1.19 22.64
N7A FAD Q . -50.61 -1.64 22.67
C5A FAD Q . -50.74 -2.67 21.81
C6A FAD Q . -51.83 -3.48 21.46
N6A FAD Q . -53.02 -3.29 22.02
N1A FAD Q . -51.64 -4.48 20.52
C2A FAD Q . -50.39 -4.67 19.94
N3A FAD Q . -49.31 -3.86 20.28
C4A FAD Q . -49.50 -2.88 21.21
N1 FAD Q . -34.96 4.24 28.01
C2 FAD Q . -33.68 3.85 28.39
O2 FAD Q . -33.50 2.91 29.16
N3 FAD Q . -32.59 4.52 27.89
C4 FAD Q . -32.74 5.56 27.02
O4 FAD Q . -31.73 6.14 26.60
C4X FAD Q . -34.02 5.96 26.65
N5 FAD Q . -34.18 7.03 25.79
C5X FAD Q . -35.44 7.42 25.40
C6 FAD Q . -35.60 8.49 24.52
C7 FAD Q . -36.87 8.88 24.12
C7M FAD Q . -37.02 10.04 23.17
C8 FAD Q . -37.98 8.20 24.59
C8M FAD Q . -39.35 8.62 24.18
C9 FAD Q . -37.84 7.14 25.48
C9A FAD Q . -36.56 6.74 25.87
N10 FAD Q . -36.40 5.68 26.73
C10 FAD Q . -35.13 5.28 27.13
C1' FAD Q . -37.61 5.06 27.35
C2' FAD Q . -37.85 3.71 26.70
O2' FAD Q . -38.14 3.88 25.33
C3' FAD Q . -38.99 2.98 27.39
O3' FAD Q . -38.77 2.97 28.78
C4' FAD Q . -39.15 1.54 26.88
O4' FAD Q . -39.48 1.54 25.51
C5' FAD Q . -40.22 0.74 27.60
O5' FAD Q . -40.37 -0.43 26.83
P FAD Q . -41.74 -1.29 26.81
O1P FAD Q . -41.39 -2.61 26.16
O2P FAD Q . -42.29 -1.48 28.19
O3P FAD Q . -42.78 -0.39 26.01
C3' NHE R . -14.30 17.07 43.44
C2' NHE R . -14.75 18.16 42.47
C1' NHE R . -15.94 18.99 43.05
C6' NHE R . -15.68 19.43 44.53
N NHE R . -16.63 19.90 42.19
C1 NHE R . -16.55 19.52 40.82
C2 NHE R . -17.07 20.38 39.89
S NHE R . -17.89 19.82 38.43
O1 NHE R . -19.02 20.71 38.11
O2 NHE R . -18.46 18.47 38.71
O3 NHE R . -16.95 19.81 37.30
C5' NHE R . -15.13 18.29 45.41
C4' NHE R . -13.92 17.63 44.78
#